data_7CK8
#
_entry.id   7CK8
#
_cell.length_a   182.910
_cell.length_b   183.272
_cell.length_c   183.183
_cell.angle_alpha   90.000
_cell.angle_beta   90.000
_cell.angle_gamma   90.000
#
_symmetry.space_group_name_H-M   'C 2 2 21'
#
loop_
_entity.id
_entity.type
_entity.pdbx_description
1 polymer 'Ferritin heavy chain'
2 non-polymer 'CHLORIDE ION'
3 non-polymer 'MAGNESIUM ION'
4 non-polymer GLYCEROL
5 non-polymer 'OXYGEN MOLECULE'
6 non-polymer 'FE (III) ION'
7 water water
#
_entity_poly.entity_id   1
_entity_poly.type   'polypeptide(L)'
_entity_poly.pdbx_seq_one_letter_code
;STSQVRQNYHQDSEAAINRQINLELYASYVYLSMSYYFDRDDVALKNFAKYFLHQSHEEREHAEKLMKLQNQRGGRIFLQ
DIKKPDSDDWESGLNAMESALHLEKNVNQSLLELHKLATDKNDPHLSDFIETHYLNEQVKAIKELGDHVTNLRKMGAPES
GLAEYLFDKHTLG
;
_entity_poly.pdbx_strand_id   A,B,C,D,E,F,G,H,I,J,K,L
#
loop_
_chem_comp.id
_chem_comp.type
_chem_comp.name
_chem_comp.formula
CL non-polymer 'CHLORIDE ION' 'Cl -1'
FE non-polymer 'FE (III) ION' 'Fe 3'
GOL non-polymer GLYCEROL 'C3 H8 O3'
MG non-polymer 'MAGNESIUM ION' 'Mg 2'
OXY non-polymer 'OXYGEN MOLECULE' O2
#
# COMPACT_ATOMS: atom_id res chain seq x y z
N SER A 1 -3.21 61.92 13.89
CA SER A 1 -3.68 61.06 14.96
C SER A 1 -3.36 59.58 14.66
N THR A 2 -3.57 58.72 15.64
CA THR A 2 -2.90 57.42 15.65
C THR A 2 -3.65 56.41 14.78
N SER A 3 -2.90 55.65 13.99
CA SER A 3 -3.50 54.53 13.29
C SER A 3 -4.08 53.53 14.27
N GLN A 4 -5.29 53.03 13.95
CA GLN A 4 -5.97 52.05 14.80
C GLN A 4 -5.17 50.75 14.94
N VAL A 5 -4.24 50.46 14.02
CA VAL A 5 -3.47 49.22 14.13
C VAL A 5 -2.15 49.42 14.86
N ARG A 6 -1.71 50.67 15.07
CA ARG A 6 -0.35 50.90 15.57
C ARG A 6 -0.18 50.36 16.98
N GLN A 7 0.89 49.59 17.20
CA GLN A 7 1.18 49.08 18.53
C GLN A 7 2.68 48.82 18.64
N ASN A 8 3.33 49.42 19.66
CA ASN A 8 4.76 49.20 19.93
C ASN A 8 5.64 49.56 18.73
N TYR A 9 5.27 50.61 17.99
CA TYR A 9 5.98 51.00 16.77
C TYR A 9 6.49 52.42 16.96
N HIS A 10 7.78 52.57 17.17
CA HIS A 10 8.30 53.88 17.53
C HIS A 10 8.34 54.80 16.30
N GLN A 11 8.21 56.10 16.51
CA GLN A 11 8.29 57.03 15.38
CA GLN A 11 8.28 56.99 15.36
C GLN A 11 9.66 56.99 14.73
N ASP A 12 10.72 56.71 15.51
CA ASP A 12 12.05 56.61 14.92
C ASP A 12 12.15 55.40 13.99
N SER A 13 11.50 54.30 14.37
CA SER A 13 11.48 53.11 13.52
C SER A 13 10.73 53.37 12.23
N GLU A 14 9.57 54.04 12.33
CA GLU A 14 8.78 54.43 11.17
C GLU A 14 9.62 55.26 10.19
N ALA A 15 10.36 56.24 10.72
CA ALA A 15 11.22 57.07 9.88
C ALA A 15 12.33 56.25 9.24
N ALA A 16 12.94 55.36 10.02
CA ALA A 16 14.04 54.55 9.51
C ALA A 16 13.56 53.60 8.40
N ILE A 17 12.32 53.11 8.51
CA ILE A 17 11.78 52.26 7.45
C ILE A 17 11.56 53.06 6.17
N ASN A 18 11.09 54.31 6.28
CA ASN A 18 11.01 55.15 5.08
C ASN A 18 12.38 55.38 4.44
N ARG A 19 13.43 55.59 5.26
N ARG A 19 13.43 55.58 5.27
CA ARG A 19 14.77 55.73 4.67
CA ARG A 19 14.77 55.73 4.73
C ARG A 19 15.21 54.45 3.98
C ARG A 19 15.23 54.46 4.02
N GLN A 20 14.88 53.29 4.58
CA GLN A 20 15.32 52.03 3.97
C GLN A 20 14.57 51.76 2.66
N ILE A 21 13.28 52.13 2.59
CA ILE A 21 12.55 52.04 1.32
C ILE A 21 13.30 52.78 0.22
N ASN A 22 13.73 54.01 0.51
CA ASN A 22 14.45 54.79 -0.48
C ASN A 22 15.76 54.10 -0.90
N LEU A 23 16.45 53.50 0.07
CA LEU A 23 17.74 52.89 -0.22
C LEU A 23 17.56 51.65 -1.09
N GLU A 24 16.49 50.87 -0.86
CA GLU A 24 16.25 49.69 -1.69
C GLU A 24 15.91 50.09 -3.13
N LEU A 25 15.11 51.16 -3.29
CA LEU A 25 14.82 51.66 -4.62
C LEU A 25 16.09 52.20 -5.30
N TYR A 26 16.94 52.87 -4.52
CA TYR A 26 18.21 53.32 -5.07
C TYR A 26 19.05 52.13 -5.53
N ALA A 27 19.09 51.03 -4.74
CA ALA A 27 19.86 49.88 -5.20
C ALA A 27 19.24 49.30 -6.46
N SER A 28 17.91 49.30 -6.55
CA SER A 28 17.28 48.83 -7.78
C SER A 28 17.75 49.65 -8.98
N TYR A 29 17.88 50.96 -8.79
CA TYR A 29 18.28 51.88 -9.87
C TYR A 29 19.73 51.65 -10.26
N VAL A 30 20.60 51.44 -9.28
CA VAL A 30 22.01 51.15 -9.58
C VAL A 30 22.10 49.92 -10.45
N TYR A 31 21.41 48.85 -10.05
CA TYR A 31 21.52 47.60 -10.82
C TYR A 31 20.88 47.73 -12.19
N LEU A 32 19.81 48.52 -12.31
CA LEU A 32 19.24 48.79 -13.64
C LEU A 32 20.25 49.48 -14.55
N SER A 33 20.93 50.50 -14.05
CA SER A 33 21.98 51.18 -14.78
C SER A 33 23.07 50.21 -15.21
N MET A 34 23.55 49.40 -14.27
CA MET A 34 24.56 48.42 -14.62
C MET A 34 24.08 47.48 -15.71
N SER A 35 22.84 47.02 -15.61
CA SER A 35 22.31 46.06 -16.58
C SER A 35 22.43 46.59 -18.00
N TYR A 36 21.92 47.80 -18.24
CA TYR A 36 21.91 48.32 -19.60
C TYR A 36 23.30 48.79 -20.05
N TYR A 37 24.23 49.04 -19.11
CA TYR A 37 25.61 49.26 -19.53
C TYR A 37 26.15 48.04 -20.27
N PHE A 38 25.83 46.83 -19.78
CA PHE A 38 26.34 45.63 -20.46
C PHE A 38 25.56 45.30 -21.73
N ASP A 39 24.47 45.99 -21.97
CA ASP A 39 23.71 45.92 -23.21
C ASP A 39 24.23 46.87 -24.28
N ARG A 40 25.18 47.75 -23.95
CA ARG A 40 25.77 48.65 -24.97
C ARG A 40 26.48 47.83 -26.06
N ASP A 41 26.41 48.29 -27.31
CA ASP A 41 27.06 47.53 -28.39
C ASP A 41 28.57 47.47 -28.24
N ASP A 42 29.17 48.39 -27.47
CA ASP A 42 30.61 48.38 -27.24
C ASP A 42 31.02 47.71 -25.94
N VAL A 43 30.08 46.99 -25.30
CA VAL A 43 30.36 46.25 -24.07
C VAL A 43 29.90 44.83 -24.36
N ALA A 44 28.58 44.66 -24.56
CA ALA A 44 27.99 43.48 -25.21
C ALA A 44 28.23 42.19 -24.43
N LEU A 45 27.93 42.22 -23.14
CA LEU A 45 28.03 41.03 -22.28
C LEU A 45 26.60 40.75 -21.80
N LYS A 46 25.88 39.90 -22.53
CA LYS A 46 24.44 39.80 -22.29
CA LYS A 46 24.44 39.76 -22.32
C LYS A 46 24.10 39.10 -20.99
N ASN A 47 24.97 38.26 -20.46
CA ASN A 47 24.62 37.61 -19.21
C ASN A 47 24.97 38.47 -18.01
N PHE A 48 25.99 39.33 -18.12
CA PHE A 48 26.11 40.41 -17.14
C PHE A 48 24.85 41.26 -17.14
N ALA A 49 24.35 41.64 -18.32
CA ALA A 49 23.14 42.45 -18.36
C ALA A 49 21.98 41.72 -17.70
N LYS A 50 21.81 40.43 -18.00
CA LYS A 50 20.69 39.69 -17.42
CA LYS A 50 20.70 39.67 -17.41
C LYS A 50 20.84 39.56 -15.90
N TYR A 51 22.05 39.29 -15.43
CA TYR A 51 22.31 39.14 -13.98
C TYR A 51 21.94 40.42 -13.24
N PHE A 52 22.40 41.57 -13.73
CA PHE A 52 22.09 42.79 -13.00
C PHE A 52 20.64 43.18 -13.15
N LEU A 53 19.98 42.84 -14.26
CA LEU A 53 18.56 43.18 -14.34
C LEU A 53 17.78 42.38 -13.33
N HIS A 54 18.16 41.11 -13.16
CA HIS A 54 17.52 40.28 -12.12
C HIS A 54 17.75 40.87 -10.73
N GLN A 55 19.00 41.26 -10.43
CA GLN A 55 19.28 41.92 -9.16
C GLN A 55 18.44 43.17 -8.98
N SER A 56 18.24 43.92 -10.06
CA SER A 56 17.47 45.16 -9.98
C SER A 56 16.02 44.86 -9.58
N HIS A 57 15.42 43.86 -10.21
CA HIS A 57 14.04 43.53 -9.85
C HIS A 57 13.94 42.99 -8.43
N GLU A 58 14.94 42.24 -7.97
N GLU A 58 14.95 42.26 -7.95
CA GLU A 58 14.96 41.80 -6.57
CA GLU A 58 14.89 41.79 -6.57
C GLU A 58 14.89 42.98 -5.63
C GLU A 58 14.96 42.95 -5.58
N GLU A 59 15.67 44.03 -5.91
CA GLU A 59 15.71 45.19 -5.01
C GLU A 59 14.37 45.89 -4.97
N ARG A 60 13.68 45.96 -6.11
CA ARG A 60 12.34 46.53 -6.10
CA ARG A 60 12.32 46.50 -6.13
C ARG A 60 11.40 45.71 -5.21
N GLU A 61 11.51 44.37 -5.25
CA GLU A 61 10.74 43.55 -4.32
CA GLU A 61 10.74 43.55 -4.32
C GLU A 61 11.10 43.85 -2.86
N HIS A 62 12.40 44.08 -2.58
CA HIS A 62 12.81 44.44 -1.22
C HIS A 62 12.10 45.70 -0.77
N ALA A 63 12.08 46.71 -1.63
CA ALA A 63 11.40 47.97 -1.31
C ALA A 63 9.91 47.76 -1.09
N GLU A 64 9.25 47.00 -1.97
CA GLU A 64 7.81 46.84 -1.82
C GLU A 64 7.45 46.13 -0.52
N LYS A 65 8.29 45.20 -0.09
CA LYS A 65 7.99 44.49 1.16
CA LYS A 65 7.96 44.50 1.16
C LYS A 65 8.11 45.42 2.36
N LEU A 66 9.02 46.38 2.29
CA LEU A 66 9.11 47.38 3.35
C LEU A 66 7.94 48.35 3.33
N MET A 67 7.44 48.68 2.13
CA MET A 67 6.25 49.50 2.06
C MET A 67 5.07 48.76 2.69
N LYS A 68 4.94 47.47 2.38
N LYS A 68 4.95 47.46 2.40
CA LYS A 68 3.89 46.67 3.03
CA LYS A 68 3.90 46.65 3.02
C LYS A 68 4.07 46.67 4.54
C LYS A 68 4.07 46.63 4.53
N LEU A 69 5.31 46.49 5.02
CA LEU A 69 5.55 46.47 6.46
C LEU A 69 5.12 47.78 7.10
N GLN A 70 5.48 48.90 6.48
CA GLN A 70 5.10 50.22 7.03
C GLN A 70 3.60 50.28 7.26
N ASN A 71 2.82 49.87 6.27
CA ASN A 71 1.37 49.90 6.45
C ASN A 71 0.88 48.83 7.43
N GLN A 72 1.54 47.66 7.45
CA GLN A 72 1.14 46.63 8.42
C GLN A 72 1.23 47.17 9.84
N ARG A 73 2.24 47.97 10.11
CA ARG A 73 2.48 48.45 11.47
C ARG A 73 1.76 49.76 11.77
N GLY A 74 1.08 50.33 10.78
CA GLY A 74 0.36 51.57 11.01
C GLY A 74 1.18 52.83 10.80
N GLY A 75 2.42 52.69 10.31
CA GLY A 75 3.21 53.84 9.94
C GLY A 75 2.75 54.38 8.61
N ARG A 76 3.34 55.49 8.18
CA ARG A 76 2.90 56.14 6.95
C ARG A 76 4.07 56.30 6.02
N ILE A 77 3.88 55.86 4.78
CA ILE A 77 4.95 55.90 3.78
C ILE A 77 5.14 57.33 3.30
N PHE A 78 6.38 57.81 3.35
CA PHE A 78 6.77 59.07 2.73
C PHE A 78 7.93 58.77 1.79
N LEU A 79 7.68 58.87 0.49
CA LEU A 79 8.71 58.59 -0.50
C LEU A 79 9.55 59.84 -0.76
N GLN A 80 10.78 59.61 -1.18
CA GLN A 80 11.70 60.67 -1.55
C GLN A 80 12.26 60.39 -2.94
N ASP A 81 12.87 61.41 -3.55
CA ASP A 81 13.54 61.21 -4.84
C ASP A 81 14.46 59.98 -4.79
N ILE A 82 14.49 59.23 -5.90
CA ILE A 82 15.48 58.16 -6.04
C ILE A 82 16.68 58.75 -6.77
N LYS A 83 17.83 58.85 -6.09
N LYS A 83 17.81 58.88 -6.08
CA LYS A 83 18.99 59.47 -6.69
CA LYS A 83 18.99 59.47 -6.69
C LYS A 83 19.57 58.60 -7.80
C LYS A 83 19.47 58.60 -7.85
N LYS A 84 20.05 59.25 -8.86
CA LYS A 84 20.67 58.49 -9.93
C LYS A 84 21.95 57.83 -9.40
N PRO A 85 22.39 56.74 -10.03
CA PRO A 85 23.63 56.10 -9.56
C PRO A 85 24.84 57.00 -9.75
N ASP A 86 25.91 56.67 -9.03
CA ASP A 86 27.11 57.51 -9.01
CA ASP A 86 27.11 57.50 -9.00
C ASP A 86 27.94 57.41 -10.28
N SER A 87 27.72 56.38 -11.10
CA SER A 87 28.42 56.24 -12.39
C SER A 87 27.41 56.10 -13.51
N ASP A 88 27.79 56.60 -14.68
CA ASP A 88 27.06 56.33 -15.92
C ASP A 88 27.71 55.21 -16.71
N ASP A 89 29.05 55.15 -16.66
CA ASP A 89 29.87 54.17 -17.35
C ASP A 89 30.50 53.27 -16.29
N TRP A 90 30.15 51.98 -16.30
CA TRP A 90 30.62 51.09 -15.24
C TRP A 90 31.94 50.41 -15.57
N GLU A 91 32.54 50.75 -16.73
CA GLU A 91 33.94 50.46 -17.06
CA GLU A 91 33.92 50.47 -17.11
C GLU A 91 34.21 49.01 -17.46
N SER A 92 33.74 48.05 -16.66
CA SER A 92 34.07 46.64 -16.94
C SER A 92 33.16 45.75 -16.10
N GLY A 93 33.17 44.46 -16.47
CA GLY A 93 32.44 43.48 -15.66
C GLY A 93 32.97 43.42 -14.23
N LEU A 94 34.31 43.44 -14.09
CA LEU A 94 34.91 43.42 -12.75
C LEU A 94 34.52 44.66 -11.96
N ASN A 95 34.61 45.84 -12.58
CA ASN A 95 34.31 47.05 -11.83
C ASN A 95 32.84 47.09 -11.42
N ALA A 96 31.95 46.59 -12.28
CA ALA A 96 30.54 46.57 -11.88
C ALA A 96 30.33 45.63 -10.71
N MET A 97 30.98 44.46 -10.73
CA MET A 97 30.83 43.52 -9.61
C MET A 97 31.40 44.11 -8.33
N GLU A 98 32.54 44.80 -8.41
CA GLU A 98 33.11 45.43 -7.21
C GLU A 98 32.18 46.51 -6.70
N SER A 99 31.58 47.28 -7.63
CA SER A 99 30.66 48.34 -7.23
C SER A 99 29.41 47.77 -6.59
N ALA A 100 28.92 46.64 -7.11
CA ALA A 100 27.75 45.99 -6.52
C ALA A 100 28.08 45.46 -5.14
N LEU A 101 29.28 44.89 -4.96
CA LEU A 101 29.70 44.44 -3.62
C LEU A 101 29.69 45.59 -2.62
N HIS A 102 30.27 46.74 -3.02
CA HIS A 102 30.28 47.92 -2.15
C HIS A 102 28.86 48.37 -1.82
N LEU A 103 27.97 48.36 -2.82
CA LEU A 103 26.57 48.74 -2.60
C LEU A 103 25.91 47.78 -1.61
N GLU A 104 26.09 46.48 -1.80
CA GLU A 104 25.40 45.54 -0.91
C GLU A 104 25.92 45.63 0.52
N LYS A 105 27.21 45.91 0.71
N LYS A 105 27.21 45.88 0.71
CA LYS A 105 27.69 46.11 2.07
CA LYS A 105 27.69 46.03 2.08
C LYS A 105 27.11 47.39 2.66
C LYS A 105 27.21 47.34 2.69
N ASN A 106 26.97 48.43 1.85
N ASN A 106 26.97 48.35 1.84
CA ASN A 106 26.36 49.66 2.36
CA ASN A 106 26.38 49.59 2.34
C ASN A 106 24.92 49.43 2.76
C ASN A 106 24.94 49.39 2.76
N VAL A 107 24.16 48.67 1.95
CA VAL A 107 22.78 48.36 2.30
C VAL A 107 22.73 47.52 3.58
N ASN A 108 23.65 46.55 3.68
CA ASN A 108 23.72 45.72 4.87
C ASN A 108 23.98 46.56 6.12
N GLN A 109 24.91 47.50 6.05
CA GLN A 109 25.16 48.37 7.20
CA GLN A 109 25.16 48.37 7.20
C GLN A 109 23.89 49.13 7.60
N SER A 110 23.14 49.63 6.62
CA SER A 110 21.88 50.31 6.94
C SER A 110 20.89 49.36 7.63
N LEU A 111 20.79 48.11 7.15
CA LEU A 111 19.89 47.15 7.78
C LEU A 111 20.32 46.81 9.20
N LEU A 112 21.64 46.71 9.43
CA LEU A 112 22.14 46.45 10.79
C LEU A 112 21.82 47.62 11.72
N GLU A 113 21.93 48.85 11.22
CA GLU A 113 21.58 50.00 12.05
C GLU A 113 20.09 50.00 12.34
N LEU A 114 19.30 49.58 11.35
CA LEU A 114 17.86 49.50 11.56
CA LEU A 114 17.85 49.48 11.55
C LEU A 114 17.53 48.43 12.60
N HIS A 115 18.24 47.31 12.56
CA HIS A 115 18.03 46.26 13.55
C HIS A 115 18.41 46.76 14.95
N LYS A 116 19.52 47.48 15.05
N LYS A 116 19.52 47.48 15.07
CA LYS A 116 19.94 48.06 16.33
CA LYS A 116 19.90 48.03 16.36
C LYS A 116 18.88 49.00 16.88
C LYS A 116 18.83 48.97 16.89
N LEU A 117 18.26 49.80 16.01
CA LEU A 117 17.19 50.68 16.44
C LEU A 117 15.97 49.88 16.92
N ALA A 118 15.57 48.87 16.15
CA ALA A 118 14.46 48.03 16.55
C ALA A 118 14.71 47.36 17.90
N THR A 119 15.94 46.87 18.10
CA THR A 119 16.36 46.33 19.40
C THR A 119 16.29 47.39 20.50
N ASP A 120 16.81 48.58 20.23
CA ASP A 120 16.83 49.65 21.23
CA ASP A 120 16.82 49.63 21.25
C ASP A 120 15.41 50.03 21.66
N LYS A 121 14.47 50.01 20.72
CA LYS A 121 13.08 50.36 20.98
C LYS A 121 12.24 49.14 21.40
N ASN A 122 12.88 48.01 21.67
CA ASN A 122 12.20 46.78 22.09
C ASN A 122 11.02 46.46 21.17
N ASP A 123 11.34 46.38 19.87
CA ASP A 123 10.36 46.03 18.84
C ASP A 123 10.75 44.68 18.25
N PRO A 124 10.35 43.56 18.87
CA PRO A 124 10.78 42.26 18.36
C PRO A 124 10.09 41.88 17.07
N HIS A 125 8.91 42.42 16.79
CA HIS A 125 8.34 42.13 15.48
C HIS A 125 9.21 42.72 14.38
N LEU A 126 9.66 43.95 14.57
CA LEU A 126 10.48 44.58 13.55
C LEU A 126 11.86 43.89 13.45
N SER A 127 12.49 43.58 14.60
CA SER A 127 13.80 42.94 14.53
CA SER A 127 13.78 42.91 14.58
C SER A 127 13.68 41.57 13.86
N ASP A 128 12.64 40.81 14.18
CA ASP A 128 12.43 39.53 13.49
C ASP A 128 12.19 39.74 11.99
N PHE A 129 11.42 40.77 11.63
CA PHE A 129 11.17 41.06 10.22
C PHE A 129 12.48 41.29 9.48
N ILE A 130 13.36 42.10 10.05
CA ILE A 130 14.65 42.41 9.42
CA ILE A 130 14.63 42.40 9.40
C ILE A 130 15.49 41.14 9.31
N GLU A 131 15.60 40.39 10.41
CA GLU A 131 16.38 39.16 10.41
C GLU A 131 15.87 38.19 9.37
N THR A 132 14.54 38.01 9.33
CA THR A 132 13.94 36.97 8.51
C THR A 132 14.07 37.28 7.02
N HIS A 133 13.79 38.52 6.63
CA HIS A 133 13.64 38.81 5.21
C HIS A 133 14.82 39.56 4.62
N TYR A 134 15.75 40.07 5.45
CA TYR A 134 16.79 40.92 4.88
C TYR A 134 18.20 40.49 5.25
N LEU A 135 18.44 40.06 6.48
CA LEU A 135 19.85 39.94 6.88
C LEU A 135 20.55 38.78 6.18
N ASN A 136 19.92 37.61 6.08
CA ASN A 136 20.62 36.53 5.41
C ASN A 136 20.64 36.74 3.90
N GLU A 137 19.60 37.38 3.35
CA GLU A 137 19.65 37.75 1.94
CA GLU A 137 19.64 37.76 1.95
C GLU A 137 20.88 38.60 1.65
N GLN A 138 21.19 39.56 2.54
CA GLN A 138 22.38 40.39 2.33
C GLN A 138 23.65 39.55 2.42
N VAL A 139 23.74 38.68 3.42
CA VAL A 139 24.95 37.86 3.56
C VAL A 139 25.16 37.01 2.32
N LYS A 140 24.10 36.38 1.80
CA LYS A 140 24.26 35.58 0.59
C LYS A 140 24.67 36.43 -0.60
N ALA A 141 24.08 37.61 -0.74
CA ALA A 141 24.40 38.46 -1.90
C ALA A 141 25.84 38.94 -1.85
N ILE A 142 26.31 39.31 -0.66
CA ILE A 142 27.69 39.75 -0.50
C ILE A 142 28.66 38.61 -0.78
N LYS A 143 28.34 37.41 -0.29
CA LYS A 143 29.20 36.27 -0.55
C LYS A 143 29.29 35.96 -2.03
N GLU A 144 28.15 36.00 -2.72
CA GLU A 144 28.12 35.71 -4.16
C GLU A 144 28.92 36.73 -4.94
N LEU A 145 28.76 38.01 -4.61
CA LEU A 145 29.53 39.03 -5.29
C LEU A 145 31.02 38.88 -5.00
N GLY A 146 31.37 38.55 -3.76
CA GLY A 146 32.78 38.32 -3.48
C GLY A 146 33.31 37.19 -4.33
N ASP A 147 32.57 36.08 -4.41
CA ASP A 147 33.00 34.97 -5.26
C ASP A 147 33.22 35.45 -6.69
N HIS A 148 32.26 36.23 -7.22
CA HIS A 148 32.37 36.69 -8.60
C HIS A 148 33.59 37.58 -8.80
N VAL A 149 33.83 38.51 -7.87
CA VAL A 149 35.00 39.37 -7.97
C VAL A 149 36.27 38.53 -7.98
N THR A 150 36.36 37.59 -7.05
CA THR A 150 37.53 36.71 -6.99
C THR A 150 37.79 36.02 -8.33
N ASN A 151 36.76 35.40 -8.91
CA ASN A 151 36.97 34.66 -10.16
C ASN A 151 37.40 35.59 -11.27
N LEU A 152 36.75 36.76 -11.38
CA LEU A 152 37.14 37.70 -12.42
C LEU A 152 38.59 38.14 -12.25
N ARG A 153 39.01 38.43 -11.02
N ARG A 153 39.00 38.45 -11.01
CA ARG A 153 40.40 38.81 -10.79
CA ARG A 153 40.40 38.79 -10.78
C ARG A 153 41.36 37.68 -11.15
C ARG A 153 41.33 37.67 -11.19
N LYS A 154 41.04 36.45 -10.73
CA LYS A 154 41.93 35.32 -11.03
C LYS A 154 42.03 35.05 -12.53
N MET A 155 40.93 35.25 -13.26
CA MET A 155 40.92 35.02 -14.70
C MET A 155 41.67 36.09 -15.49
N GLY A 156 41.97 37.24 -14.87
CA GLY A 156 42.70 38.30 -15.53
C GLY A 156 41.90 39.54 -15.91
N ALA A 157 40.66 39.66 -15.45
CA ALA A 157 39.89 40.88 -15.70
C ALA A 157 40.50 42.04 -14.93
N PRO A 158 40.29 43.29 -15.39
CA PRO A 158 39.45 43.67 -16.53
C PRO A 158 40.23 43.74 -17.84
N GLU A 159 41.56 43.58 -17.74
CA GLU A 159 42.39 43.74 -18.93
C GLU A 159 42.11 42.67 -19.96
N SER A 160 41.89 41.43 -19.51
CA SER A 160 41.50 40.33 -20.38
C SER A 160 40.03 40.47 -20.75
N GLY A 161 39.78 40.88 -21.99
CA GLY A 161 38.42 40.84 -22.51
C GLY A 161 37.91 39.41 -22.64
N LEU A 162 38.80 38.45 -22.96
CA LEU A 162 38.49 37.01 -22.93
C LEU A 162 38.00 36.54 -21.56
N ALA A 163 38.66 36.98 -20.46
CA ALA A 163 38.20 36.58 -19.14
C ALA A 163 36.76 37.00 -18.90
N GLU A 164 36.41 38.27 -19.17
CA GLU A 164 35.04 38.69 -18.94
C GLU A 164 34.08 37.97 -19.87
N TYR A 165 34.49 37.70 -21.11
CA TYR A 165 33.63 36.97 -22.02
C TYR A 165 33.33 35.57 -21.50
N LEU A 166 34.36 34.86 -21.05
CA LEU A 166 34.18 33.49 -20.59
C LEU A 166 33.41 33.42 -19.27
N PHE A 167 33.67 34.37 -18.36
CA PHE A 167 32.88 34.45 -17.13
C PHE A 167 31.41 34.68 -17.43
N ASP A 168 31.13 35.62 -18.35
CA ASP A 168 29.76 35.85 -18.82
C ASP A 168 29.09 34.54 -19.26
N LYS A 169 29.82 33.71 -19.99
CA LYS A 169 29.24 32.47 -20.50
CA LYS A 169 29.26 32.47 -20.50
C LYS A 169 29.12 31.41 -19.42
N HIS A 170 30.18 31.20 -18.63
CA HIS A 170 30.23 30.02 -17.77
C HIS A 170 29.67 30.23 -16.38
N THR A 171 29.79 31.44 -15.83
CA THR A 171 29.25 31.66 -14.48
C THR A 171 27.90 32.33 -14.51
N LEU A 172 27.71 33.32 -15.36
CA LEU A 172 26.43 34.01 -15.39
C LEU A 172 25.46 33.43 -16.40
N GLY A 173 25.92 32.49 -17.22
CA GLY A 173 25.15 32.02 -18.35
C GLY A 173 24.22 30.88 -17.94
N THR B 2 41.99 41.48 5.35
CA THR B 2 40.61 41.22 5.74
C THR B 2 39.83 40.65 4.54
N SER B 3 38.94 39.70 4.80
CA SER B 3 38.11 39.17 3.73
C SER B 3 37.22 40.27 3.15
N GLN B 4 37.12 40.31 1.83
CA GLN B 4 36.29 41.32 1.15
C GLN B 4 34.82 41.23 1.54
N VAL B 5 34.35 40.08 2.05
CA VAL B 5 32.94 39.95 2.43
C VAL B 5 32.69 40.25 3.90
N ARG B 6 33.74 40.32 4.72
CA ARG B 6 33.53 40.38 6.16
C ARG B 6 32.85 41.69 6.55
N GLN B 7 31.81 41.58 7.38
CA GLN B 7 31.13 42.76 7.89
C GLN B 7 30.45 42.40 9.21
N ASN B 8 30.75 43.17 10.27
CA ASN B 8 30.11 43.01 11.58
C ASN B 8 30.31 41.59 12.15
N TYR B 9 31.48 41.00 11.92
CA TYR B 9 31.77 39.63 12.30
C TYR B 9 32.98 39.65 13.24
N HIS B 10 32.73 39.45 14.53
CA HIS B 10 33.81 39.62 15.49
C HIS B 10 34.74 38.43 15.43
N GLN B 11 36.01 38.67 15.75
N GLN B 11 36.02 38.66 15.76
CA GLN B 11 36.97 37.56 15.79
CA GLN B 11 36.94 37.53 15.75
C GLN B 11 36.59 36.52 16.83
C GLN B 11 36.59 36.51 16.83
N ASP B 12 35.94 36.94 17.92
CA ASP B 12 35.53 35.97 18.94
C ASP B 12 34.44 35.05 18.40
N SER B 13 33.55 35.61 17.59
CA SER B 13 32.48 34.81 16.97
C SER B 13 33.06 33.81 15.99
N GLU B 14 33.99 34.27 15.16
CA GLU B 14 34.67 33.39 14.22
C GLU B 14 35.31 32.21 14.95
N ALA B 15 36.00 32.47 16.07
CA ALA B 15 36.64 31.39 16.82
C ALA B 15 35.58 30.46 17.43
N ALA B 16 34.50 31.04 17.94
CA ALA B 16 33.46 30.23 18.56
C ALA B 16 32.80 29.31 17.54
N ILE B 17 32.65 29.79 16.30
CA ILE B 17 32.08 28.98 15.23
C ILE B 17 33.01 27.81 14.90
N ASN B 18 34.33 28.04 14.86
CA ASN B 18 35.24 26.91 14.68
C ASN B 18 35.11 25.89 15.82
N ARG B 19 34.97 26.37 17.06
CA ARG B 19 34.76 25.40 18.16
C ARG B 19 33.47 24.62 17.97
N GLN B 20 32.40 25.30 17.53
CA GLN B 20 31.12 24.60 17.36
C GLN B 20 31.20 23.57 16.22
N ILE B 21 31.93 23.88 15.13
CA ILE B 21 32.15 22.89 14.08
C ILE B 21 32.73 21.61 14.66
N ASN B 22 33.75 21.75 15.52
CA ASN B 22 34.37 20.56 16.10
C ASN B 22 33.40 19.79 16.95
N LEU B 23 32.56 20.49 17.71
CA LEU B 23 31.63 19.83 18.61
C LEU B 23 30.55 19.07 17.83
N GLU B 24 30.11 19.64 16.71
CA GLU B 24 29.12 18.91 15.89
C GLU B 24 29.72 17.65 15.28
N LEU B 25 30.97 17.72 14.80
CA LEU B 25 31.67 16.55 14.31
C LEU B 25 31.86 15.52 15.43
N TYR B 26 32.20 15.97 16.62
CA TYR B 26 32.30 15.06 17.75
C TYR B 26 30.95 14.39 18.02
N ALA B 27 29.85 15.13 17.94
CA ALA B 27 28.54 14.51 18.16
C ALA B 27 28.27 13.49 17.07
N SER B 28 28.66 13.78 15.84
CA SER B 28 28.48 12.79 14.78
C SER B 28 29.25 11.51 15.10
N TYR B 29 30.45 11.66 15.66
CA TYR B 29 31.29 10.49 15.99
C TYR B 29 30.68 9.66 17.12
N VAL B 30 30.15 10.32 18.16
CA VAL B 30 29.49 9.61 19.26
C VAL B 30 28.34 8.77 18.72
N TYR B 31 27.48 9.38 17.90
CA TYR B 31 26.35 8.64 17.38
C TYR B 31 26.78 7.52 16.44
N LEU B 32 27.85 7.71 15.66
CA LEU B 32 28.39 6.64 14.82
C LEU B 32 28.84 5.43 15.67
N SER B 33 29.56 5.73 16.75
CA SER B 33 29.97 4.69 17.69
C SER B 33 28.78 3.97 18.28
N MET B 34 27.80 4.73 18.76
CA MET B 34 26.59 4.10 19.29
C MET B 34 25.91 3.20 18.26
N SER B 35 25.84 3.67 17.00
CA SER B 35 25.16 2.91 15.95
C SER B 35 25.75 1.51 15.83
N TYR B 36 27.06 1.42 15.66
CA TYR B 36 27.68 0.12 15.39
C TYR B 36 27.79 -0.73 16.66
N TYR B 37 27.66 -0.12 17.84
CA TYR B 37 27.51 -0.93 19.05
C TYR B 37 26.26 -1.80 18.96
N PHE B 38 25.14 -1.22 18.47
CA PHE B 38 23.91 -2.01 18.39
C PHE B 38 23.93 -2.98 17.22
N ASP B 39 24.93 -2.87 16.35
CA ASP B 39 25.17 -3.82 15.28
C ASP B 39 26.04 -5.00 15.70
N ARG B 40 26.57 -4.99 16.94
CA ARG B 40 27.34 -6.15 17.41
C ARG B 40 26.44 -7.40 17.50
N ASP B 41 27.01 -8.56 17.23
CA ASP B 41 26.19 -9.78 17.26
C ASP B 41 25.69 -10.10 18.67
N ASP B 42 26.34 -9.57 19.72
CA ASP B 42 25.90 -9.79 21.10
C ASP B 42 25.05 -8.67 21.64
N VAL B 43 24.59 -7.76 20.77
CA VAL B 43 23.69 -6.67 21.14
C VAL B 43 22.48 -6.78 20.23
N ALA B 44 22.70 -6.58 18.92
CA ALA B 44 21.79 -7.03 17.85
C ALA B 44 20.41 -6.34 17.93
N LEU B 45 20.42 -5.01 18.03
CA LEU B 45 19.19 -4.20 18.01
C LEU B 45 19.28 -3.31 16.77
N LYS B 46 18.73 -3.79 15.65
N LYS B 46 18.74 -3.79 15.64
CA LYS B 46 18.99 -3.15 14.37
CA LYS B 46 18.99 -3.13 14.36
C LYS B 46 18.33 -1.79 14.22
C LYS B 46 18.37 -1.75 14.27
N ASN B 47 17.25 -1.51 14.96
CA ASN B 47 16.62 -0.21 14.81
C ASN B 47 17.24 0.82 15.72
N PHE B 48 17.80 0.39 16.87
CA PHE B 48 18.72 1.28 17.58
C PHE B 48 19.89 1.66 16.68
N ALA B 49 20.48 0.67 16.01
CA ALA B 49 21.59 0.98 15.12
C ALA B 49 21.17 1.97 14.03
N LYS B 50 20.01 1.75 13.40
N LYS B 50 20.02 1.73 13.40
CA LYS B 50 19.60 2.68 12.35
CA LYS B 50 19.54 2.64 12.36
C LYS B 50 19.29 4.06 12.89
C LYS B 50 19.30 4.05 12.91
N TYR B 51 18.67 4.13 14.07
CA TYR B 51 18.33 5.43 14.67
C TYR B 51 19.58 6.25 14.93
N PHE B 52 20.59 5.64 15.57
CA PHE B 52 21.78 6.42 15.87
C PHE B 52 22.58 6.71 14.60
N LEU B 53 22.51 5.86 13.57
CA LEU B 53 23.24 6.21 12.36
C LEU B 53 22.63 7.43 11.70
N HIS B 54 21.29 7.49 11.68
CA HIS B 54 20.61 8.67 11.17
C HIS B 54 21.01 9.91 11.97
N GLN B 55 20.99 9.81 13.31
CA GLN B 55 21.42 10.95 14.13
C GLN B 55 22.85 11.37 13.79
N SER B 56 23.73 10.39 13.56
CA SER B 56 25.12 10.69 13.22
C SER B 56 25.21 11.51 11.95
N HIS B 57 24.48 11.08 10.91
CA HIS B 57 24.51 11.83 9.66
C HIS B 57 23.92 13.23 9.82
N GLU B 58 22.89 13.38 10.67
N GLU B 58 22.90 13.40 10.67
CA GLU B 58 22.35 14.71 10.92
CA GLU B 58 22.34 14.73 10.85
C GLU B 58 23.40 15.62 11.49
C GLU B 58 23.30 15.65 11.60
N GLU B 59 24.18 15.12 12.45
CA GLU B 59 25.21 15.97 13.09
C GLU B 59 26.26 16.39 12.08
N ARG B 60 26.62 15.50 11.14
CA ARG B 60 27.54 15.93 10.10
CA ARG B 60 27.53 15.91 10.06
C ARG B 60 26.95 17.08 9.26
N GLU B 61 25.64 17.02 8.97
CA GLU B 61 25.02 18.16 8.28
CA GLU B 61 25.00 18.16 8.30
C GLU B 61 25.09 19.44 9.12
N HIS B 62 24.90 19.32 10.45
CA HIS B 62 25.02 20.49 11.34
C HIS B 62 26.40 21.11 11.21
N ALA B 63 27.43 20.27 11.20
CA ALA B 63 28.80 20.75 11.06
C ALA B 63 29.02 21.44 9.72
N GLU B 64 28.56 20.81 8.65
CA GLU B 64 28.79 21.37 7.31
C GLU B 64 28.10 22.71 7.15
N LYS B 65 26.92 22.90 7.76
N LYS B 65 26.93 22.91 7.76
CA LYS B 65 26.25 24.19 7.65
CA LYS B 65 26.25 24.18 7.64
C LYS B 65 27.01 25.27 8.39
C LYS B 65 26.99 25.28 8.40
N LEU B 66 27.66 24.92 9.50
CA LEU B 66 28.51 25.89 10.18
C LEU B 66 29.76 26.22 9.39
N MET B 67 30.34 25.24 8.70
CA MET B 67 31.46 25.54 7.82
C MET B 67 31.04 26.49 6.71
N LYS B 68 29.85 26.26 6.13
CA LYS B 68 29.33 27.18 5.12
CA LYS B 68 29.33 27.18 5.12
C LYS B 68 29.14 28.57 5.71
N LEU B 69 28.61 28.65 6.93
CA LEU B 69 28.40 29.95 7.57
C LEU B 69 29.72 30.68 7.74
N GLN B 70 30.75 29.98 8.25
CA GLN B 70 32.06 30.60 8.44
C GLN B 70 32.53 31.28 7.16
N ASN B 71 32.42 30.57 6.03
CA ASN B 71 32.84 31.16 4.77
C ASN B 71 31.89 32.28 4.32
N GLN B 72 30.59 32.11 4.55
CA GLN B 72 29.65 33.17 4.17
C GLN B 72 30.01 34.49 4.83
N ARG B 73 30.46 34.43 6.08
CA ARG B 73 30.74 35.65 6.82
C ARG B 73 32.18 36.13 6.65
N GLY B 74 33.00 35.39 5.90
CA GLY B 74 34.37 35.78 5.66
C GLY B 74 35.35 35.34 6.72
N GLY B 75 34.93 34.51 7.67
CA GLY B 75 35.85 33.91 8.62
C GLY B 75 36.56 32.75 7.98
N ARG B 76 37.51 32.17 8.71
CA ARG B 76 38.36 31.13 8.15
C ARG B 76 38.25 29.90 9.03
N ILE B 77 37.95 28.77 8.37
CA ILE B 77 37.78 27.49 9.05
C ILE B 77 39.14 26.96 9.50
N PHE B 78 39.24 26.62 10.78
CA PHE B 78 40.40 25.91 11.32
C PHE B 78 39.86 24.68 12.02
N LEU B 79 40.15 23.52 11.46
CA LEU B 79 39.68 22.26 12.00
C LEU B 79 40.65 21.74 13.06
N GLN B 80 40.10 20.96 13.99
CA GLN B 80 40.88 20.31 15.03
C GLN B 80 40.56 18.83 15.04
N ASP B 81 41.39 18.05 15.75
CA ASP B 81 41.12 16.61 15.91
C ASP B 81 39.69 16.40 16.36
N ILE B 82 39.05 15.35 15.85
CA ILE B 82 37.77 14.92 16.39
C ILE B 82 38.07 13.86 17.46
N LYS B 83 37.78 14.18 18.72
N LYS B 83 37.79 14.20 18.73
CA LYS B 83 38.08 13.25 19.79
CA LYS B 83 38.05 13.26 19.80
C LYS B 83 37.18 12.03 19.70
C LYS B 83 37.19 12.01 19.64
N LYS B 84 37.74 10.86 20.02
CA LYS B 84 36.93 9.65 20.07
C LYS B 84 35.89 9.77 21.20
N PRO B 85 34.78 9.05 21.10
CA PRO B 85 33.76 9.10 22.17
C PRO B 85 34.30 8.55 23.50
N ASP B 86 33.61 8.92 24.58
N ASP B 86 33.61 8.92 24.58
CA ASP B 86 34.08 8.59 25.93
CA ASP B 86 34.09 8.59 25.92
C ASP B 86 33.84 7.14 26.30
C ASP B 86 33.87 7.12 26.28
N SER B 87 33.01 6.42 25.56
CA SER B 87 32.79 4.98 25.77
C SER B 87 33.03 4.21 24.49
N ASP B 88 33.49 2.97 24.65
CA ASP B 88 33.55 2.02 23.54
C ASP B 88 32.37 1.08 23.57
N ASP B 89 31.91 0.73 24.77
CA ASP B 89 30.80 -0.18 25.03
C ASP B 89 29.67 0.65 25.63
N TRP B 90 28.55 0.74 24.92
CA TRP B 90 27.47 1.60 25.40
C TRP B 90 26.47 0.89 26.31
N GLU B 91 26.72 -0.39 26.63
CA GLU B 91 26.07 -1.11 27.73
CA GLU B 91 26.08 -1.17 27.70
C GLU B 91 24.64 -1.58 27.42
N SER B 92 23.80 -0.68 26.92
CA SER B 92 22.39 -1.01 26.70
C SER B 92 21.73 0.07 25.86
N GLY B 93 20.53 -0.26 25.38
CA GLY B 93 19.73 0.75 24.69
C GLY B 93 19.42 1.94 25.57
N LEU B 94 19.04 1.68 26.82
CA LEU B 94 18.73 2.78 27.75
C LEU B 94 19.97 3.65 28.01
N ASN B 95 21.12 3.02 28.25
CA ASN B 95 22.29 3.81 28.56
C ASN B 95 22.70 4.65 27.36
N ALA B 96 22.55 4.11 26.15
CA ALA B 96 22.90 4.90 24.97
C ALA B 96 21.96 6.10 24.84
N MET B 97 20.66 5.88 25.08
CA MET B 97 19.72 6.98 25.01
C MET B 97 20.02 8.04 26.06
N GLU B 98 20.36 7.61 27.29
CA GLU B 98 20.70 8.59 28.32
C GLU B 98 21.97 9.32 27.96
N SER B 99 22.94 8.61 27.38
CA SER B 99 24.18 9.26 26.96
C SER B 99 23.93 10.24 25.85
N ALA B 100 23.03 9.91 24.92
CA ALA B 100 22.71 10.85 23.85
C ALA B 100 21.97 12.07 24.39
N LEU B 101 21.09 11.87 25.39
CA LEU B 101 20.43 13.02 26.00
C LEU B 101 21.44 13.96 26.61
N HIS B 102 22.41 13.41 27.35
CA HIS B 102 23.45 14.22 27.97
C HIS B 102 24.26 14.99 26.91
N LEU B 103 24.60 14.29 25.81
CA LEU B 103 25.33 14.92 24.70
C LEU B 103 24.53 16.08 24.11
N GLU B 104 23.26 15.86 23.83
CA GLU B 104 22.48 16.92 23.20
C GLU B 104 22.30 18.12 24.13
N LYS B 105 22.15 17.90 25.43
N LYS B 105 22.19 17.89 25.43
CA LYS B 105 22.10 19.05 26.32
CA LYS B 105 22.11 19.02 26.34
C LYS B 105 23.45 19.78 26.35
C LYS B 105 23.44 19.75 26.47
N ASN B 106 24.56 19.04 26.29
CA ASN B 106 25.86 19.70 26.25
C ASN B 106 25.99 20.54 24.98
N VAL B 107 25.57 20.00 23.84
CA VAL B 107 25.63 20.75 22.58
C VAL B 107 24.73 21.97 22.67
N ASN B 108 23.54 21.81 23.25
CA ASN B 108 22.63 22.94 23.42
C ASN B 108 23.26 24.05 24.27
N GLN B 109 23.93 23.67 25.35
N GLN B 109 23.94 23.68 25.35
CA GLN B 109 24.58 24.69 26.17
CA GLN B 109 24.59 24.69 26.18
C GLN B 109 25.63 25.46 25.38
C GLN B 109 25.64 25.47 25.38
N SER B 110 26.41 24.76 24.55
CA SER B 110 27.40 25.45 23.70
C SER B 110 26.72 26.39 22.71
N LEU B 111 25.59 25.97 22.13
CA LEU B 111 24.88 26.85 21.20
C LEU B 111 24.31 28.07 21.92
N LEU B 112 23.83 27.90 23.16
CA LEU B 112 23.32 29.03 23.92
C LEU B 112 24.43 30.02 24.26
N GLU B 113 25.62 29.51 24.58
CA GLU B 113 26.77 30.39 24.81
C GLU B 113 27.16 31.13 23.54
N LEU B 114 27.10 30.43 22.40
CA LEU B 114 27.38 31.07 21.12
CA LEU B 114 27.37 31.06 21.11
C LEU B 114 26.36 32.17 20.82
N HIS B 115 25.08 31.91 21.12
CA HIS B 115 24.06 32.93 20.92
C HIS B 115 24.30 34.14 21.81
N LYS B 116 24.66 33.90 23.08
N LYS B 116 24.64 33.90 23.08
CA LYS B 116 24.99 34.98 23.99
CA LYS B 116 24.99 35.01 23.97
C LYS B 116 26.17 35.82 23.45
C LYS B 116 26.14 35.83 23.42
N LEU B 117 27.17 35.16 22.88
CA LEU B 117 28.28 35.89 22.28
C LEU B 117 27.82 36.73 21.10
N ALA B 118 27.03 36.14 20.20
CA ALA B 118 26.51 36.89 19.05
C ALA B 118 25.70 38.11 19.50
N THR B 119 24.86 37.92 20.51
CA THR B 119 24.10 39.03 21.09
C THR B 119 25.01 40.09 21.68
N ASP B 120 26.01 39.67 22.45
N ASP B 120 26.03 39.67 22.43
CA ASP B 120 26.94 40.63 23.05
CA ASP B 120 26.95 40.61 23.05
C ASP B 120 27.72 41.42 22.00
C ASP B 120 27.70 41.42 21.99
N LYS B 121 28.01 40.81 20.86
CA LYS B 121 28.73 41.49 19.77
C LYS B 121 27.79 42.13 18.76
N ASN B 122 26.49 42.21 19.08
CA ASN B 122 25.48 42.83 18.24
C ASN B 122 25.57 42.30 16.82
N ASP B 123 25.51 40.97 16.71
CA ASP B 123 25.59 40.29 15.41
C ASP B 123 24.24 39.61 15.19
N PRO B 124 23.23 40.34 14.71
CA PRO B 124 21.90 39.72 14.57
C PRO B 124 21.84 38.70 13.45
N HIS B 125 22.71 38.81 12.44
CA HIS B 125 22.69 37.73 11.46
C HIS B 125 23.10 36.42 12.09
N LEU B 126 24.14 36.46 12.92
CA LEU B 126 24.58 35.21 13.55
C LEU B 126 23.56 34.73 14.58
N SER B 127 22.99 35.63 15.39
CA SER B 127 22.02 35.15 16.37
CA SER B 127 21.99 35.21 16.37
C SER B 127 20.79 34.58 15.68
N ASP B 128 20.33 35.20 14.59
CA ASP B 128 19.23 34.62 13.82
C ASP B 128 19.61 33.27 13.22
N PHE B 129 20.86 33.14 12.74
CA PHE B 129 21.31 31.86 12.20
C PHE B 129 21.21 30.76 13.24
N ILE B 130 21.70 31.03 14.45
CA ILE B 130 21.68 30.03 15.49
C ILE B 130 20.24 29.68 15.87
N GLU B 131 19.40 30.71 16.06
CA GLU B 131 18.00 30.45 16.40
C GLU B 131 17.31 29.64 15.33
N THR B 132 17.51 30.03 14.07
CA THR B 132 16.76 29.43 12.96
C THR B 132 17.14 27.98 12.74
N HIS B 133 18.44 27.67 12.76
CA HIS B 133 18.87 26.37 12.29
C HIS B 133 19.28 25.43 13.41
N TYR B 134 19.48 25.94 14.64
CA TYR B 134 20.03 25.09 15.68
C TYR B 134 19.19 25.00 16.93
N LEU B 135 18.60 26.11 17.41
CA LEU B 135 18.05 26.06 18.77
C LEU B 135 16.81 25.18 18.87
N ASN B 136 15.87 25.30 17.92
CA ASN B 136 14.68 24.45 18.05
C ASN B 136 15.01 23.02 17.67
N GLU B 137 15.96 22.81 16.75
CA GLU B 137 16.42 21.45 16.50
CA GLU B 137 16.43 21.45 16.50
C GLU B 137 16.92 20.79 17.79
N GLN B 138 17.67 21.53 18.61
CA GLN B 138 18.14 20.96 19.87
C GLN B 138 16.98 20.69 20.82
N VAL B 139 16.03 21.62 20.91
CA VAL B 139 14.90 21.38 21.82
C VAL B 139 14.12 20.14 21.39
N LYS B 140 13.90 19.98 20.08
CA LYS B 140 13.18 18.78 19.63
C LYS B 140 13.98 17.51 19.90
N ALA B 141 15.29 17.53 19.66
CA ALA B 141 16.11 16.34 19.87
C ALA B 141 16.13 15.94 21.35
N ILE B 142 16.21 16.93 22.24
CA ILE B 142 16.24 16.63 23.67
C ILE B 142 14.89 16.09 24.13
N LYS B 143 13.79 16.68 23.64
CA LYS B 143 12.48 16.18 24.01
C LYS B 143 12.30 14.73 23.55
N GLU B 144 12.71 14.42 22.32
CA GLU B 144 12.58 13.07 21.80
C GLU B 144 13.41 12.07 22.60
N LEU B 145 14.66 12.43 22.94
CA LEU B 145 15.48 11.53 23.74
C LEU B 145 14.89 11.37 25.14
N GLY B 146 14.38 12.47 25.73
CA GLY B 146 13.71 12.31 27.01
C GLY B 146 12.54 11.34 26.93
N ASP B 147 11.69 11.50 25.89
CA ASP B 147 10.59 10.53 25.70
C ASP B 147 11.10 9.09 25.64
N HIS B 148 12.15 8.88 24.86
CA HIS B 148 12.68 7.52 24.68
C HIS B 148 13.20 6.94 26.00
N VAL B 149 13.96 7.75 26.76
CA VAL B 149 14.45 7.31 28.06
C VAL B 149 13.29 6.94 28.95
N THR B 150 12.28 7.81 29.00
CA THR B 150 11.11 7.53 29.84
C THR B 150 10.47 6.18 29.49
N ASN B 151 10.22 5.94 28.20
CA ASN B 151 9.58 4.70 27.80
C ASN B 151 10.44 3.49 28.14
N LEU B 152 11.74 3.57 27.86
CA LEU B 152 12.61 2.44 28.18
C LEU B 152 12.60 2.15 29.69
N ARG B 153 12.67 3.19 30.52
N ARG B 153 12.69 3.20 30.51
CA ARG B 153 12.62 2.99 31.97
CA ARG B 153 12.59 3.03 31.95
C ARG B 153 11.28 2.38 32.38
C ARG B 153 11.28 2.35 32.34
N LYS B 154 10.16 2.90 31.87
CA LYS B 154 8.85 2.36 32.26
C LYS B 154 8.70 0.91 31.81
N MET B 155 9.29 0.54 30.69
CA MET B 155 9.17 -0.83 30.18
C MET B 155 10.03 -1.81 30.96
N GLY B 156 10.97 -1.34 31.79
CA GLY B 156 11.86 -2.20 32.55
C GLY B 156 13.30 -2.33 32.07
N ALA B 157 13.73 -1.53 31.10
CA ALA B 157 15.13 -1.55 30.68
C ALA B 157 16.03 -0.99 31.79
N PRO B 158 17.32 -1.37 31.81
CA PRO B 158 18.02 -2.23 30.85
C PRO B 158 17.95 -3.70 31.19
N GLU B 159 17.39 -4.00 32.36
CA GLU B 159 17.45 -5.37 32.86
C GLU B 159 16.58 -6.28 32.01
N SER B 160 15.43 -5.80 31.58
CA SER B 160 14.55 -6.53 30.66
C SER B 160 15.09 -6.40 29.24
N GLY B 161 15.66 -7.49 28.73
CA GLY B 161 16.07 -7.51 27.34
C GLY B 161 14.89 -7.52 26.40
N LEU B 162 13.76 -8.12 26.84
CA LEU B 162 12.45 -7.99 26.16
C LEU B 162 12.01 -6.53 25.99
N ALA B 163 12.17 -5.70 27.03
CA ALA B 163 11.81 -4.28 26.88
C ALA B 163 12.59 -3.62 25.75
N GLU B 164 13.93 -3.78 25.74
CA GLU B 164 14.69 -3.13 24.68
C GLU B 164 14.34 -3.71 23.32
N TYR B 165 14.10 -5.03 23.24
CA TYR B 165 13.71 -5.64 21.98
C TYR B 165 12.40 -5.05 21.46
N LEU B 166 11.41 -4.92 22.34
CA LEU B 166 10.09 -4.44 21.90
C LEU B 166 10.14 -2.94 21.56
N PHE B 167 10.91 -2.15 22.33
CA PHE B 167 11.10 -0.74 21.99
C PHE B 167 11.79 -0.59 20.63
N ASP B 168 12.84 -1.39 20.39
CA ASP B 168 13.48 -1.40 19.08
C ASP B 168 12.45 -1.62 17.95
N LYS B 169 11.50 -2.54 18.14
CA LYS B 169 10.52 -2.83 17.09
CA LYS B 169 10.52 -2.83 17.09
C LYS B 169 9.46 -1.74 17.00
N HIS B 170 8.90 -1.33 18.12
CA HIS B 170 7.68 -0.52 18.07
C HIS B 170 7.93 0.98 18.03
N THR B 171 8.99 1.47 18.67
CA THR B 171 9.25 2.91 18.61
C THR B 171 10.29 3.26 17.57
N LEU B 172 11.36 2.50 17.45
CA LEU B 172 12.40 2.87 16.48
C LEU B 172 12.19 2.22 15.12
N GLY B 173 11.21 1.33 15.00
CA GLY B 173 11.07 0.49 13.83
C GLY B 173 10.29 1.17 12.72
N THR C 2 13.27 17.95 38.96
N THR C 2 13.36 17.99 38.91
CA THR C 2 13.43 18.67 37.71
CA THR C 2 13.50 18.75 37.66
C THR C 2 13.08 17.75 36.52
C THR C 2 13.30 17.84 36.44
N SER C 3 12.58 18.34 35.43
CA SER C 3 12.40 17.57 34.21
C SER C 3 13.74 17.26 33.57
N GLN C 4 13.91 16.03 33.09
CA GLN C 4 15.16 15.65 32.46
C GLN C 4 15.46 16.44 31.19
N VAL C 5 14.46 17.09 30.58
CA VAL C 5 14.72 17.88 29.37
C VAL C 5 14.96 19.35 29.66
N ARG C 6 14.65 19.82 30.87
CA ARG C 6 14.65 21.25 31.13
C ARG C 6 16.07 21.82 31.03
N GLN C 7 16.20 22.91 30.28
CA GLN C 7 17.48 23.59 30.17
C GLN C 7 17.23 25.06 29.81
N ASN C 8 17.79 25.97 30.62
CA ASN C 8 17.69 27.43 30.35
C ASN C 8 16.24 27.92 30.30
N TYR C 9 15.35 27.34 31.11
CA TYR C 9 13.92 27.66 31.07
C TYR C 9 13.51 28.17 32.45
N HIS C 10 13.28 29.48 32.53
CA HIS C 10 13.08 30.07 33.84
C HIS C 10 11.68 29.74 34.35
N GLN C 11 11.54 29.63 35.66
N GLN C 11 11.53 29.65 35.66
CA GLN C 11 10.21 29.40 36.24
CA GLN C 11 10.20 29.38 36.20
C GLN C 11 9.24 30.51 35.87
C GLN C 11 9.23 30.52 35.89
N ASP C 12 9.72 31.75 35.73
CA ASP C 12 8.80 32.84 35.36
C ASP C 12 8.29 32.65 33.94
N SER C 13 9.16 32.17 33.03
CA SER C 13 8.75 31.91 31.66
C SER C 13 7.69 30.81 31.61
N GLU C 14 7.94 29.72 32.34
CA GLU C 14 6.97 28.63 32.45
C GLU C 14 5.60 29.15 32.90
N ALA C 15 5.57 30.00 33.92
CA ALA C 15 4.29 30.56 34.39
C ALA C 15 3.66 31.45 33.33
N ALA C 16 4.47 32.28 32.67
CA ALA C 16 3.94 33.18 31.66
C ALA C 16 3.33 32.39 30.50
N ILE C 17 3.94 31.25 30.15
CA ILE C 17 3.40 30.41 29.07
C ILE C 17 2.06 29.82 29.49
N ASN C 18 1.92 29.38 30.76
CA ASN C 18 0.59 28.95 31.21
C ASN C 18 -0.44 30.08 31.13
N ARG C 19 -0.05 31.31 31.46
N ARG C 19 -0.04 31.30 31.48
CA ARG C 19 -1.01 32.40 31.33
CA ARG C 19 -0.95 32.44 31.34
C ARG C 19 -1.37 32.63 29.87
C ARG C 19 -1.35 32.65 29.88
N GLN C 20 -0.39 32.51 28.96
CA GLN C 20 -0.68 32.75 27.55
C GLN C 20 -1.58 31.64 26.98
N ILE C 21 -1.40 30.39 27.43
CA ILE C 21 -2.33 29.32 27.03
C ILE C 21 -3.75 29.72 27.36
N ASN C 22 -3.98 30.24 28.57
CA ASN C 22 -5.34 30.61 28.97
C ASN C 22 -5.87 31.71 28.08
N LEU C 23 -5.03 32.69 27.75
CA LEU C 23 -5.48 33.83 26.96
C LEU C 23 -5.84 33.40 25.54
N GLU C 24 -5.07 32.48 24.95
CA GLU C 24 -5.40 32.01 23.60
C GLU C 24 -6.73 31.25 23.59
N LEU C 25 -6.99 30.44 24.62
CA LEU C 25 -8.28 29.75 24.74
C LEU C 25 -9.41 30.77 24.95
N TYR C 26 -9.15 31.79 25.76
CA TYR C 26 -10.14 32.84 25.92
C TYR C 26 -10.44 33.51 24.57
N ALA C 27 -9.40 33.78 23.76
CA ALA C 27 -9.67 34.39 22.47
C ALA C 27 -10.48 33.45 21.59
N SER C 28 -10.21 32.16 21.68
CA SER C 28 -10.99 31.20 20.90
C SER C 28 -12.47 31.27 21.31
N TYR C 29 -12.72 31.45 22.61
CA TYR C 29 -14.09 31.50 23.12
C TYR C 29 -14.80 32.77 22.67
N VAL C 30 -14.08 33.91 22.67
CA VAL C 30 -14.67 35.17 22.20
C VAL C 30 -15.12 35.02 20.75
N TYR C 31 -14.23 34.46 19.92
CA TYR C 31 -14.57 34.35 18.52
C TYR C 31 -15.68 33.32 18.28
N LEU C 32 -15.74 32.26 19.09
CA LEU C 32 -16.86 31.32 19.01
C LEU C 32 -18.19 31.99 19.31
N SER C 33 -18.21 32.80 20.36
CA SER C 33 -19.40 33.57 20.72
C SER C 33 -19.80 34.50 19.59
N MET C 34 -18.82 35.25 19.05
CA MET C 34 -19.13 36.12 17.92
C MET C 34 -19.69 35.34 16.76
N SER C 35 -19.12 34.18 16.46
CA SER C 35 -19.57 33.40 15.29
C SER C 35 -21.05 33.10 15.39
N TYR C 36 -21.50 32.55 16.52
CA TYR C 36 -22.88 32.12 16.60
C TYR C 36 -23.84 33.30 16.81
N TYR C 37 -23.32 34.47 17.24
CA TYR C 37 -24.17 35.66 17.20
C TYR C 37 -24.62 35.95 15.77
N PHE C 38 -23.71 35.82 14.80
CA PHE C 38 -24.11 36.14 13.42
C PHE C 38 -24.95 35.02 12.79
N ASP C 39 -25.06 33.89 13.47
CA ASP C 39 -25.95 32.79 13.09
C ASP C 39 -27.37 32.95 13.66
N ARG C 40 -27.61 33.96 14.52
CA ARG C 40 -28.98 34.18 15.01
C ARG C 40 -29.91 34.55 13.85
N ASP C 41 -31.16 34.10 13.93
CA ASP C 41 -32.12 34.42 12.85
C ASP C 41 -32.40 35.91 12.72
N ASP C 42 -32.15 36.70 13.77
CA ASP C 42 -32.35 38.15 13.70
C ASP C 42 -31.06 38.93 13.43
N VAL C 43 -30.01 38.23 13.00
CA VAL C 43 -28.74 38.86 12.63
C VAL C 43 -28.42 38.36 11.23
N ALA C 44 -28.17 37.05 11.11
CA ALA C 44 -28.26 36.30 9.84
C ALA C 44 -27.21 36.76 8.82
N LEU C 45 -25.97 36.85 9.26
CA LEU C 45 -24.86 37.21 8.36
C LEU C 45 -23.92 35.99 8.35
N LYS C 46 -24.13 35.09 7.39
N LYS C 46 -24.13 35.09 7.40
CA LYS C 46 -23.46 33.79 7.44
CA LYS C 46 -23.46 33.79 7.47
C LYS C 46 -21.96 33.87 7.27
C LYS C 46 -21.97 33.84 7.22
N ASN C 47 -21.48 34.84 6.49
CA ASN C 47 -20.04 34.90 6.27
C ASN C 47 -19.31 35.59 7.41
N PHE C 48 -19.97 36.51 8.12
CA PHE C 48 -19.44 36.92 9.43
C PHE C 48 -19.34 35.70 10.35
N ALA C 49 -20.40 34.89 10.38
CA ALA C 49 -20.35 33.70 11.25
C ALA C 49 -19.20 32.77 10.86
N LYS C 50 -19.04 32.53 9.55
CA LYS C 50 -17.95 31.65 9.13
CA LYS C 50 -17.94 31.67 9.09
C LYS C 50 -16.57 32.25 9.42
N TYR C 51 -16.40 33.56 9.19
CA TYR C 51 -15.12 34.22 9.45
C TYR C 51 -14.71 34.08 10.91
N PHE C 52 -15.63 34.36 11.83
CA PHE C 52 -15.24 34.29 13.25
C PHE C 52 -15.08 32.86 13.70
N LEU C 53 -15.80 31.90 13.10
CA LEU C 53 -15.58 30.52 13.51
C LEU C 53 -14.20 30.06 13.12
N HIS C 54 -13.77 30.44 11.91
CA HIS C 54 -12.40 30.14 11.49
C HIS C 54 -11.39 30.78 12.43
N GLN C 55 -11.60 32.05 12.79
CA GLN C 55 -10.71 32.71 13.74
C GLN C 55 -10.68 31.96 15.07
N SER C 56 -11.85 31.45 15.50
CA SER C 56 -11.91 30.73 16.77
C SER C 56 -11.05 29.48 16.72
N HIS C 57 -11.15 28.71 15.62
CA HIS C 57 -10.34 27.50 15.53
C HIS C 57 -8.85 27.83 15.45
N GLU C 58 -8.50 28.95 14.82
N GLU C 58 -8.49 28.96 14.85
CA GLU C 58 -7.09 29.36 14.78
CA GLU C 58 -7.08 29.32 14.77
C GLU C 58 -6.56 29.57 16.18
C GLU C 58 -6.51 29.69 16.14
N GLU C 59 -7.34 30.26 17.03
CA GLU C 59 -6.88 30.55 18.39
C GLU C 59 -6.72 29.26 19.18
N ARG C 60 -7.58 28.27 18.95
N ARG C 60 -7.57 28.26 18.94
CA ARG C 60 -7.35 26.99 19.60
CA ARG C 60 -7.37 26.95 19.58
C ARG C 60 -6.03 26.36 19.16
C ARG C 60 -6.03 26.36 19.16
N GLU C 61 -5.67 26.47 17.87
CA GLU C 61 -4.36 26.02 17.42
CA GLU C 61 -4.36 26.00 17.43
C GLU C 61 -3.22 26.77 18.10
N HIS C 62 -3.39 28.10 18.29
CA HIS C 62 -2.38 28.90 19.00
C HIS C 62 -2.16 28.34 20.39
N ALA C 63 -3.27 28.04 21.09
CA ALA C 63 -3.18 27.49 22.45
C ALA C 63 -2.48 26.14 22.45
N GLU C 64 -2.88 25.23 21.55
CA GLU C 64 -2.27 23.90 21.56
C GLU C 64 -0.77 23.95 21.28
N LYS C 65 -0.32 24.90 20.45
N LYS C 65 -0.32 24.89 20.45
CA LYS C 65 1.09 24.99 20.15
CA LYS C 65 1.12 24.95 20.16
C LYS C 65 1.89 25.44 21.37
C LYS C 65 1.89 25.45 21.37
N LEU C 66 1.29 26.31 22.18
CA LEU C 66 1.94 26.71 23.44
C LEU C 66 1.94 25.57 24.44
N MET C 67 0.89 24.74 24.46
CA MET C 67 0.92 23.57 25.33
C MET C 67 2.03 22.62 24.90
N LYS C 68 2.20 22.42 23.59
N LYS C 68 2.21 22.43 23.60
CA LYS C 68 3.33 21.61 23.12
CA LYS C 68 3.32 21.62 23.11
C LYS C 68 4.66 22.23 23.53
C LYS C 68 4.65 22.23 23.49
N LEU C 69 4.79 23.55 23.39
CA LEU C 69 6.03 24.22 23.78
C LEU C 69 6.33 23.98 25.26
N GLN C 70 5.33 24.14 26.13
CA GLN C 70 5.53 23.93 27.56
C GLN C 70 6.14 22.55 27.81
N ASN C 71 5.59 21.51 27.18
CA ASN C 71 6.15 20.18 27.38
C ASN C 71 7.52 20.01 26.71
N GLN C 72 7.73 20.67 25.56
CA GLN C 72 9.02 20.57 24.89
C GLN C 72 10.14 21.07 25.80
N ARG C 73 9.86 22.12 26.55
CA ARG C 73 10.88 22.73 27.40
C ARG C 73 10.95 22.13 28.80
N GLY C 74 10.08 21.19 29.14
CA GLY C 74 10.10 20.57 30.44
C GLY C 74 9.27 21.28 31.48
N GLY C 75 8.52 22.32 31.09
CA GLY C 75 7.61 22.94 32.02
C GLY C 75 6.35 22.10 32.15
N ARG C 76 5.48 22.51 33.07
CA ARG C 76 4.28 21.73 33.36
C ARG C 76 3.05 22.59 33.14
N ILE C 77 2.12 22.07 32.34
CA ILE C 77 0.89 22.78 32.03
C ILE C 77 -0.03 22.81 33.24
N PHE C 78 -0.51 23.99 33.61
CA PHE C 78 -1.57 24.17 34.59
C PHE C 78 -2.64 25.01 33.92
N LEU C 79 -3.77 24.40 33.66
CA LEU C 79 -4.89 25.07 33.03
C LEU C 79 -5.73 25.78 34.08
N GLN C 80 -6.40 26.85 33.64
CA GLN C 80 -7.33 27.60 34.48
C GLN C 80 -8.67 27.72 33.77
N ASP C 81 -9.69 28.19 34.51
CA ASP C 81 -11.00 28.41 33.90
C ASP C 81 -10.85 29.28 32.66
N ILE C 82 -11.64 28.99 31.61
CA ILE C 82 -11.73 29.89 30.47
C ILE C 82 -12.92 30.82 30.72
N LYS C 83 -12.64 32.11 30.93
N LYS C 83 -12.63 32.12 30.89
CA LYS C 83 -13.72 33.04 31.23
CA LYS C 83 -13.67 33.10 31.20
C LYS C 83 -14.63 33.18 30.03
C LYS C 83 -14.60 33.31 30.01
N LYS C 84 -15.90 33.42 30.29
CA LYS C 84 -16.83 33.72 29.21
C LYS C 84 -16.51 35.09 28.62
N PRO C 85 -16.87 35.33 27.37
CA PRO C 85 -16.65 36.66 26.77
C PRO C 85 -17.43 37.75 27.49
N ASP C 86 -16.96 38.99 27.32
N ASP C 86 -16.97 38.99 27.27
CA ASP C 86 -17.54 40.12 28.04
CA ASP C 86 -17.47 40.17 27.94
C ASP C 86 -18.91 40.53 27.50
C ASP C 86 -18.85 40.60 27.45
N SER C 87 -19.26 40.12 26.28
CA SER C 87 -20.59 40.40 25.73
C SER C 87 -21.28 39.11 25.35
N ASP C 88 -22.61 39.12 25.44
CA ASP C 88 -23.44 38.06 24.88
C ASP C 88 -23.99 38.44 23.52
N ASP C 89 -24.26 39.74 23.33
CA ASP C 89 -24.87 40.33 22.15
C ASP C 89 -23.80 41.25 21.55
N TRP C 90 -23.33 40.92 20.36
CA TRP C 90 -22.24 41.69 19.77
C TRP C 90 -22.73 42.87 18.92
N GLU C 91 -24.06 43.10 18.87
CA GLU C 91 -24.70 44.31 18.36
CA GLU C 91 -24.65 44.34 18.36
C GLU C 91 -24.65 44.48 16.85
N SER C 92 -23.49 44.24 16.22
CA SER C 92 -23.40 44.48 14.77
C SER C 92 -22.13 43.88 14.23
N GLY C 93 -22.05 43.78 12.90
CA GLY C 93 -20.80 43.35 12.27
C GLY C 93 -19.64 44.29 12.61
N LEU C 94 -19.90 45.60 12.55
CA LEU C 94 -18.86 46.57 12.87
C LEU C 94 -18.41 46.43 14.31
N ASN C 95 -19.35 46.32 15.24
CA ASN C 95 -18.94 46.27 16.64
C ASN C 95 -18.17 44.97 16.92
N ALA C 96 -18.55 43.88 16.27
CA ALA C 96 -17.78 42.66 16.47
C ALA C 96 -16.37 42.80 15.93
N MET C 97 -16.22 43.44 14.75
CA MET C 97 -14.88 43.63 14.19
C MET C 97 -14.03 44.52 15.07
N GLU C 98 -14.64 45.62 15.60
CA GLU C 98 -13.88 46.49 16.51
C GLU C 98 -13.52 45.74 17.79
N SER C 99 -14.42 44.89 18.28
CA SER C 99 -14.13 44.11 19.48
C SER C 99 -13.03 43.11 19.22
N ALA C 100 -13.02 42.51 18.03
CA ALA C 100 -11.95 41.57 17.71
C ALA C 100 -10.61 42.30 17.57
N LEU C 101 -10.62 43.52 17.00
CA LEU C 101 -9.39 44.31 16.93
C LEU C 101 -8.84 44.60 18.33
N HIS C 102 -9.71 45.03 19.23
CA HIS C 102 -9.28 45.27 20.61
C HIS C 102 -8.70 44.00 21.24
N LEU C 103 -9.37 42.85 21.03
CA LEU C 103 -8.88 41.58 21.55
C LEU C 103 -7.51 41.23 20.99
N GLU C 104 -7.35 41.38 19.68
CA GLU C 104 -6.05 41.00 19.11
C GLU C 104 -4.93 41.91 19.57
N LYS C 105 -5.20 43.20 19.77
N LYS C 105 -5.20 43.20 19.78
CA LYS C 105 -4.13 44.05 20.30
CA LYS C 105 -4.17 44.06 20.34
C LYS C 105 -3.82 43.73 21.74
C LYS C 105 -3.85 43.65 21.77
N ASN C 106 -4.83 43.32 22.52
N ASN C 106 -4.87 43.29 22.54
CA ASN C 106 -4.56 42.85 23.88
CA ASN C 106 -4.65 42.81 23.90
C ASN C 106 -3.69 41.60 23.87
C ASN C 106 -3.76 41.57 23.91
N VAL C 107 -4.00 40.64 23.00
CA VAL C 107 -3.21 39.41 22.94
C VAL C 107 -1.79 39.75 22.50
N ASN C 108 -1.67 40.64 21.52
CA ASN C 108 -0.34 41.09 21.08
C ASN C 108 0.46 41.70 22.24
N GLN C 109 -0.19 42.55 23.04
N GLN C 109 -0.19 42.54 23.05
CA GLN C 109 0.52 43.13 24.18
CA GLN C 109 0.53 43.13 24.19
C GLN C 109 1.02 42.05 25.14
C GLN C 109 1.02 42.05 25.14
N SER C 110 0.21 41.03 25.38
CA SER C 110 0.64 39.90 26.20
C SER C 110 1.86 39.19 25.59
N LEU C 111 1.83 38.96 24.26
CA LEU C 111 2.96 38.28 23.63
C LEU C 111 4.22 39.13 23.67
N LEU C 112 4.09 40.46 23.55
CA LEU C 112 5.25 41.34 23.65
C LEU C 112 5.85 41.30 25.06
N GLU C 113 4.98 41.24 26.07
CA GLU C 113 5.47 41.13 27.45
C GLU C 113 6.17 39.79 27.65
N LEU C 114 5.62 38.73 27.06
CA LEU C 114 6.28 37.43 27.13
CA LEU C 114 6.27 37.42 27.11
C LEU C 114 7.63 37.47 26.43
N HIS C 115 7.71 38.12 25.28
CA HIS C 115 8.99 38.23 24.60
C HIS C 115 10.00 39.00 25.46
N LYS C 116 9.55 40.09 26.09
N LYS C 116 9.54 40.10 26.09
CA LYS C 116 10.42 40.85 26.97
CA LYS C 116 10.43 40.85 26.97
C LYS C 116 10.96 39.97 28.09
C LYS C 116 10.95 39.98 28.11
N LEU C 117 10.09 39.13 28.66
CA LEU C 117 10.53 38.23 29.73
C LEU C 117 11.56 37.23 29.19
N ALA C 118 11.29 36.64 28.03
CA ALA C 118 12.23 35.69 27.45
C ALA C 118 13.58 36.35 27.20
N THR C 119 13.56 37.58 26.70
CA THR C 119 14.79 38.35 26.51
C THR C 119 15.49 38.60 27.84
N ASP C 120 14.72 39.03 28.86
N ASP C 120 14.72 39.03 28.86
CA ASP C 120 15.31 39.34 30.16
CA ASP C 120 15.33 39.34 30.15
C ASP C 120 15.96 38.11 30.79
C ASP C 120 15.99 38.11 30.76
N LYS C 121 15.42 36.93 30.54
CA LYS C 121 15.96 35.68 31.06
C LYS C 121 16.94 35.02 30.11
N ASN C 122 17.34 35.70 29.03
CA ASN C 122 18.29 35.17 28.06
C ASN C 122 17.86 33.79 27.58
N ASP C 123 16.61 33.72 27.10
CA ASP C 123 16.05 32.47 26.58
C ASP C 123 15.80 32.66 25.09
N PRO C 124 16.82 32.50 24.23
CA PRO C 124 16.62 32.77 22.80
C PRO C 124 15.77 31.72 22.12
N HIS C 125 15.68 30.50 22.65
CA HIS C 125 14.75 29.57 22.03
C HIS C 125 13.31 30.07 22.20
N LEU C 126 12.99 30.55 23.40
CA LEU C 126 11.64 31.05 23.63
C LEU C 126 11.39 32.34 22.85
N SER C 127 12.34 33.28 22.84
CA SER C 127 12.10 34.51 22.09
CA SER C 127 12.16 34.52 22.07
C SER C 127 11.94 34.21 20.60
N ASP C 128 12.74 33.28 20.06
CA ASP C 128 12.57 32.89 18.66
C ASP C 128 11.21 32.22 18.43
N PHE C 129 10.79 31.39 19.38
CA PHE C 129 9.47 30.74 19.25
C PHE C 129 8.37 31.79 19.15
N ILE C 130 8.41 32.81 20.01
CA ILE C 130 7.36 33.81 20.00
C ILE C 130 7.38 34.61 18.70
N GLU C 131 8.58 35.02 18.28
CA GLU C 131 8.75 35.78 17.05
C GLU C 131 8.26 34.98 15.85
N THR C 132 8.63 33.70 15.81
CA THR C 132 8.37 32.88 14.62
C THR C 132 6.90 32.56 14.48
N HIS C 133 6.25 32.17 15.58
CA HIS C 133 4.91 31.61 15.45
C HIS C 133 3.82 32.56 15.90
N TYR C 134 4.16 33.68 16.56
CA TYR C 134 3.10 34.50 17.12
C TYR C 134 3.15 35.96 16.69
N LEU C 135 4.32 36.58 16.61
CA LEU C 135 4.32 38.04 16.50
C LEU C 135 3.84 38.52 15.12
N ASN C 136 4.29 37.90 14.04
CA ASN C 136 3.81 38.39 12.74
C ASN C 136 2.37 37.94 12.52
N GLU C 137 1.96 36.80 13.06
N GLU C 137 1.97 36.78 13.04
N GLU C 137 1.99 36.78 13.03
CA GLU C 137 0.56 36.41 12.95
CA GLU C 137 0.57 36.41 12.99
CA GLU C 137 0.59 36.39 13.01
C GLU C 137 -0.35 37.41 13.67
C GLU C 137 -0.32 37.48 13.62
C GLU C 137 -0.30 37.47 13.62
N GLN C 138 0.13 38.04 14.75
CA GLN C 138 -0.66 39.10 15.38
C GLN C 138 -0.68 40.35 14.53
N VAL C 139 0.46 40.74 13.97
CA VAL C 139 0.48 41.94 13.11
C VAL C 139 -0.45 41.77 11.92
N LYS C 140 -0.43 40.60 11.28
CA LYS C 140 -1.33 40.39 10.14
C LYS C 140 -2.79 40.43 10.56
N ALA C 141 -3.11 39.82 11.70
CA ALA C 141 -4.50 39.78 12.17
C ALA C 141 -5.02 41.17 12.50
N ILE C 142 -4.19 41.98 13.17
CA ILE C 142 -4.59 43.34 13.51
C ILE C 142 -4.77 44.18 12.24
N LYS C 143 -3.85 44.02 11.29
CA LYS C 143 -3.97 44.78 10.05
C LYS C 143 -5.26 44.42 9.31
N GLU C 144 -5.58 43.13 9.22
CA GLU C 144 -6.80 42.69 8.54
C GLU C 144 -8.05 43.22 9.23
N LEU C 145 -8.09 43.15 10.56
CA LEU C 145 -9.23 43.68 11.29
C LEU C 145 -9.33 45.18 11.11
N GLY C 146 -8.20 45.87 11.12
CA GLY C 146 -8.27 47.30 10.88
C GLY C 146 -8.86 47.60 9.50
N ASP C 147 -8.37 46.87 8.49
CA ASP C 147 -8.95 47.00 7.14
C ASP C 147 -10.46 46.78 7.16
N HIS C 148 -10.91 45.73 7.84
CA HIS C 148 -12.34 45.42 7.86
C HIS C 148 -13.13 46.53 8.54
N VAL C 149 -12.61 47.02 9.67
CA VAL C 149 -13.30 48.11 10.37
C VAL C 149 -13.42 49.34 9.48
N THR C 150 -12.31 49.69 8.81
CA THR C 150 -12.33 50.82 7.89
C THR C 150 -13.41 50.70 6.82
N ASN C 151 -13.46 49.54 6.16
CA ASN C 151 -14.44 49.36 5.08
C ASN C 151 -15.86 49.43 5.60
N LEU C 152 -16.12 48.77 6.74
CA LEU C 152 -17.47 48.83 7.29
C LEU C 152 -17.88 50.27 7.64
N ARG C 153 -16.97 51.04 8.25
N ARG C 153 -16.98 51.03 8.27
CA ARG C 153 -17.28 52.43 8.56
CA ARG C 153 -17.26 52.44 8.54
C ARG C 153 -17.51 53.24 7.28
C ARG C 153 -17.53 53.21 7.27
N LYS C 154 -16.63 53.10 6.29
CA LYS C 154 -16.79 53.85 5.04
C LYS C 154 -18.12 53.51 4.36
N MET C 155 -18.53 52.24 4.43
CA MET C 155 -19.77 51.80 3.77
C MET C 155 -21.02 52.29 4.50
N GLY C 156 -20.91 52.78 5.74
CA GLY C 156 -22.05 53.27 6.50
C GLY C 156 -22.54 52.37 7.63
N ALA C 157 -21.79 51.34 7.99
CA ALA C 157 -22.17 50.50 9.13
C ALA C 157 -21.98 51.27 10.43
N PRO C 158 -22.71 50.91 11.50
CA PRO C 158 -23.66 49.78 11.58
C PRO C 158 -25.07 50.16 11.20
N GLU C 159 -25.31 51.46 10.97
CA GLU C 159 -26.67 51.91 10.72
C GLU C 159 -27.21 51.36 9.41
N SER C 160 -26.38 51.32 8.37
CA SER C 160 -26.75 50.66 7.11
C SER C 160 -26.68 49.14 7.26
N GLY C 161 -27.84 48.49 7.31
CA GLY C 161 -27.87 47.04 7.24
C GLY C 161 -27.46 46.51 5.87
N LEU C 162 -27.78 47.26 4.80
CA LEU C 162 -27.20 47.04 3.45
C LEU C 162 -25.66 46.98 3.46
N ALA C 163 -25.01 47.93 4.13
CA ALA C 163 -23.54 47.90 4.20
C ALA C 163 -23.05 46.59 4.80
N GLU C 164 -23.59 46.18 5.95
CA GLU C 164 -23.10 44.93 6.53
C GLU C 164 -23.46 43.73 5.65
N TYR C 165 -24.61 43.76 4.98
CA TYR C 165 -25.00 42.68 4.09
C TYR C 165 -24.00 42.55 2.94
N LEU C 166 -23.66 43.69 2.32
CA LEU C 166 -22.79 43.64 1.15
C LEU C 166 -21.35 43.30 1.52
N PHE C 167 -20.89 43.79 2.69
CA PHE C 167 -19.56 43.40 3.18
C PHE C 167 -19.49 41.91 3.47
N ASP C 168 -20.54 41.36 4.09
CA ASP C 168 -20.62 39.92 4.29
C ASP C 168 -20.46 39.16 2.97
N LYS C 169 -21.08 39.65 1.90
CA LYS C 169 -20.98 38.95 0.62
CA LYS C 169 -20.98 38.96 0.61
C LYS C 169 -19.63 39.18 -0.04
N HIS C 170 -19.16 40.43 -0.10
CA HIS C 170 -18.05 40.73 -0.99
C HIS C 170 -16.68 40.60 -0.33
N THR C 171 -16.57 40.87 0.95
CA THR C 171 -15.27 40.73 1.61
C THR C 171 -15.16 39.43 2.36
N LEU C 172 -16.19 39.00 3.05
CA LEU C 172 -16.04 37.76 3.82
C LEU C 172 -16.49 36.53 3.03
N GLY C 173 -17.04 36.73 1.85
CA GLY C 173 -17.72 35.66 1.12
C GLY C 173 -16.78 34.85 0.24
N THR D 2 2.18 -56.36 -22.92
CA THR D 2 1.64 -55.44 -21.90
C THR D 2 2.13 -54.01 -22.17
N SER D 3 1.24 -53.05 -22.04
CA SER D 3 1.68 -51.65 -22.16
C SER D 3 2.69 -51.31 -21.06
N GLN D 4 3.74 -50.59 -21.45
CA GLN D 4 4.79 -50.19 -20.51
C GLN D 4 4.26 -49.29 -19.39
N VAL D 5 3.10 -48.64 -19.58
CA VAL D 5 2.57 -47.79 -18.53
C VAL D 5 1.58 -48.52 -17.62
N ARG D 6 1.10 -49.70 -18.01
CA ARG D 6 -0.01 -50.32 -17.29
C ARG D 6 0.40 -50.71 -15.87
N GLN D 7 -0.42 -50.33 -14.90
CA GLN D 7 -0.16 -50.69 -13.51
C GLN D 7 -1.49 -50.71 -12.75
N ASN D 8 -1.79 -51.86 -12.11
CA ASN D 8 -3.00 -52.00 -11.27
C ASN D 8 -4.29 -51.72 -12.05
N TYR D 9 -4.33 -52.10 -13.33
CA TYR D 9 -5.46 -51.82 -14.20
C TYR D 9 -6.03 -53.15 -14.69
N HIS D 10 -7.17 -53.53 -14.15
CA HIS D 10 -7.67 -54.87 -14.44
C HIS D 10 -8.25 -54.92 -15.86
N GLN D 11 -8.21 -56.11 -16.48
CA GLN D 11 -8.79 -56.22 -17.82
CA GLN D 11 -8.79 -56.21 -17.82
C GLN D 11 -10.29 -55.98 -17.79
N ASP D 12 -10.97 -56.32 -16.68
CA ASP D 12 -12.41 -56.04 -16.60
C ASP D 12 -12.68 -54.55 -16.57
N SER D 13 -11.81 -53.79 -15.89
CA SER D 13 -11.96 -52.34 -15.86
C SER D 13 -11.75 -51.74 -17.24
N GLU D 14 -10.73 -52.22 -17.95
CA GLU D 14 -10.45 -51.77 -19.32
C GLU D 14 -11.67 -52.00 -20.21
N ALA D 15 -12.28 -53.19 -20.11
CA ALA D 15 -13.48 -53.47 -20.91
C ALA D 15 -14.64 -52.58 -20.51
N ALA D 16 -14.82 -52.37 -19.21
CA ALA D 16 -15.93 -51.53 -18.75
C ALA D 16 -15.77 -50.09 -19.21
N ILE D 17 -14.53 -49.60 -19.29
CA ILE D 17 -14.30 -48.25 -19.79
C ILE D 17 -14.65 -48.15 -21.27
N ASN D 18 -14.32 -49.18 -22.07
CA ASN D 18 -14.76 -49.18 -23.47
C ASN D 18 -16.29 -49.17 -23.58
N ARG D 19 -17.00 -49.92 -22.71
N ARG D 19 -17.00 -49.92 -22.71
CA ARG D 19 -18.46 -49.87 -22.76
CA ARG D 19 -18.46 -49.87 -22.76
C ARG D 19 -18.96 -48.48 -22.39
C ARG D 19 -18.96 -48.48 -22.39
N GLN D 20 -18.32 -47.83 -21.41
CA GLN D 20 -18.79 -46.51 -20.99
C GLN D 20 -18.53 -45.46 -22.08
N ILE D 21 -17.42 -45.57 -22.81
CA ILE D 21 -17.17 -44.69 -23.96
C ILE D 21 -18.34 -44.77 -24.94
N ASN D 22 -18.78 -45.99 -25.27
CA ASN D 22 -19.90 -46.15 -26.18
C ASN D 22 -21.16 -45.49 -25.64
N LEU D 23 -21.40 -45.63 -24.33
CA LEU D 23 -22.63 -45.11 -23.75
C LEU D 23 -22.63 -43.58 -23.76
N GLU D 24 -21.48 -42.96 -23.51
CA GLU D 24 -21.41 -41.50 -23.55
C GLU D 24 -21.65 -40.98 -24.98
N LEU D 25 -21.09 -41.66 -25.97
CA LEU D 25 -21.35 -41.28 -27.36
C LEU D 25 -22.82 -41.50 -27.72
N TYR D 26 -23.41 -42.57 -27.22
CA TYR D 26 -24.84 -42.77 -27.42
C TYR D 26 -25.63 -41.63 -26.80
N ALA D 27 -25.27 -41.20 -25.58
CA ALA D 27 -26.02 -40.09 -25.00
C ALA D 27 -25.83 -38.83 -25.83
N SER D 28 -24.62 -38.63 -26.36
CA SER D 28 -24.41 -37.47 -27.24
C SER D 28 -25.38 -37.52 -28.43
N TYR D 29 -25.58 -38.72 -28.99
CA TYR D 29 -26.44 -38.90 -30.16
C TYR D 29 -27.89 -38.66 -29.81
N VAL D 30 -28.33 -39.14 -28.65
CA VAL D 30 -29.72 -38.90 -28.23
C VAL D 30 -29.97 -37.40 -28.13
N TYR D 31 -29.06 -36.68 -27.47
CA TYR D 31 -29.29 -35.24 -27.30
C TYR D 31 -29.20 -34.49 -28.62
N LEU D 32 -28.34 -34.94 -29.54
CA LEU D 32 -28.31 -34.35 -30.88
C LEU D 32 -29.66 -34.51 -31.59
N SER D 33 -30.22 -35.72 -31.56
CA SER D 33 -31.55 -35.97 -32.11
C SER D 33 -32.58 -35.06 -31.50
N MET D 34 -32.60 -34.99 -30.16
CA MET D 34 -33.56 -34.11 -29.50
C MET D 34 -33.39 -32.67 -29.97
N SER D 35 -32.15 -32.22 -30.07
CA SER D 35 -31.89 -30.82 -30.44
C SER D 35 -32.59 -30.46 -31.75
N TYR D 36 -32.32 -31.25 -32.80
CA TYR D 36 -32.86 -30.91 -34.11
C TYR D 36 -34.36 -31.20 -34.22
N TYR D 37 -34.93 -32.03 -33.34
CA TYR D 37 -36.37 -32.14 -33.27
C TYR D 37 -36.99 -30.79 -32.94
N PHE D 38 -36.39 -30.04 -32.01
CA PHE D 38 -36.96 -28.74 -31.66
C PHE D 38 -36.67 -27.66 -32.69
N ASP D 39 -35.80 -27.96 -33.65
CA ASP D 39 -35.54 -27.12 -34.80
C ASP D 39 -36.51 -27.34 -35.95
N ARG D 40 -37.38 -28.36 -35.86
CA ARG D 40 -38.37 -28.57 -36.92
C ARG D 40 -39.33 -27.39 -37.02
N ASP D 41 -39.76 -27.06 -38.24
CA ASP D 41 -40.65 -25.90 -38.38
C ASP D 41 -41.99 -26.11 -37.69
N ASP D 42 -42.39 -27.36 -37.43
CA ASP D 42 -43.66 -27.63 -36.74
C ASP D 42 -43.48 -27.88 -35.25
N VAL D 43 -42.31 -27.55 -34.71
CA VAL D 43 -42.04 -27.67 -33.27
C VAL D 43 -41.56 -26.28 -32.84
N ALA D 44 -40.39 -25.88 -33.37
CA ALA D 44 -39.93 -24.48 -33.38
C ALA D 44 -39.73 -23.90 -31.98
N LEU D 45 -38.99 -24.62 -31.14
CA LEU D 45 -38.65 -24.14 -29.81
C LEU D 45 -37.12 -24.01 -29.80
N LYS D 46 -36.60 -22.83 -30.12
N LYS D 46 -36.61 -22.82 -30.13
N LYS D 46 -36.62 -22.81 -30.11
CA LYS D 46 -35.16 -22.73 -30.40
CA LYS D 46 -35.17 -22.67 -30.39
CA LYS D 46 -35.20 -22.61 -30.39
C LYS D 46 -34.31 -22.84 -29.15
C LYS D 46 -34.32 -22.86 -29.14
C LYS D 46 -34.33 -22.83 -29.16
N ASN D 47 -34.84 -22.55 -27.97
CA ASN D 47 -34.01 -22.69 -26.78
C ASN D 47 -34.01 -24.10 -26.26
N PHE D 48 -35.09 -24.88 -26.47
CA PHE D 48 -34.98 -26.33 -26.31
C PHE D 48 -33.89 -26.88 -27.24
N ALA D 49 -33.90 -26.45 -28.52
CA ALA D 49 -32.88 -26.95 -29.43
C ALA D 49 -31.48 -26.60 -28.95
N LYS D 50 -31.28 -25.35 -28.50
CA LYS D 50 -29.96 -24.96 -28.04
CA LYS D 50 -29.97 -24.93 -28.02
C LYS D 50 -29.54 -25.72 -26.79
N TYR D 51 -30.46 -25.90 -25.84
CA TYR D 51 -30.17 -26.63 -24.60
C TYR D 51 -29.71 -28.05 -24.91
N PHE D 52 -30.46 -28.77 -25.75
CA PHE D 52 -30.06 -30.14 -26.01
C PHE D 52 -28.79 -30.21 -26.85
N LEU D 53 -28.54 -29.23 -27.72
CA LEU D 53 -27.29 -29.30 -28.48
C LEU D 53 -26.11 -29.12 -27.54
N HIS D 54 -26.25 -28.22 -26.56
CA HIS D 54 -25.21 -28.06 -25.56
C HIS D 54 -24.99 -29.36 -24.77
N GLN D 55 -26.08 -29.98 -24.32
CA GLN D 55 -25.97 -31.28 -23.64
C GLN D 55 -25.27 -32.30 -24.52
N SER D 56 -25.56 -32.29 -25.83
CA SER D 56 -24.95 -33.25 -26.74
C SER D 56 -23.43 -33.08 -26.79
N HIS D 57 -22.98 -31.82 -26.90
CA HIS D 57 -21.54 -31.59 -26.94
C HIS D 57 -20.87 -31.95 -25.61
N GLU D 58 -21.55 -31.71 -24.49
N GLU D 58 -21.56 -31.75 -24.49
CA GLU D 58 -21.02 -32.14 -23.20
CA GLU D 58 -20.97 -32.13 -23.21
C GLU D 58 -20.75 -33.64 -23.19
C GLU D 58 -20.82 -33.64 -23.08
N GLU D 59 -21.70 -34.42 -23.71
CA GLU D 59 -21.56 -35.88 -23.66
C GLU D 59 -20.39 -36.33 -24.52
N ARG D 60 -20.16 -35.66 -25.65
CA ARG D 60 -18.98 -35.97 -26.45
CA ARG D 60 -18.97 -35.98 -26.44
C ARG D 60 -17.69 -35.71 -25.65
N GLU D 61 -17.65 -34.60 -24.89
CA GLU D 61 -16.52 -34.36 -24.01
CA GLU D 61 -16.52 -34.36 -24.01
C GLU D 61 -16.36 -35.47 -22.96
N HIS D 62 -17.50 -35.97 -22.41
CA HIS D 62 -17.43 -37.07 -21.45
C HIS D 62 -16.77 -38.29 -22.09
N ALA D 63 -17.17 -38.61 -23.31
CA ALA D 63 -16.57 -39.75 -24.03
C ALA D 63 -15.08 -39.54 -24.27
N GLU D 64 -14.71 -38.35 -24.74
CA GLU D 64 -13.29 -38.12 -25.04
C GLU D 64 -12.42 -38.23 -23.80
N LYS D 65 -12.93 -37.82 -22.64
CA LYS D 65 -12.12 -37.92 -21.44
CA LYS D 65 -12.10 -37.91 -21.45
C LYS D 65 -11.92 -39.36 -21.02
N LEU D 66 -12.90 -40.20 -21.29
CA LEU D 66 -12.73 -41.63 -21.03
C LEU D 66 -11.76 -42.27 -22.01
N MET D 67 -11.76 -41.82 -23.26
CA MET D 67 -10.77 -42.31 -24.21
C MET D 67 -9.37 -41.92 -23.74
N LYS D 68 -9.21 -40.67 -23.28
CA LYS D 68 -7.92 -40.26 -22.72
CA LYS D 68 -7.92 -40.25 -22.72
C LYS D 68 -7.54 -41.13 -21.53
N LEU D 69 -8.50 -41.41 -20.64
CA LEU D 69 -8.20 -42.23 -19.47
C LEU D 69 -7.73 -43.62 -19.89
N GLN D 70 -8.42 -44.23 -20.85
CA GLN D 70 -8.02 -45.57 -21.33
C GLN D 70 -6.55 -45.58 -21.72
N ASN D 71 -6.14 -44.59 -22.51
CA ASN D 71 -4.72 -44.55 -22.91
C ASN D 71 -3.81 -44.18 -21.74
N GLN D 72 -4.27 -43.31 -20.83
CA GLN D 72 -3.44 -42.97 -19.67
C GLN D 72 -3.08 -44.22 -18.88
N ARG D 73 -4.01 -45.15 -18.77
CA ARG D 73 -3.81 -46.34 -17.96
C ARG D 73 -3.19 -47.49 -18.72
N GLY D 74 -2.97 -47.33 -20.02
CA GLY D 74 -2.36 -48.38 -20.81
C GLY D 74 -3.34 -49.38 -21.38
N GLY D 75 -4.66 -49.14 -21.23
CA GLY D 75 -5.65 -49.96 -21.88
C GLY D 75 -5.76 -49.60 -23.34
N ARG D 76 -6.59 -50.32 -24.08
CA ARG D 76 -6.69 -50.11 -25.51
C ARG D 76 -8.12 -49.86 -25.88
N ILE D 77 -8.34 -48.77 -26.62
CA ILE D 77 -9.69 -48.36 -27.01
C ILE D 77 -10.21 -49.27 -28.11
N PHE D 78 -11.39 -49.85 -27.90
CA PHE D 78 -12.12 -50.56 -28.95
C PHE D 78 -13.49 -49.92 -29.05
N LEU D 79 -13.74 -49.25 -30.17
CA LEU D 79 -15.00 -48.56 -30.38
C LEU D 79 -16.01 -49.53 -30.98
N GLN D 80 -17.28 -49.25 -30.73
CA GLN D 80 -18.40 -50.01 -31.27
C GLN D 80 -19.37 -49.06 -31.96
N ASP D 81 -20.28 -49.63 -32.77
CA ASP D 81 -21.33 -48.82 -33.37
C ASP D 81 -22.02 -47.95 -32.33
N ILE D 82 -22.36 -46.72 -32.70
CA ILE D 82 -23.21 -45.87 -31.85
CA ILE D 82 -23.21 -45.86 -31.86
C ILE D 82 -24.65 -46.08 -32.31
N LYS D 83 -25.49 -46.67 -31.44
N LYS D 83 -25.47 -46.71 -31.46
CA LYS D 83 -26.85 -46.98 -31.84
CA LYS D 83 -26.84 -46.97 -31.83
C LYS D 83 -27.68 -45.71 -31.95
C LYS D 83 -27.59 -45.66 -32.05
N LYS D 84 -28.57 -45.69 -32.95
CA LYS D 84 -29.44 -44.53 -33.09
C LYS D 84 -30.36 -44.45 -31.88
N PRO D 85 -30.87 -43.25 -31.57
CA PRO D 85 -31.78 -43.13 -30.42
C PRO D 85 -33.08 -43.91 -30.64
N ASP D 86 -33.77 -44.17 -29.54
CA ASP D 86 -34.98 -45.00 -29.57
CA ASP D 86 -34.97 -45.00 -29.56
C ASP D 86 -36.18 -44.30 -30.17
N SER D 87 -36.17 -42.96 -30.27
CA SER D 87 -37.24 -42.20 -30.90
C SER D 87 -36.69 -41.34 -32.02
N ASP D 88 -37.51 -41.12 -33.05
CA ASP D 88 -37.25 -40.12 -34.07
C ASP D 88 -38.01 -38.83 -33.79
N ASP D 89 -39.21 -38.98 -33.25
CA ASP D 89 -40.12 -37.88 -32.91
C ASP D 89 -40.21 -37.81 -31.39
N TRP D 90 -39.75 -36.71 -30.80
CA TRP D 90 -39.70 -36.64 -29.34
C TRP D 90 -40.97 -36.04 -28.72
N GLU D 91 -41.99 -35.74 -29.55
CA GLU D 91 -43.38 -35.47 -29.15
CA GLU D 91 -43.36 -35.49 -29.12
C GLU D 91 -43.58 -34.10 -28.53
N SER D 92 -42.76 -33.71 -27.56
CA SER D 92 -43.01 -32.44 -26.86
C SER D 92 -41.77 -32.07 -26.04
N GLY D 93 -41.74 -30.80 -25.59
CA GLY D 93 -40.67 -30.39 -24.70
C GLY D 93 -40.65 -31.21 -23.41
N LEU D 94 -41.84 -31.47 -22.85
CA LEU D 94 -41.92 -32.27 -21.62
C LEU D 94 -41.41 -33.69 -21.88
N ASN D 95 -41.86 -34.32 -22.97
CA ASN D 95 -41.45 -35.70 -23.21
C ASN D 95 -39.94 -35.78 -23.44
N ALA D 96 -39.37 -34.79 -24.12
CA ALA D 96 -37.92 -34.83 -24.31
C ALA D 96 -37.20 -34.71 -22.98
N MET D 97 -37.67 -33.81 -22.10
CA MET D 97 -37.04 -33.66 -20.79
C MET D 97 -37.17 -34.92 -19.96
N GLU D 98 -38.34 -35.57 -20.00
N GLU D 98 -38.35 -35.58 -20.01
CA GLU D 98 -38.51 -36.83 -19.27
CA GLU D 98 -38.52 -36.84 -19.27
C GLU D 98 -37.58 -37.90 -19.84
C GLU D 98 -37.61 -37.92 -19.84
N SER D 99 -37.45 -37.94 -21.17
CA SER D 99 -36.58 -38.93 -21.80
C SER D 99 -35.12 -38.67 -21.44
N ALA D 100 -34.73 -37.40 -21.37
CA ALA D 100 -33.36 -37.07 -20.98
C ALA D 100 -33.11 -37.45 -19.53
N LEU D 101 -34.10 -37.22 -18.64
CA LEU D 101 -33.96 -37.66 -17.25
C LEU D 101 -33.72 -39.17 -17.17
N HIS D 102 -34.54 -39.95 -17.89
CA HIS D 102 -34.38 -41.40 -17.92
C HIS D 102 -33.00 -41.79 -18.42
N LEU D 103 -32.52 -41.13 -19.49
CA LEU D 103 -31.19 -41.40 -20.03
C LEU D 103 -30.10 -41.09 -18.99
N GLU D 104 -30.20 -39.95 -18.33
CA GLU D 104 -29.14 -39.60 -17.38
C GLU D 104 -29.12 -40.53 -16.18
N LYS D 105 -30.27 -41.02 -15.74
N LYS D 105 -30.27 -41.02 -15.74
CA LYS D 105 -30.26 -42.00 -14.66
CA LYS D 105 -30.27 -41.98 -14.66
C LYS D 105 -29.65 -43.32 -15.14
C LYS D 105 -29.77 -43.34 -15.14
N ASN D 106 -29.93 -43.69 -16.39
N ASN D 106 -29.98 -43.64 -16.42
CA ASN D 106 -29.33 -44.92 -16.90
CA ASN D 106 -29.39 -44.85 -17.01
C ASN D 106 -27.83 -44.80 -17.02
C ASN D 106 -27.86 -44.76 -17.00
N VAL D 107 -27.33 -43.64 -17.46
CA VAL D 107 -25.88 -43.43 -17.51
C VAL D 107 -25.30 -43.45 -16.10
N ASN D 108 -25.98 -42.82 -15.16
CA ASN D 108 -25.53 -42.82 -13.78
C ASN D 108 -25.42 -44.24 -13.22
N GLN D 109 -26.43 -45.08 -13.48
N GLN D 109 -26.42 -45.08 -13.48
CA GLN D 109 -26.36 -46.47 -13.03
CA GLN D 109 -26.35 -46.47 -13.04
C GLN D 109 -25.12 -47.17 -13.61
C GLN D 109 -25.13 -47.17 -13.61
N SER D 110 -24.83 -46.93 -14.89
CA SER D 110 -23.63 -47.53 -15.49
C SER D 110 -22.36 -47.02 -14.79
N LEU D 111 -22.30 -45.73 -14.46
CA LEU D 111 -21.12 -45.20 -13.78
C LEU D 111 -20.98 -45.76 -12.38
N LEU D 112 -22.11 -45.96 -11.68
CA LEU D 112 -22.06 -46.57 -10.34
C LEU D 112 -21.57 -48.02 -10.42
N GLU D 113 -21.99 -48.75 -11.45
CA GLU D 113 -21.50 -50.12 -11.61
C GLU D 113 -20.01 -50.12 -11.92
N LEU D 114 -19.58 -49.14 -12.71
CA LEU D 114 -18.16 -49.02 -13.01
CA LEU D 114 -18.16 -48.98 -13.02
C LEU D 114 -17.37 -48.69 -11.75
N HIS D 115 -17.91 -47.83 -10.89
CA HIS D 115 -17.23 -47.52 -9.64
C HIS D 115 -17.15 -48.75 -8.74
N LYS D 116 -18.24 -49.52 -8.67
N LYS D 116 -18.22 -49.54 -8.68
CA LYS D 116 -18.23 -50.77 -7.91
CA LYS D 116 -18.20 -50.76 -7.88
C LYS D 116 -17.13 -51.70 -8.42
C LYS D 116 -17.15 -51.73 -8.40
N LEU D 117 -16.99 -51.82 -9.73
CA LEU D 117 -15.94 -52.67 -10.29
C LEU D 117 -14.55 -52.14 -9.91
N ALA D 118 -14.34 -50.83 -10.05
CA ALA D 118 -13.06 -50.25 -9.67
C ALA D 118 -12.75 -50.50 -8.20
N THR D 119 -13.76 -50.35 -7.34
CA THR D 119 -13.62 -50.68 -5.92
C THR D 119 -13.29 -52.16 -5.72
N ASP D 120 -14.00 -53.05 -6.42
N ASP D 120 -14.00 -53.05 -6.42
CA ASP D 120 -13.78 -54.48 -6.27
CA ASP D 120 -13.77 -54.48 -6.25
C ASP D 120 -12.37 -54.87 -6.67
C ASP D 120 -12.37 -54.88 -6.68
N LYS D 121 -11.81 -54.20 -7.69
CA LYS D 121 -10.47 -54.49 -8.17
C LYS D 121 -9.41 -53.64 -7.47
N ASN D 122 -9.78 -52.93 -6.40
CA ASN D 122 -8.85 -52.09 -5.65
CA ASN D 122 -8.86 -52.08 -5.64
C ASN D 122 -8.06 -51.17 -6.57
N ASP D 123 -8.79 -50.40 -7.38
CA ASP D 123 -8.21 -49.43 -8.30
C ASP D 123 -8.64 -48.04 -7.85
N PRO D 124 -7.92 -47.43 -6.89
CA PRO D 124 -8.35 -46.13 -6.38
C PRO D 124 -8.12 -45.01 -7.37
N HIS D 125 -7.17 -45.16 -8.30
CA HIS D 125 -7.08 -44.12 -9.31
C HIS D 125 -8.35 -44.07 -10.15
N LEU D 126 -8.85 -45.24 -10.55
CA LEU D 126 -10.05 -45.26 -11.37
C LEU D 126 -11.27 -44.82 -10.57
N SER D 127 -11.41 -45.28 -9.32
CA SER D 127 -12.58 -44.87 -8.54
CA SER D 127 -12.55 -44.86 -8.49
C SER D 127 -12.56 -43.36 -8.30
N ASP D 128 -11.39 -42.79 -8.00
CA ASP D 128 -11.30 -41.33 -7.87
C ASP D 128 -11.63 -40.63 -9.19
N PHE D 129 -11.15 -41.18 -10.31
CA PHE D 129 -11.47 -40.59 -11.61
C PHE D 129 -12.97 -40.51 -11.85
N ILE D 130 -13.69 -41.61 -11.57
CA ILE D 130 -15.13 -41.65 -11.74
CA ILE D 130 -15.12 -41.62 -11.77
C ILE D 130 -15.81 -40.64 -10.81
N GLU D 131 -15.42 -40.68 -9.53
CA GLU D 131 -16.01 -39.75 -8.55
CA GLU D 131 -16.01 -39.75 -8.55
C GLU D 131 -15.78 -38.31 -8.96
N THR D 132 -14.54 -37.98 -9.35
CA THR D 132 -14.17 -36.59 -9.61
C THR D 132 -14.86 -36.03 -10.84
N HIS D 133 -14.89 -36.79 -11.92
CA HIS D 133 -15.27 -36.21 -13.20
C HIS D 133 -16.66 -36.62 -13.65
N TYR D 134 -17.29 -37.62 -12.99
CA TYR D 134 -18.56 -38.11 -13.52
C TYR D 134 -19.69 -38.12 -12.51
N LEU D 135 -19.44 -38.49 -11.25
CA LEU D 135 -20.59 -38.79 -10.39
C LEU D 135 -21.34 -37.52 -10.01
N ASN D 136 -20.65 -36.44 -9.64
CA ASN D 136 -21.42 -35.25 -9.28
C ASN D 136 -21.99 -34.58 -10.52
N GLU D 137 -21.30 -34.66 -11.66
CA GLU D 137 -21.89 -34.18 -12.90
CA GLU D 137 -21.89 -34.19 -12.91
C GLU D 137 -23.23 -34.86 -13.17
N GLN D 138 -23.32 -36.17 -12.93
CA GLN D 138 -24.59 -36.87 -13.14
C GLN D 138 -25.64 -36.38 -12.14
N VAL D 139 -25.25 -36.25 -10.87
CA VAL D 139 -26.24 -35.80 -9.88
C VAL D 139 -26.78 -34.42 -10.24
N LYS D 140 -25.90 -33.51 -10.65
CA LYS D 140 -26.39 -32.18 -11.03
C LYS D 140 -27.30 -32.25 -12.26
N ALA D 141 -26.94 -33.06 -13.25
CA ALA D 141 -27.73 -33.14 -14.48
C ALA D 141 -29.11 -33.72 -14.20
N ILE D 142 -29.18 -34.75 -13.35
CA ILE D 142 -30.44 -35.37 -13.00
C ILE D 142 -31.32 -34.39 -12.21
N LYS D 143 -30.70 -33.65 -11.28
CA LYS D 143 -31.47 -32.66 -10.52
C LYS D 143 -32.03 -31.58 -11.42
N GLU D 144 -31.23 -31.10 -12.37
CA GLU D 144 -31.69 -30.04 -13.28
C GLU D 144 -32.83 -30.53 -14.15
N LEU D 145 -32.71 -31.75 -14.68
CA LEU D 145 -33.78 -32.28 -15.50
C LEU D 145 -35.03 -32.49 -14.67
N GLY D 146 -34.88 -32.97 -13.44
CA GLY D 146 -36.05 -33.11 -12.59
C GLY D 146 -36.73 -31.76 -12.40
N ASP D 147 -35.93 -30.72 -12.09
CA ASP D 147 -36.52 -29.37 -11.95
C ASP D 147 -37.28 -28.98 -13.21
N HIS D 148 -36.67 -29.23 -14.37
CA HIS D 148 -37.31 -28.83 -15.63
C HIS D 148 -38.62 -29.59 -15.85
N VAL D 149 -38.62 -30.90 -15.60
CA VAL D 149 -39.84 -31.67 -15.74
C VAL D 149 -40.92 -31.14 -14.82
N THR D 150 -40.57 -30.91 -13.57
CA THR D 150 -41.53 -30.35 -12.61
C THR D 150 -42.16 -29.05 -13.12
N ASN D 151 -41.34 -28.10 -13.57
CA ASN D 151 -41.88 -26.82 -14.01
C ASN D 151 -42.79 -27.00 -15.21
N LEU D 152 -42.37 -27.81 -16.18
CA LEU D 152 -43.21 -28.04 -17.35
C LEU D 152 -44.55 -28.66 -16.95
N ARG D 153 -44.52 -29.65 -16.06
N ARG D 153 -44.54 -29.64 -16.05
CA ARG D 153 -45.77 -30.24 -15.59
CA ARG D 153 -45.79 -30.24 -15.62
C ARG D 153 -46.66 -29.20 -14.93
C ARG D 153 -46.67 -29.23 -14.91
N LYS D 154 -46.09 -28.42 -13.99
CA LYS D 154 -46.90 -27.44 -13.26
C LYS D 154 -47.48 -26.39 -14.20
N MET D 155 -46.75 -26.01 -15.24
CA MET D 155 -47.22 -25.00 -16.18
C MET D 155 -48.32 -25.52 -17.12
N GLY D 156 -48.51 -26.83 -17.19
CA GLY D 156 -49.55 -27.43 -18.03
C GLY D 156 -49.08 -28.12 -19.29
N ALA D 157 -47.78 -28.34 -19.47
CA ALA D 157 -47.29 -29.11 -20.61
C ALA D 157 -47.72 -30.57 -20.47
N PRO D 158 -47.83 -31.29 -21.60
CA PRO D 158 -47.50 -30.85 -22.96
C PRO D 158 -48.70 -30.27 -23.68
N GLU D 159 -49.89 -30.35 -23.06
CA GLU D 159 -51.10 -29.91 -23.73
C GLU D 159 -51.07 -28.41 -23.99
N SER D 160 -50.53 -27.65 -23.04
CA SER D 160 -50.37 -26.20 -23.19
C SER D 160 -49.16 -25.93 -24.08
N GLY D 161 -49.42 -25.56 -25.33
CA GLY D 161 -48.34 -25.07 -26.17
C GLY D 161 -47.75 -23.77 -25.66
N LEU D 162 -48.59 -22.91 -25.05
CA LEU D 162 -48.11 -21.71 -24.32
C LEU D 162 -47.12 -22.04 -23.19
N ALA D 163 -47.40 -23.09 -22.41
CA ALA D 163 -46.46 -23.45 -21.34
C ALA D 163 -45.08 -23.76 -21.92
N GLU D 164 -45.01 -24.62 -22.96
CA GLU D 164 -43.70 -24.92 -23.51
C GLU D 164 -43.05 -23.70 -24.13
N TYR D 165 -43.84 -22.82 -24.76
CA TYR D 165 -43.28 -21.61 -25.34
C TYR D 165 -42.66 -20.73 -24.26
N LEU D 166 -43.38 -20.53 -23.16
CA LEU D 166 -42.88 -19.63 -22.10
C LEU D 166 -41.70 -20.24 -21.36
N PHE D 167 -41.73 -21.57 -21.12
CA PHE D 167 -40.56 -22.24 -20.54
C PHE D 167 -39.33 -22.08 -21.41
N ASP D 168 -39.50 -22.29 -22.73
CA ASP D 168 -38.42 -22.07 -23.69
C ASP D 168 -37.81 -20.67 -23.52
N LYS D 169 -38.66 -19.66 -23.36
N LYS D 169 -38.66 -19.66 -23.31
CA LYS D 169 -38.15 -18.30 -23.20
CA LYS D 169 -38.15 -18.30 -23.22
C LYS D 169 -37.49 -18.10 -21.85
C LYS D 169 -37.56 -17.98 -21.86
N HIS D 170 -38.21 -18.41 -20.77
CA HIS D 170 -37.81 -17.95 -19.45
C HIS D 170 -36.83 -18.84 -18.73
N THR D 171 -36.89 -20.15 -18.96
CA THR D 171 -35.93 -21.03 -18.27
C THR D 171 -34.76 -21.40 -19.16
N LEU D 172 -35.01 -21.71 -20.41
CA LEU D 172 -33.90 -22.12 -21.29
C LEU D 172 -33.31 -20.96 -22.05
N GLY D 173 -33.91 -19.78 -21.96
CA GLY D 173 -33.53 -18.67 -22.82
C GLY D 173 -32.39 -17.86 -22.22
N THR E 2 -41.85 -41.71 -4.50
CA THR E 2 -40.40 -41.57 -4.58
C THR E 2 -40.03 -40.34 -5.42
N SER E 3 -39.01 -39.61 -5.02
CA SER E 3 -38.54 -38.48 -5.81
C SER E 3 -38.05 -38.96 -7.18
N GLN E 4 -38.43 -38.23 -8.24
CA GLN E 4 -38.01 -38.58 -9.59
C GLN E 4 -36.50 -38.55 -9.76
N VAL E 5 -35.75 -37.85 -8.91
CA VAL E 5 -34.30 -37.79 -9.05
C VAL E 5 -33.58 -38.83 -8.22
N ARG E 6 -34.27 -39.47 -7.27
CA ARG E 6 -33.57 -40.31 -6.31
C ARG E 6 -32.95 -41.53 -7.00
N GLN E 7 -31.68 -41.79 -6.69
CA GLN E 7 -31.01 -42.96 -7.21
C GLN E 7 -29.87 -43.34 -6.28
N ASN E 8 -29.86 -44.59 -5.82
CA ASN E 8 -28.76 -45.12 -4.98
C ASN E 8 -28.59 -44.33 -3.68
N TYR E 9 -29.70 -43.84 -3.12
CA TYR E 9 -29.67 -42.98 -1.94
C TYR E 9 -30.46 -43.65 -0.82
N HIS E 10 -29.75 -44.19 0.16
CA HIS E 10 -30.43 -45.01 1.16
C HIS E 10 -31.17 -44.10 2.12
N GLN E 11 -32.28 -44.62 2.68
N GLN E 11 -32.27 -44.62 2.68
CA GLN E 11 -33.02 -43.85 3.67
CA GLN E 11 -33.00 -43.79 3.65
C GLN E 11 -32.17 -43.55 4.89
C GLN E 11 -32.17 -43.54 4.90
N ASP E 12 -31.23 -44.42 5.24
CA ASP E 12 -30.38 -44.16 6.39
C ASP E 12 -29.45 -42.98 6.13
N SER E 13 -28.98 -42.87 4.89
CA SER E 13 -28.11 -41.75 4.50
C SER E 13 -28.88 -40.45 4.55
N GLU E 14 -30.10 -40.46 4.00
CA GLU E 14 -30.97 -39.29 4.05
C GLU E 14 -31.16 -38.81 5.48
N ALA E 15 -31.44 -39.74 6.41
CA ALA E 15 -31.63 -39.34 7.81
C ALA E 15 -30.33 -38.81 8.41
N ALA E 16 -29.21 -39.45 8.08
CA ALA E 16 -27.92 -39.02 8.63
C ALA E 16 -27.58 -37.62 8.16
N ILE E 17 -27.93 -37.29 6.91
CA ILE E 17 -27.69 -35.96 6.37
C ILE E 17 -28.53 -34.92 7.11
N ASN E 18 -29.81 -35.24 7.42
CA ASN E 18 -30.58 -34.33 8.25
C ASN E 18 -29.93 -34.12 9.63
N ARG E 19 -29.42 -35.19 10.24
CA ARG E 19 -28.72 -35.00 11.52
C ARG E 19 -27.50 -34.12 11.36
N GLN E 20 -26.76 -34.30 10.27
CA GLN E 20 -25.54 -33.48 10.09
C GLN E 20 -25.90 -32.00 9.84
N ILE E 21 -27.00 -31.73 9.12
CA ILE E 21 -27.46 -30.35 8.98
C ILE E 21 -27.65 -29.71 10.34
N ASN E 22 -28.30 -30.42 11.27
CA ASN E 22 -28.54 -29.84 12.58
C ASN E 22 -27.24 -29.58 13.31
N LEU E 23 -26.27 -30.49 13.18
CA LEU E 23 -25.02 -30.34 13.89
C LEU E 23 -24.22 -29.16 13.35
N GLU E 24 -24.26 -28.94 12.04
CA GLU E 24 -23.55 -27.77 11.49
C GLU E 24 -24.18 -26.46 11.97
N LEU E 25 -25.52 -26.40 12.01
CA LEU E 25 -26.20 -25.23 12.56
C LEU E 25 -25.87 -25.04 14.04
N TYR E 26 -25.82 -26.13 14.80
CA TYR E 26 -25.40 -26.04 16.18
C TYR E 26 -23.97 -25.48 16.29
N ALA E 27 -23.07 -25.92 15.41
CA ALA E 27 -21.70 -25.39 15.47
C ALA E 27 -21.72 -23.90 15.14
N SER E 28 -22.55 -23.49 14.19
CA SER E 28 -22.65 -22.06 13.91
C SER E 28 -23.10 -21.28 15.14
N TYR E 29 -24.04 -21.86 15.90
CA TYR E 29 -24.56 -21.20 17.10
C TYR E 29 -23.50 -21.08 18.20
N VAL E 30 -22.71 -22.15 18.41
CA VAL E 30 -21.63 -22.11 19.40
C VAL E 30 -20.65 -21.00 19.06
N TYR E 31 -20.22 -20.93 17.80
CA TYR E 31 -19.26 -19.89 17.43
C TYR E 31 -19.87 -18.49 17.53
N LEU E 32 -21.16 -18.34 17.20
CA LEU E 32 -21.84 -17.04 17.38
C LEU E 32 -21.82 -16.60 18.83
N SER E 33 -22.14 -17.52 19.74
CA SER E 33 -22.07 -17.26 21.17
C SER E 33 -20.67 -16.86 21.59
N MET E 34 -19.67 -17.66 21.17
CA MET E 34 -18.29 -17.29 21.50
C MET E 34 -17.94 -15.90 20.99
N SER E 35 -18.36 -15.57 19.77
CA SER E 35 -18.02 -14.27 19.18
C SER E 35 -18.45 -13.13 20.09
N TYR E 36 -19.72 -13.10 20.47
CA TYR E 36 -20.23 -11.96 21.22
C TYR E 36 -19.78 -11.99 22.68
N TYR E 37 -19.31 -13.15 23.18
CA TYR E 37 -18.66 -13.15 24.48
C TYR E 37 -17.42 -12.26 24.46
N PHE E 38 -16.62 -12.33 23.38
CA PHE E 38 -15.42 -11.49 23.33
C PHE E 38 -15.75 -10.03 23.01
N ASP E 39 -16.99 -9.75 22.66
CA ASP E 39 -17.49 -8.39 22.48
C ASP E 39 -18.00 -7.78 23.77
N ARG E 40 -18.07 -8.53 24.88
CA ARG E 40 -18.46 -7.94 26.16
C ARG E 40 -17.45 -6.88 26.61
N ASP E 41 -17.94 -5.82 27.27
CA ASP E 41 -17.04 -4.76 27.69
C ASP E 41 -16.04 -5.24 28.74
N ASP E 42 -16.33 -6.35 29.44
CA ASP E 42 -15.41 -6.90 30.45
C ASP E 42 -14.56 -8.03 29.91
N VAL E 43 -14.55 -8.21 28.59
CA VAL E 43 -13.70 -9.21 27.94
C VAL E 43 -12.90 -8.46 26.88
N ALA E 44 -13.58 -7.91 25.88
CA ALA E 44 -13.06 -6.84 25.01
C ALA E 44 -11.85 -7.29 24.19
N LEU E 45 -11.97 -8.43 23.52
CA LEU E 45 -10.92 -8.94 22.62
C LEU E 45 -11.55 -8.98 21.21
N LYS E 46 -11.40 -7.89 20.46
N LYS E 46 -11.38 -7.89 20.46
CA LYS E 46 -12.15 -7.72 19.22
CA LYS E 46 -12.15 -7.71 19.23
C LYS E 46 -11.77 -8.72 18.14
C LYS E 46 -11.76 -8.70 18.14
N ASN E 47 -10.53 -9.19 18.13
CA ASN E 47 -10.14 -10.09 17.06
C ASN E 47 -10.51 -11.52 17.38
N PHE E 48 -10.57 -11.89 18.67
CA PHE E 48 -11.27 -13.12 19.02
C PHE E 48 -12.72 -13.05 18.55
N ALA E 49 -13.38 -11.93 18.82
CA ALA E 49 -14.78 -11.82 18.38
C ALA E 49 -14.89 -11.95 16.87
N LYS E 50 -14.01 -11.28 16.12
CA LYS E 50 -14.11 -11.39 14.66
CA LYS E 50 -14.06 -11.38 14.65
C LYS E 50 -13.79 -12.80 14.18
N TYR E 51 -12.80 -13.46 14.77
CA TYR E 51 -12.42 -14.81 14.36
C TYR E 51 -13.59 -15.78 14.54
N PHE E 52 -14.21 -15.77 15.72
CA PHE E 52 -15.32 -16.70 15.93
C PHE E 52 -16.53 -16.33 15.11
N LEU E 53 -16.75 -15.05 14.80
CA LEU E 53 -17.90 -14.72 13.96
C LEU E 53 -17.70 -15.27 12.56
N HIS E 54 -16.47 -15.15 12.04
CA HIS E 54 -16.15 -15.76 10.75
C HIS E 54 -16.38 -17.26 10.78
N GLN E 55 -15.89 -17.93 11.82
CA GLN E 55 -16.12 -19.38 11.96
C GLN E 55 -17.62 -19.69 11.98
N SER E 56 -18.40 -18.85 12.67
CA SER E 56 -19.84 -19.08 12.74
C SER E 56 -20.47 -19.03 11.36
N HIS E 57 -20.11 -18.01 10.57
CA HIS E 57 -20.68 -17.93 9.22
C HIS E 57 -20.23 -19.10 8.34
N GLU E 58 -18.99 -19.58 8.53
N GLU E 58 -19.00 -19.60 8.53
CA GLU E 58 -18.55 -20.74 7.77
CA GLU E 58 -18.57 -20.72 7.72
C GLU E 58 -19.43 -21.94 8.05
C GLU E 58 -19.29 -22.02 8.08
N GLU E 59 -19.76 -22.15 9.33
CA GLU E 59 -20.58 -23.33 9.68
C GLU E 59 -21.96 -23.22 9.07
N ARG E 60 -22.54 -22.01 9.01
CA ARG E 60 -23.80 -21.87 8.31
CA ARG E 60 -23.80 -21.84 8.29
C ARG E 60 -23.67 -22.27 6.84
N GLU E 61 -22.57 -21.91 6.18
CA GLU E 61 -22.37 -22.38 4.80
C GLU E 61 -22.28 -23.90 4.73
N HIS E 62 -21.62 -24.55 5.70
CA HIS E 62 -21.55 -26.01 5.76
C HIS E 62 -22.94 -26.60 5.79
N ALA E 63 -23.81 -26.02 6.64
CA ALA E 63 -25.18 -26.51 6.75
C ALA E 63 -25.95 -26.33 5.44
N GLU E 64 -25.82 -25.16 4.82
CA GLU E 64 -26.58 -24.89 3.61
C GLU E 64 -26.15 -25.81 2.48
N LYS E 65 -24.87 -26.18 2.41
N LYS E 65 -24.86 -26.17 2.41
CA LYS E 65 -24.44 -27.08 1.35
CA LYS E 65 -24.41 -27.09 1.37
C LYS E 65 -24.98 -28.49 1.57
C LYS E 65 -24.99 -28.48 1.57
N LEU E 66 -25.16 -28.89 2.82
CA LEU E 66 -25.81 -30.18 3.09
C LEU E 66 -27.30 -30.14 2.76
N MET E 67 -27.97 -29.01 2.99
CA MET E 67 -29.36 -28.90 2.57
C MET E 67 -29.47 -28.99 1.06
N LYS E 68 -28.55 -28.34 0.34
CA LYS E 68 -28.52 -28.46 -1.12
CA LYS E 68 -28.52 -28.46 -1.12
C LYS E 68 -28.30 -29.90 -1.53
N LEU E 69 -27.38 -30.60 -0.85
CA LEU E 69 -27.10 -32.00 -1.19
C LEU E 69 -28.36 -32.86 -1.00
N GLN E 70 -29.05 -32.67 0.13
CA GLN E 70 -30.27 -33.46 0.39
C GLN E 70 -31.23 -33.33 -0.78
N ASN E 71 -31.46 -32.09 -1.26
CA ASN E 71 -32.37 -31.92 -2.38
C ASN E 71 -31.78 -32.47 -3.68
N GLN E 72 -30.47 -32.31 -3.88
CA GLN E 72 -29.84 -32.86 -5.09
C GLN E 72 -30.10 -34.34 -5.21
N ARG E 73 -30.07 -35.05 -4.10
CA ARG E 73 -30.20 -36.51 -4.14
C ARG E 73 -31.65 -36.97 -4.03
N GLY E 74 -32.59 -36.03 -3.86
CA GLY E 74 -34.00 -36.38 -3.79
C GLY E 74 -34.49 -36.73 -2.40
N GLY E 75 -33.66 -36.53 -1.38
CA GLY E 75 -34.09 -36.68 0.00
C GLY E 75 -34.86 -35.46 0.43
N ARG E 76 -35.41 -35.51 1.64
CA ARG E 76 -36.27 -34.44 2.11
C ARG E 76 -35.72 -33.91 3.41
N ILE E 77 -35.55 -32.59 3.47
CA ILE E 77 -34.99 -31.91 4.63
C ILE E 77 -36.03 -31.89 5.75
N PHE E 78 -35.64 -32.35 6.93
CA PHE E 78 -36.44 -32.20 8.14
C PHE E 78 -35.56 -31.53 9.17
N LEU E 79 -35.90 -30.29 9.50
CA LEU E 79 -35.11 -29.52 10.46
C LEU E 79 -35.58 -29.81 11.89
N GLN E 80 -34.65 -29.63 12.83
CA GLN E 80 -34.93 -29.79 14.24
C GLN E 80 -34.46 -28.53 14.97
N ASP E 81 -34.89 -28.41 16.25
CA ASP E 81 -34.42 -27.29 17.06
C ASP E 81 -32.91 -27.21 17.04
N ILE E 82 -32.36 -25.99 17.02
CA ILE E 82 -30.94 -25.78 17.20
CA ILE E 82 -30.94 -25.77 17.21
C ILE E 82 -30.71 -25.56 18.70
N LYS E 83 -30.03 -26.50 19.36
N LYS E 83 -30.03 -26.51 19.35
CA LYS E 83 -29.82 -26.38 20.80
CA LYS E 83 -29.79 -26.39 20.79
C LYS E 83 -28.88 -25.23 21.10
C LYS E 83 -28.91 -25.18 21.05
N LYS E 84 -29.15 -24.50 22.19
CA LYS E 84 -28.23 -23.46 22.62
C LYS E 84 -26.90 -24.07 23.03
N PRO E 85 -25.81 -23.30 22.95
CA PRO E 85 -24.50 -23.83 23.37
C PRO E 85 -24.46 -24.20 24.85
N ASP E 86 -23.49 -25.04 25.21
N ASP E 86 -23.49 -25.02 25.20
CA ASP E 86 -23.40 -25.58 26.56
CA ASP E 86 -23.42 -25.56 26.56
C ASP E 86 -22.88 -24.58 27.58
C ASP E 86 -22.92 -24.55 27.58
N SER E 87 -22.27 -23.47 27.14
CA SER E 87 -21.84 -22.39 28.03
C SER E 87 -22.43 -21.07 27.60
N ASP E 88 -22.66 -20.20 28.58
CA ASP E 88 -23.00 -18.80 28.33
C ASP E 88 -21.78 -17.90 28.45
N ASP E 89 -20.89 -18.25 29.37
CA ASP E 89 -19.66 -17.52 29.69
C ASP E 89 -18.50 -18.42 29.26
N TRP E 90 -17.72 -17.96 28.29
CA TRP E 90 -16.65 -18.82 27.77
C TRP E 90 -15.31 -18.62 28.50
N GLU E 91 -15.29 -17.78 29.54
CA GLU E 91 -14.21 -17.74 30.55
CA GLU E 91 -14.24 -17.69 30.56
C GLU E 91 -12.96 -17.02 30.06
N SER E 92 -12.45 -17.39 28.89
CA SER E 92 -11.18 -16.83 28.42
C SER E 92 -10.98 -17.16 26.95
N GLY E 93 -9.99 -16.47 26.34
CA GLY E 93 -9.63 -16.82 24.97
C GLY E 93 -9.16 -18.27 24.85
N LEU E 94 -8.33 -18.72 25.79
CA LEU E 94 -7.85 -20.10 25.75
C LEU E 94 -9.01 -21.09 25.89
N ASN E 95 -9.91 -20.84 26.83
CA ASN E 95 -10.98 -21.81 27.04
C ASN E 95 -11.88 -21.87 25.82
N ALA E 96 -12.10 -20.72 25.17
CA ALA E 96 -12.93 -20.73 23.96
C ALA E 96 -12.25 -21.53 22.86
N MET E 97 -10.94 -21.33 22.70
CA MET E 97 -10.21 -22.09 21.68
C MET E 97 -10.24 -23.58 21.98
N GLU E 98 -10.07 -23.96 23.25
CA GLU E 98 -10.13 -25.39 23.60
C GLU E 98 -11.54 -25.93 23.36
N SER E 99 -12.56 -25.14 23.68
CA SER E 99 -13.92 -25.57 23.44
C SER E 99 -14.20 -25.72 21.96
N ALA E 100 -13.65 -24.81 21.15
CA ALA E 100 -13.85 -24.94 19.70
C ALA E 100 -13.11 -26.16 19.17
N LEU E 101 -11.91 -26.45 19.70
CA LEU E 101 -11.22 -27.67 19.27
C LEU E 101 -12.06 -28.91 19.55
N HIS E 102 -12.62 -28.98 20.76
CA HIS E 102 -13.47 -30.12 21.12
C HIS E 102 -14.67 -30.23 20.19
N LEU E 103 -15.31 -29.09 19.89
CA LEU E 103 -16.45 -29.06 18.97
C LEU E 103 -16.05 -29.58 17.59
N GLU E 104 -14.94 -29.09 17.05
CA GLU E 104 -14.57 -29.50 15.70
C GLU E 104 -14.21 -30.98 15.66
N LYS E 105 -13.58 -31.53 16.70
CA LYS E 105 -13.35 -32.97 16.69
CA LYS E 105 -13.35 -32.96 16.71
C LYS E 105 -14.66 -33.74 16.81
N ASN E 106 -15.64 -33.22 17.56
CA ASN E 106 -16.93 -33.89 17.60
C ASN E 106 -17.60 -33.87 16.24
N VAL E 107 -17.56 -32.74 15.54
CA VAL E 107 -18.15 -32.65 14.21
C VAL E 107 -17.42 -33.60 13.26
N ASN E 108 -16.09 -33.65 13.35
CA ASN E 108 -15.32 -34.57 12.52
C ASN E 108 -15.73 -36.02 12.75
N GLN E 109 -15.93 -36.42 14.01
CA GLN E 109 -16.35 -37.78 14.27
CA GLN E 109 -16.36 -37.79 14.28
C GLN E 109 -17.70 -38.08 13.62
N SER E 110 -18.63 -37.13 13.68
CA SER E 110 -19.92 -37.33 13.01
C SER E 110 -19.76 -37.46 11.50
N LEU E 111 -18.87 -36.66 10.90
CA LEU E 111 -18.64 -36.77 9.46
C LEU E 111 -18.00 -38.11 9.10
N LEU E 112 -17.09 -38.60 9.95
CA LEU E 112 -16.48 -39.91 9.69
C LEU E 112 -17.51 -41.03 9.79
N GLU E 113 -18.44 -40.93 10.74
CA GLU E 113 -19.52 -41.90 10.81
C GLU E 113 -20.42 -41.84 9.58
N LEU E 114 -20.69 -40.62 9.11
CA LEU E 114 -21.48 -40.46 7.90
CA LEU E 114 -21.47 -40.44 7.89
C LEU E 114 -20.77 -41.07 6.70
N HIS E 115 -19.43 -40.88 6.61
CA HIS E 115 -18.68 -41.48 5.52
C HIS E 115 -18.74 -43.00 5.59
N LYS E 116 -18.58 -43.55 6.80
CA LYS E 116 -18.71 -45.00 6.98
CA LYS E 116 -18.70 -45.00 6.96
C LYS E 116 -20.06 -45.50 6.51
N LEU E 117 -21.13 -44.77 6.83
CA LEU E 117 -22.46 -45.15 6.36
C LEU E 117 -22.54 -45.12 4.84
N ALA E 118 -22.07 -44.03 4.22
CA ALA E 118 -22.09 -43.94 2.76
C ALA E 118 -21.31 -45.09 2.12
N THR E 119 -20.14 -45.42 2.68
CA THR E 119 -19.36 -46.57 2.21
C THR E 119 -20.13 -47.88 2.38
N ASP E 120 -20.73 -48.08 3.54
CA ASP E 120 -21.49 -49.30 3.78
CA ASP E 120 -21.49 -49.30 3.80
C ASP E 120 -22.66 -49.45 2.82
N LYS E 121 -23.28 -48.33 2.42
CA LYS E 121 -24.41 -48.36 1.49
C LYS E 121 -23.97 -48.20 0.04
N ASN E 122 -22.65 -48.31 -0.23
CA ASN E 122 -22.09 -48.22 -1.57
C ASN E 122 -22.63 -47.00 -2.29
N ASP E 123 -22.46 -45.84 -1.64
CA ASP E 123 -22.90 -44.56 -2.19
C ASP E 123 -21.66 -43.72 -2.46
N PRO E 124 -20.97 -43.94 -3.59
CA PRO E 124 -19.72 -43.20 -3.81
C PRO E 124 -19.94 -41.73 -4.09
N HIS E 125 -21.12 -41.33 -4.59
CA HIS E 125 -21.33 -39.89 -4.72
C HIS E 125 -21.33 -39.23 -3.36
N LEU E 126 -22.01 -39.85 -2.39
CA LEU E 126 -22.05 -39.24 -1.06
C LEU E 126 -20.68 -39.31 -0.39
N SER E 127 -19.97 -40.43 -0.50
CA SER E 127 -18.67 -40.50 0.15
CA SER E 127 -18.64 -40.54 0.10
C SER E 127 -17.70 -39.50 -0.47
N ASP E 128 -17.74 -39.31 -1.79
CA ASP E 128 -16.92 -38.29 -2.43
C ASP E 128 -17.33 -36.90 -1.97
N PHE E 129 -18.64 -36.66 -1.82
CA PHE E 129 -19.11 -35.36 -1.35
C PHE E 129 -18.52 -35.04 0.02
N ILE E 130 -18.58 -36.00 0.94
CA ILE E 130 -18.07 -35.76 2.28
C ILE E 130 -16.56 -35.53 2.24
N GLU E 131 -15.83 -36.38 1.51
CA GLU E 131 -14.39 -36.22 1.41
C GLU E 131 -14.03 -34.86 0.82
N THR E 132 -14.72 -34.48 -0.27
CA THR E 132 -14.34 -33.29 -1.02
C THR E 132 -14.60 -32.01 -0.23
N HIS E 133 -15.76 -31.92 0.42
CA HIS E 133 -16.18 -30.65 0.96
C HIS E 133 -16.05 -30.56 2.47
N TYR E 134 -15.85 -31.69 3.17
CA TYR E 134 -15.91 -31.65 4.62
C TYR E 134 -14.66 -32.19 5.30
N LEU E 135 -14.07 -33.29 4.83
CA LEU E 135 -13.08 -33.96 5.68
C LEU E 135 -11.80 -33.15 5.80
N ASN E 136 -11.28 -32.60 4.69
CA ASN E 136 -10.02 -31.86 4.84
C ASN E 136 -10.30 -30.50 5.49
N GLU E 137 -11.48 -29.93 5.26
CA GLU E 137 -11.85 -28.73 6.00
CA GLU E 137 -11.84 -28.73 6.00
C GLU E 137 -11.79 -28.97 7.52
N GLN E 138 -12.26 -30.13 7.98
CA GLN E 138 -12.18 -30.43 9.40
C GLN E 138 -10.74 -30.60 9.85
N VAL E 139 -9.93 -31.32 9.05
CA VAL E 139 -8.52 -31.50 9.46
C VAL E 139 -7.82 -30.15 9.57
N LYS E 140 -8.05 -29.25 8.60
CA LYS E 140 -7.43 -27.93 8.69
C LYS E 140 -7.92 -27.14 9.89
N ALA E 141 -9.23 -27.17 10.16
CA ALA E 141 -9.78 -26.42 11.30
C ALA E 141 -9.21 -26.93 12.62
N ILE E 142 -9.09 -28.24 12.76
CA ILE E 142 -8.58 -28.83 14.00
C ILE E 142 -7.10 -28.49 14.17
N LYS E 143 -6.33 -28.56 13.08
CA LYS E 143 -4.91 -28.21 13.16
C LYS E 143 -4.75 -26.75 13.59
N GLU E 144 -5.54 -25.85 12.99
CA GLU E 144 -5.44 -24.43 13.33
C GLU E 144 -5.80 -24.17 14.79
N LEU E 145 -6.87 -24.78 15.27
CA LEU E 145 -7.25 -24.61 16.67
C LEU E 145 -6.19 -25.20 17.58
N GLY E 146 -5.64 -26.36 17.23
CA GLY E 146 -4.55 -26.89 18.03
C GLY E 146 -3.39 -25.90 18.11
N ASP E 147 -2.97 -25.35 16.95
CA ASP E 147 -1.91 -24.34 16.95
C ASP E 147 -2.24 -23.18 17.90
N HIS E 148 -3.47 -22.68 17.82
CA HIS E 148 -3.87 -21.53 18.64
C HIS E 148 -3.81 -21.88 20.13
N VAL E 149 -4.33 -23.04 20.51
CA VAL E 149 -4.29 -23.47 21.90
C VAL E 149 -2.84 -23.55 22.37
N THR E 150 -1.99 -24.16 21.54
CA THR E 150 -0.58 -24.27 21.92
C THR E 150 0.04 -22.90 22.19
N ASN E 151 -0.16 -21.95 21.28
CA ASN E 151 0.44 -20.63 21.45
C ASN E 151 -0.09 -19.95 22.69
N LEU E 152 -1.41 -20.00 22.89
CA LEU E 152 -1.97 -19.36 24.09
C LEU E 152 -1.39 -19.97 25.37
N ARG E 153 -1.28 -21.30 25.42
N ARG E 153 -1.31 -21.30 25.43
CA ARG E 153 -0.69 -21.93 26.59
CA ARG E 153 -0.68 -21.97 26.56
C ARG E 153 0.76 -21.52 26.78
C ARG E 153 0.75 -21.49 26.77
N LYS E 154 1.56 -21.54 25.71
CA LYS E 154 2.97 -21.16 25.84
C LYS E 154 3.12 -19.71 26.27
N MET E 155 2.22 -18.84 25.85
CA MET E 155 2.31 -17.42 26.20
C MET E 155 1.90 -17.16 27.65
N GLY E 156 1.26 -18.12 28.33
CA GLY E 156 0.81 -17.95 29.70
C GLY E 156 -0.68 -17.73 29.92
N ALA E 157 -1.51 -17.89 28.91
CA ALA E 157 -2.96 -17.80 29.11
C ALA E 157 -3.46 -18.99 29.93
N PRO E 158 -4.61 -18.83 30.62
CA PRO E 158 -5.51 -17.67 30.65
C PRO E 158 -5.15 -16.66 31.71
N GLU E 159 -4.18 -17.00 32.55
CA GLU E 159 -3.89 -16.18 33.70
C GLU E 159 -3.28 -14.85 33.28
N SER E 160 -2.42 -14.87 32.26
CA SER E 160 -1.85 -13.66 31.70
C SER E 160 -2.87 -13.01 30.76
N GLY E 161 -3.46 -11.90 31.21
CA GLY E 161 -4.32 -11.14 30.34
C GLY E 161 -3.56 -10.47 29.21
N LEU E 162 -2.29 -10.10 29.48
CA LEU E 162 -1.34 -9.68 28.42
C LEU E 162 -1.17 -10.71 27.31
N ALA E 163 -1.04 -12.01 27.66
CA ALA E 163 -0.92 -13.05 26.64
C ALA E 163 -2.12 -13.04 25.71
N GLU E 164 -3.34 -13.05 26.25
CA GLU E 164 -4.50 -13.06 25.37
C GLU E 164 -4.60 -11.78 24.57
N TYR E 165 -4.24 -10.64 25.16
CA TYR E 165 -4.27 -9.37 24.43
C TYR E 165 -3.32 -9.41 23.24
N LEU E 166 -2.09 -9.90 23.47
CA LEU E 166 -1.08 -9.90 22.40
C LEU E 166 -1.41 -10.93 21.33
N PHE E 167 -1.94 -12.10 21.73
CA PHE E 167 -2.40 -13.09 20.74
C PHE E 167 -3.55 -12.52 19.89
N ASP E 168 -4.51 -11.86 20.53
CA ASP E 168 -5.56 -11.17 19.79
C ASP E 168 -4.98 -10.23 18.70
N LYS E 169 -3.94 -9.48 19.04
N LYS E 169 -3.94 -9.48 19.04
CA LYS E 169 -3.37 -8.54 18.08
CA LYS E 169 -3.37 -8.54 18.07
C LYS E 169 -2.54 -9.24 17.01
C LYS E 169 -2.54 -9.25 17.01
N HIS E 170 -1.66 -10.16 17.42
CA HIS E 170 -0.65 -10.67 16.49
C HIS E 170 -1.07 -11.88 15.70
N THR E 171 -1.88 -12.77 16.27
CA THR E 171 -2.30 -13.94 15.51
C THR E 171 -3.69 -13.77 14.90
N LEU E 172 -4.63 -13.20 15.63
CA LEU E 172 -5.98 -13.07 15.06
C LEU E 172 -6.20 -11.75 14.35
N GLY E 173 -5.23 -10.85 14.42
CA GLY E 173 -5.43 -9.48 13.95
C GLY E 173 -5.15 -9.33 12.46
N THR F 2 -40.22 37.98 21.13
CA THR F 2 -40.09 36.57 20.76
C THR F 2 -39.40 36.45 19.39
N SER F 3 -38.51 35.48 19.25
CA SER F 3 -37.91 35.22 17.95
C SER F 3 -38.98 34.83 16.93
N GLN F 4 -38.87 35.37 15.71
CA GLN F 4 -39.82 35.04 14.65
C GLN F 4 -39.82 33.57 14.29
N VAL F 5 -38.75 32.82 14.58
CA VAL F 5 -38.73 31.41 14.24
C VAL F 5 -39.22 30.53 15.38
N ARG F 6 -39.37 31.06 16.59
CA ARG F 6 -39.61 30.19 17.74
C ARG F 6 -40.98 29.53 17.66
N GLN F 7 -41.02 28.23 17.90
CA GLN F 7 -42.28 27.49 17.89
C GLN F 7 -42.10 26.23 18.73
N ASN F 8 -42.97 26.06 19.76
CA ASN F 8 -42.99 24.86 20.60
C ASN F 8 -41.66 24.64 21.32
N TYR F 9 -41.01 25.72 21.74
CA TYR F 9 -39.67 25.64 22.33
C TYR F 9 -39.76 26.27 23.72
N HIS F 10 -39.74 25.43 24.75
CA HIS F 10 -39.99 25.94 26.09
C HIS F 10 -38.76 26.68 26.60
N GLN F 11 -39.00 27.67 27.46
CA GLN F 11 -37.87 28.38 28.05
CA GLN F 11 -37.85 28.38 28.02
C GLN F 11 -36.99 27.46 28.88
N ASP F 12 -37.58 26.43 29.51
CA ASP F 12 -36.73 25.51 30.26
C ASP F 12 -35.80 24.72 29.34
N SER F 13 -36.30 24.36 28.15
CA SER F 13 -35.47 23.65 27.18
C SER F 13 -34.33 24.53 26.72
N GLU F 14 -34.65 25.77 26.39
CA GLU F 14 -33.63 26.75 25.99
C GLU F 14 -32.52 26.85 27.05
N ALA F 15 -32.91 26.96 28.33
CA ALA F 15 -31.90 27.03 29.40
C ALA F 15 -31.11 25.74 29.48
N ALA F 16 -31.77 24.59 29.35
CA ALA F 16 -31.08 23.31 29.46
C ALA F 16 -30.06 23.13 28.34
N ILE F 17 -30.40 23.63 27.14
CA ILE F 17 -29.46 23.59 26.02
C ILE F 17 -28.23 24.46 26.30
N ASN F 18 -28.42 25.65 26.87
CA ASN F 18 -27.24 26.44 27.26
C ASN F 18 -26.37 25.70 28.29
N ARG F 19 -26.98 25.01 29.25
N ARG F 19 -27.00 25.02 29.25
CA ARG F 19 -26.17 24.25 30.20
CA ARG F 19 -26.22 24.23 30.21
C ARG F 19 -25.43 23.12 29.51
C ARG F 19 -25.44 23.13 29.51
N GLN F 20 -26.08 22.45 28.54
CA GLN F 20 -25.41 21.35 27.84
C GLN F 20 -24.25 21.85 26.97
N ILE F 21 -24.41 23.03 26.34
CA ILE F 21 -23.29 23.64 25.63
C ILE F 21 -22.08 23.77 26.55
N ASN F 22 -22.30 24.27 27.77
CA ASN F 22 -21.18 24.44 28.69
C ASN F 22 -20.54 23.10 29.04
N LEU F 23 -21.37 22.07 29.23
CA LEU F 23 -20.84 20.76 29.61
C LEU F 23 -20.02 20.15 28.48
N GLU F 24 -20.47 20.31 27.23
CA GLU F 24 -19.69 19.78 26.11
C GLU F 24 -18.34 20.47 25.99
N LEU F 25 -18.30 21.80 26.19
CA LEU F 25 -17.04 22.52 26.19
C LEU F 25 -16.15 22.08 27.35
N TYR F 26 -16.74 21.86 28.53
CA TYR F 26 -15.98 21.32 29.64
C TYR F 26 -15.38 19.95 29.28
N ALA F 27 -16.16 19.08 28.62
CA ALA F 27 -15.60 17.79 28.26
C ALA F 27 -14.48 17.98 27.25
N SER F 28 -14.61 18.94 26.35
CA SER F 28 -13.51 19.19 25.41
C SER F 28 -12.24 19.59 26.17
N TYR F 29 -12.41 20.38 27.25
CA TYR F 29 -11.27 20.86 28.03
C TYR F 29 -10.61 19.72 28.81
N VAL F 30 -11.42 18.81 29.36
CA VAL F 30 -10.87 17.65 30.09
C VAL F 30 -10.01 16.82 29.15
N TYR F 31 -10.55 16.50 27.97
CA TYR F 31 -9.78 15.69 27.03
C TYR F 31 -8.54 16.42 26.51
N LEU F 32 -8.60 17.75 26.34
CA LEU F 32 -7.39 18.50 25.97
C LEU F 32 -6.31 18.37 27.04
N SER F 33 -6.70 18.53 28.30
CA SER F 33 -5.77 18.36 29.42
C SER F 33 -5.16 16.97 29.41
N MET F 34 -6.00 15.95 29.28
CA MET F 34 -5.48 14.59 29.25
C MET F 34 -4.51 14.42 28.11
N SER F 35 -4.83 14.96 26.94
CA SER F 35 -3.98 14.79 25.77
C SER F 35 -2.57 15.25 26.05
N TYR F 36 -2.42 16.48 26.55
CA TYR F 36 -1.07 17.01 26.73
C TYR F 36 -0.37 16.44 27.96
N TYR F 37 -1.11 15.83 28.88
CA TYR F 37 -0.45 15.06 29.92
C TYR F 37 0.36 13.92 29.32
N PHE F 38 -0.18 13.22 28.31
CA PHE F 38 0.55 12.11 27.72
C PHE F 38 1.67 12.57 26.79
N ASP F 39 1.71 13.88 26.52
CA ASP F 39 2.80 14.51 25.77
C ASP F 39 3.94 14.95 26.68
N ARG F 40 3.82 14.85 28.01
CA ARG F 40 4.93 15.18 28.91
C ARG F 40 6.12 14.25 28.66
N ASP F 41 7.34 14.77 28.80
CA ASP F 41 8.52 13.93 28.55
C ASP F 41 8.62 12.78 29.55
N ASP F 42 7.97 12.90 30.72
CA ASP F 42 8.01 11.85 31.74
C ASP F 42 6.78 10.96 31.71
N VAL F 43 5.98 11.04 30.65
CA VAL F 43 4.82 10.17 30.45
C VAL F 43 5.00 9.52 29.08
N ALA F 44 4.99 10.35 28.03
CA ALA F 44 5.52 10.00 26.70
C ALA F 44 4.79 8.83 26.05
N LEU F 45 3.46 8.92 26.01
CA LEU F 45 2.63 7.93 25.30
C LEU F 45 1.90 8.68 24.20
N LYS F 46 2.48 8.72 23.00
N LYS F 46 2.50 8.71 23.00
CA LYS F 46 1.97 9.66 22.00
CA LYS F 46 2.01 9.61 21.95
C LYS F 46 0.64 9.22 21.39
C LYS F 46 0.62 9.22 21.44
N ASN F 47 0.27 7.94 21.48
CA ASN F 47 -1.02 7.56 20.94
C ASN F 47 -2.14 7.76 21.94
N PHE F 48 -1.84 7.68 23.25
CA PHE F 48 -2.79 8.22 24.23
C PHE F 48 -3.00 9.71 23.96
N ALA F 49 -1.91 10.46 23.75
CA ALA F 49 -2.07 11.90 23.50
C ALA F 49 -2.94 12.14 22.26
N LYS F 50 -2.68 11.42 21.17
N LYS F 50 -2.66 11.42 21.17
CA LYS F 50 -3.47 11.63 19.97
CA LYS F 50 -3.45 11.56 19.94
C LYS F 50 -4.93 11.21 20.16
C LYS F 50 -4.91 11.22 20.18
N TYR F 51 -5.17 10.12 20.89
CA TYR F 51 -6.55 9.66 21.11
C TYR F 51 -7.36 10.70 21.87
N PHE F 52 -6.80 11.22 22.97
CA PHE F 52 -7.55 12.22 23.72
C PHE F 52 -7.66 13.53 22.98
N LEU F 53 -6.67 13.89 22.13
CA LEU F 53 -6.83 15.14 21.39
C LEU F 53 -7.99 15.02 20.41
N HIS F 54 -8.09 13.86 19.75
CA HIS F 54 -9.24 13.62 18.87
C HIS F 54 -10.56 13.70 19.64
N GLN F 55 -10.61 13.04 20.80
CA GLN F 55 -11.82 13.14 21.63
C GLN F 55 -12.14 14.58 21.98
N SER F 56 -11.12 15.38 22.29
CA SER F 56 -11.34 16.78 22.63
C SER F 56 -11.99 17.53 21.49
N HIS F 57 -11.46 17.35 20.26
CA HIS F 57 -12.06 18.04 19.13
C HIS F 57 -13.49 17.57 18.86
N GLU F 58 -13.76 16.28 19.07
N GLU F 58 -13.78 16.29 19.09
CA GLU F 58 -15.13 15.80 18.91
CA GLU F 58 -15.15 15.82 18.88
C GLU F 58 -16.08 16.54 19.85
C GLU F 58 -16.12 16.40 19.89
N GLU F 59 -15.66 16.73 21.10
CA GLU F 59 -16.56 17.39 22.07
C GLU F 59 -16.81 18.83 21.65
N ARG F 60 -15.81 19.50 21.09
CA ARG F 60 -16.06 20.86 20.60
CA ARG F 60 -16.07 20.85 20.60
C ARG F 60 -17.10 20.85 19.47
N GLU F 61 -17.04 19.83 18.58
CA GLU F 61 -18.11 19.69 17.59
CA GLU F 61 -18.12 19.68 17.58
C GLU F 61 -19.48 19.47 18.23
N HIS F 62 -19.54 18.67 19.31
CA HIS F 62 -20.80 18.48 20.02
C HIS F 62 -21.35 19.81 20.50
N ALA F 63 -20.48 20.64 21.08
CA ALA F 63 -20.91 21.93 21.58
C ALA F 63 -21.42 22.82 20.45
N GLU F 64 -20.67 22.87 19.34
CA GLU F 64 -21.06 23.76 18.25
C GLU F 64 -22.40 23.35 17.64
N LYS F 65 -22.69 22.05 17.63
CA LYS F 65 -23.96 21.63 17.07
C LYS F 65 -25.12 22.03 17.97
N LEU F 66 -24.88 22.06 19.27
CA LEU F 66 -25.92 22.55 20.19
C LEU F 66 -26.10 24.05 20.08
N MET F 67 -25.01 24.81 19.84
CA MET F 67 -25.17 26.22 19.59
C MET F 67 -25.99 26.47 18.33
N LYS F 68 -25.74 25.67 17.29
N LYS F 68 -25.74 25.67 17.29
CA LYS F 68 -26.53 25.78 16.07
CA LYS F 68 -26.53 25.78 16.07
C LYS F 68 -27.99 25.49 16.36
C LYS F 68 -28.00 25.47 16.34
N LEU F 69 -28.25 24.44 17.15
CA LEU F 69 -29.62 24.08 17.48
C LEU F 69 -30.31 25.22 18.21
N GLN F 70 -29.63 25.81 19.19
CA GLN F 70 -30.23 26.93 19.94
C GLN F 70 -30.73 28.00 18.97
N ASN F 71 -29.88 28.38 18.01
CA ASN F 71 -30.33 29.42 17.07
C ASN F 71 -31.39 28.89 16.12
N GLN F 72 -31.31 27.61 15.74
CA GLN F 72 -32.32 27.06 14.84
C GLN F 72 -33.71 27.18 15.45
N ARG F 73 -33.80 27.01 16.75
CA ARG F 73 -35.09 27.01 17.42
C ARG F 73 -35.50 28.39 17.94
N GLY F 74 -34.66 29.40 17.75
CA GLY F 74 -35.00 30.73 18.19
C GLY F 74 -34.61 31.05 19.62
N GLY F 75 -33.90 30.14 20.29
CA GLY F 75 -33.38 30.41 21.61
C GLY F 75 -32.14 31.27 21.51
N ARG F 76 -31.64 31.72 22.66
CA ARG F 76 -30.51 32.63 22.67
C ARG F 76 -29.39 32.03 23.49
N ILE F 77 -28.21 31.98 22.88
CA ILE F 77 -27.03 31.38 23.51
C ILE F 77 -26.51 32.30 24.60
N PHE F 78 -26.32 31.75 25.80
CA PHE F 78 -25.64 32.45 26.89
C PHE F 78 -24.53 31.53 27.35
N LEU F 79 -23.30 31.95 27.12
CA LEU F 79 -22.13 31.16 27.47
C LEU F 79 -21.72 31.46 28.91
N GLN F 80 -21.09 30.47 29.53
CA GLN F 80 -20.55 30.63 30.88
C GLN F 80 -19.09 30.21 30.88
N ASP F 81 -18.41 30.53 31.98
CA ASP F 81 -17.01 30.09 32.13
C ASP F 81 -16.91 28.59 31.86
N ILE F 82 -15.82 28.18 31.21
CA ILE F 82 -15.48 26.76 31.10
C ILE F 82 -14.55 26.42 32.25
N LYS F 83 -15.02 25.59 33.18
N LYS F 83 -15.03 25.61 33.20
CA LYS F 83 -14.21 25.27 34.36
CA LYS F 83 -14.23 25.28 34.36
C LYS F 83 -13.02 24.42 33.95
C LYS F 83 -13.03 24.42 33.96
N LYS F 84 -11.89 24.64 34.63
CA LYS F 84 -10.74 23.79 34.39
C LYS F 84 -11.03 22.35 34.85
N PRO F 85 -10.35 21.36 34.29
CA PRO F 85 -10.56 19.98 34.73
C PRO F 85 -10.17 19.78 36.20
N ASP F 86 -10.72 18.71 36.80
N ASP F 86 -10.69 18.68 36.76
CA ASP F 86 -10.51 18.43 38.22
CA ASP F 86 -10.55 18.38 38.17
C ASP F 86 -9.13 17.90 38.56
C ASP F 86 -9.12 17.98 38.53
N SER F 87 -8.36 17.44 37.57
CA SER F 87 -6.97 17.03 37.78
C SER F 87 -6.05 17.80 36.86
N ASP F 88 -4.82 18.02 37.33
CA ASP F 88 -3.73 18.48 36.49
C ASP F 88 -2.84 17.34 36.03
N ASP F 89 -2.68 16.34 36.89
CA ASP F 89 -1.83 15.16 36.66
C ASP F 89 -2.77 13.97 36.55
N TRP F 90 -2.81 13.32 35.39
CA TRP F 90 -3.77 12.24 35.22
C TRP F 90 -3.21 10.87 35.59
N GLU F 91 -1.96 10.80 36.10
CA GLU F 91 -1.38 9.66 36.81
C GLU F 91 -0.96 8.51 35.90
N SER F 92 -1.84 8.09 34.99
CA SER F 92 -1.53 6.93 34.17
C SER F 92 -2.52 6.84 33.00
N GLY F 93 -2.16 6.00 32.01
CA GLY F 93 -3.10 5.69 30.95
C GLY F 93 -4.42 5.12 31.47
N LEU F 94 -4.33 4.16 32.39
CA LEU F 94 -5.53 3.55 32.96
C LEU F 94 -6.38 4.59 33.70
N ASN F 95 -5.73 5.45 34.51
CA ASN F 95 -6.53 6.40 35.27
C ASN F 95 -7.21 7.40 34.34
N ALA F 96 -6.51 7.80 33.27
CA ALA F 96 -7.15 8.73 32.34
C ALA F 96 -8.36 8.07 31.66
N MET F 97 -8.23 6.81 31.26
CA MET F 97 -9.35 6.11 30.64
C MET F 97 -10.51 5.98 31.62
N GLU F 98 -10.21 5.65 32.88
CA GLU F 98 -11.28 5.54 33.88
C GLU F 98 -11.94 6.90 34.09
N SER F 99 -11.13 7.97 34.11
CA SER F 99 -11.68 9.30 34.30
C SER F 99 -12.54 9.71 33.12
N ALA F 100 -12.11 9.34 31.90
CA ALA F 100 -12.90 9.66 30.72
C ALA F 100 -14.20 8.87 30.73
N LEU F 101 -14.16 7.62 31.18
CA LEU F 101 -15.41 6.84 31.29
C LEU F 101 -16.39 7.54 32.23
N HIS F 102 -15.90 7.96 33.40
CA HIS F 102 -16.76 8.67 34.36
C HIS F 102 -17.35 9.93 33.73
N LEU F 103 -16.52 10.68 33.01
CA LEU F 103 -16.97 11.91 32.35
C LEU F 103 -18.05 11.61 31.32
N GLU F 104 -17.83 10.60 30.48
CA GLU F 104 -18.83 10.31 29.47
C GLU F 104 -20.14 9.83 30.08
N LYS F 105 -20.10 9.08 31.18
N LYS F 105 -20.08 9.09 31.19
CA LYS F 105 -21.37 8.72 31.80
CA LYS F 105 -21.32 8.70 31.84
C LYS F 105 -22.03 9.93 32.44
C LYS F 105 -22.02 9.91 32.46
N ASN F 106 -21.25 10.87 32.97
CA ASN F 106 -21.84 12.09 33.49
C ASN F 106 -22.53 12.87 32.39
N VAL F 107 -21.89 12.98 31.22
CA VAL F 107 -22.48 13.71 30.10
C VAL F 107 -23.73 13.00 29.63
N ASN F 108 -23.68 11.68 29.55
CA ASN F 108 -24.85 10.90 29.16
C ASN F 108 -26.02 11.14 30.11
N GLN F 109 -25.76 11.18 31.41
N GLN F 109 -25.76 11.18 31.42
CA GLN F 109 -26.83 11.45 32.36
CA GLN F 109 -26.85 11.45 32.36
C GLN F 109 -27.47 12.81 32.10
C GLN F 109 -27.48 12.81 32.10
N SER F 110 -26.66 13.83 31.82
CA SER F 110 -27.20 15.15 31.49
C SER F 110 -28.04 15.11 30.21
N LEU F 111 -27.60 14.36 29.20
CA LEU F 111 -28.38 14.25 27.97
C LEU F 111 -29.71 13.54 28.20
N LEU F 112 -29.71 12.50 29.04
CA LEU F 112 -30.96 11.80 29.37
C LEU F 112 -31.92 12.73 30.11
N GLU F 113 -31.39 13.56 31.01
CA GLU F 113 -32.26 14.53 31.70
C GLU F 113 -32.81 15.54 30.70
N LEU F 114 -31.98 15.95 29.73
N LEU F 114 -31.97 15.95 29.73
CA LEU F 114 -32.46 16.87 28.70
CA LEU F 114 -32.41 16.86 28.68
C LEU F 114 -33.55 16.23 27.85
C LEU F 114 -33.52 16.23 27.85
N HIS F 115 -33.38 14.94 27.54
CA HIS F 115 -34.40 14.24 26.77
C HIS F 115 -35.69 14.13 27.57
N LYS F 116 -35.58 13.80 28.86
N LYS F 116 -35.60 13.82 28.86
CA LYS F 116 -36.75 13.80 29.74
CA LYS F 116 -36.81 13.79 29.69
C LYS F 116 -37.47 15.14 29.71
C LYS F 116 -37.50 15.15 29.70
N LEU F 117 -36.73 16.24 29.79
CA LEU F 117 -37.34 17.56 29.72
C LEU F 117 -38.04 17.78 28.38
N ALA F 118 -37.38 17.43 27.28
CA ALA F 118 -37.98 17.60 25.97
C ALA F 118 -39.27 16.80 25.84
N THR F 119 -39.25 15.57 26.35
CA THR F 119 -40.45 14.73 26.39
C THR F 119 -41.54 15.37 27.23
N ASP F 120 -41.19 15.85 28.42
N ASP F 120 -41.18 15.87 28.41
CA ASP F 120 -42.18 16.46 29.31
CA ASP F 120 -42.20 16.44 29.31
C ASP F 120 -42.83 17.68 28.66
C ASP F 120 -42.81 17.72 28.73
N LYS F 121 -42.05 18.47 27.92
CA LYS F 121 -42.56 19.65 27.25
C LYS F 121 -43.11 19.34 25.86
N ASN F 122 -43.29 18.07 25.52
CA ASN F 122 -43.82 17.65 24.23
C ASN F 122 -43.11 18.35 23.07
N ASP F 123 -41.79 18.23 23.05
CA ASP F 123 -40.93 18.83 22.01
C ASP F 123 -40.28 17.70 21.24
N PRO F 124 -40.97 17.12 20.26
CA PRO F 124 -40.40 15.97 19.56
C PRO F 124 -39.25 16.35 18.65
N HIS F 125 -39.19 17.60 18.18
CA HIS F 125 -38.00 17.96 17.40
C HIS F 125 -36.76 17.91 18.28
N LEU F 126 -36.87 18.43 19.49
CA LEU F 126 -35.71 18.39 20.39
C LEU F 126 -35.40 16.95 20.83
N SER F 127 -36.41 16.15 21.18
CA SER F 127 -36.12 14.79 21.61
CA SER F 127 -36.16 14.76 21.59
C SER F 127 -35.49 13.99 20.48
N ASP F 128 -35.96 14.17 19.24
CA ASP F 128 -35.34 13.52 18.10
C ASP F 128 -33.91 14.00 17.89
N PHE F 129 -33.66 15.31 18.07
CA PHE F 129 -32.31 15.85 17.93
C PHE F 129 -31.36 15.17 18.89
N ILE F 130 -31.76 15.04 20.16
CA ILE F 130 -30.89 14.44 21.16
C ILE F 130 -30.65 12.97 20.84
N GLU F 131 -31.73 12.24 20.50
CA GLU F 131 -31.58 10.83 20.16
C GLU F 131 -30.67 10.65 18.96
N THR F 132 -30.88 11.47 17.93
CA THR F 132 -30.18 11.28 16.66
C THR F 132 -28.70 11.58 16.78
N HIS F 133 -28.34 12.68 17.44
CA HIS F 133 -26.98 13.15 17.37
C HIS F 133 -26.19 12.91 18.63
N TYR F 134 -26.83 12.53 19.73
CA TYR F 134 -26.11 12.46 20.98
C TYR F 134 -26.22 11.12 21.69
N LEU F 135 -27.40 10.48 21.70
CA LEU F 135 -27.56 9.37 22.63
C LEU F 135 -26.73 8.14 22.22
N ASN F 136 -26.75 7.77 20.93
CA ASN F 136 -25.97 6.59 20.54
C ASN F 136 -24.49 6.91 20.50
N GLU F 137 -24.13 8.16 20.17
CA GLU F 137 -22.74 8.57 20.30
CA GLU F 137 -22.75 8.60 20.30
C GLU F 137 -22.22 8.36 21.72
N GLN F 138 -23.03 8.68 22.74
CA GLN F 138 -22.60 8.44 24.12
C GLN F 138 -22.47 6.95 24.40
N VAL F 139 -23.45 6.15 23.98
CA VAL F 139 -23.37 4.71 24.23
C VAL F 139 -22.10 4.13 23.59
N LYS F 140 -21.79 4.53 22.35
CA LYS F 140 -20.58 4.01 21.72
C LYS F 140 -19.33 4.46 22.45
N ALA F 141 -19.29 5.73 22.88
CA ALA F 141 -18.10 6.24 23.57
C ALA F 141 -17.88 5.52 24.90
N ILE F 142 -18.97 5.27 25.65
CA ILE F 142 -18.86 4.58 26.93
C ILE F 142 -18.42 3.14 26.73
N LYS F 143 -18.97 2.48 25.70
CA LYS F 143 -18.58 1.10 25.44
C LYS F 143 -17.10 1.01 25.10
N GLU F 144 -16.61 1.94 24.27
CA GLU F 144 -15.20 1.93 23.87
C GLU F 144 -14.28 2.18 25.05
N LEU F 145 -14.62 3.14 25.90
CA LEU F 145 -13.81 3.39 27.09
C LEU F 145 -13.84 2.21 28.03
N GLY F 146 -15.01 1.58 28.20
CA GLY F 146 -15.06 0.38 29.02
C GLY F 146 -14.13 -0.69 28.48
N ASP F 147 -14.18 -0.92 27.16
CA ASP F 147 -13.26 -1.89 26.54
C ASP F 147 -11.82 -1.54 26.86
N HIS F 148 -11.46 -0.27 26.70
CA HIS F 148 -10.08 0.16 26.92
C HIS F 148 -9.67 -0.07 28.38
N VAL F 149 -10.54 0.32 29.32
CA VAL F 149 -10.23 0.10 30.73
C VAL F 149 -10.01 -1.38 31.01
N THR F 150 -10.90 -2.23 30.47
CA THR F 150 -10.75 -3.67 30.66
C THR F 150 -9.40 -4.18 30.17
N ASN F 151 -9.02 -3.81 28.95
CA ASN F 151 -7.76 -4.30 28.40
C ASN F 151 -6.58 -3.82 29.24
N LEU F 152 -6.59 -2.54 29.61
CA LEU F 152 -5.48 -2.04 30.42
C LEU F 152 -5.37 -2.78 31.76
N ARG F 153 -6.51 -3.01 32.43
N ARG F 153 -6.50 -2.99 32.44
CA ARG F 153 -6.48 -3.77 33.68
CA ARG F 153 -6.50 -3.78 33.66
C ARG F 153 -5.97 -5.19 33.44
C ARG F 153 -5.95 -5.17 33.42
N LYS F 154 -6.49 -5.87 32.40
CA LYS F 154 -6.06 -7.25 32.14
C LYS F 154 -4.58 -7.33 31.84
N MET F 155 -4.03 -6.30 31.18
CA MET F 155 -2.62 -6.29 30.80
C MET F 155 -1.69 -5.98 31.98
N GLY F 156 -2.22 -5.51 33.10
CA GLY F 156 -1.41 -5.19 34.27
C GLY F 156 -1.18 -3.71 34.57
N ALA F 157 -1.88 -2.82 33.88
CA ALA F 157 -1.75 -1.39 34.16
C ALA F 157 -2.40 -1.06 35.51
N PRO F 158 -1.97 0.02 36.18
CA PRO F 158 -0.97 1.01 35.76
C PRO F 158 0.43 0.63 36.16
N GLU F 159 0.56 -0.46 36.94
CA GLU F 159 1.86 -0.78 37.52
C GLU F 159 2.84 -1.23 36.45
N SER F 160 2.36 -1.99 35.46
CA SER F 160 3.15 -2.37 34.30
C SER F 160 3.24 -1.17 33.34
N GLY F 161 4.40 -0.53 33.31
CA GLY F 161 4.64 0.48 32.30
C GLY F 161 4.72 -0.13 30.91
N LEU F 162 5.19 -1.39 30.81
CA LEU F 162 5.08 -2.19 29.57
C LEU F 162 3.65 -2.36 29.05
N ALA F 163 2.69 -2.63 29.96
CA ALA F 163 1.30 -2.74 29.51
C ALA F 163 0.83 -1.45 28.86
N GLU F 164 1.07 -0.29 29.50
CA GLU F 164 0.59 0.94 28.88
C GLU F 164 1.31 1.23 27.58
N TYR F 165 2.61 0.91 27.52
CA TYR F 165 3.37 1.11 26.28
C TYR F 165 2.78 0.27 25.16
N LEU F 166 2.48 -0.99 25.43
CA LEU F 166 2.01 -1.89 24.36
C LEU F 166 0.58 -1.56 23.96
N PHE F 167 -0.27 -1.17 24.93
CA PHE F 167 -1.61 -0.70 24.59
C PHE F 167 -1.58 0.54 23.71
N ASP F 168 -0.69 1.48 24.05
CA ASP F 168 -0.51 2.67 23.22
C ASP F 168 -0.19 2.29 21.78
N LYS F 169 0.68 1.30 21.59
CA LYS F 169 1.08 0.90 20.24
CA LYS F 169 1.08 0.90 20.24
C LYS F 169 -0.03 0.12 19.54
N HIS F 170 -0.62 -0.87 20.22
CA HIS F 170 -1.46 -1.84 19.52
C HIS F 170 -2.93 -1.47 19.46
N THR F 171 -3.45 -0.80 20.47
CA THR F 171 -4.86 -0.42 20.42
C THR F 171 -5.05 1.02 19.97
N LEU F 172 -4.23 1.93 20.45
CA LEU F 172 -4.45 3.33 20.07
C LEU F 172 -3.64 3.74 18.85
N GLY F 173 -2.78 2.86 18.37
CA GLY F 173 -1.81 3.22 17.35
C GLY F 173 -2.38 3.11 15.95
N SER G 1 36.07 -13.05 26.36
CA SER G 1 35.22 -14.15 25.92
C SER G 1 34.92 -14.03 24.43
N THR G 2 34.99 -15.16 23.72
CA THR G 2 34.98 -15.12 22.26
C THR G 2 33.57 -14.83 21.75
N SER G 3 33.49 -14.01 20.69
CA SER G 3 32.22 -13.82 20.00
C SER G 3 31.72 -15.14 19.42
N GLN G 4 30.41 -15.40 19.57
CA GLN G 4 29.81 -16.62 19.03
C GLN G 4 29.92 -16.72 17.51
N VAL G 5 30.13 -15.59 16.79
CA VAL G 5 30.27 -15.67 15.33
C VAL G 5 31.72 -15.79 14.87
N ARG G 6 32.69 -15.57 15.75
CA ARG G 6 34.08 -15.44 15.30
C ARG G 6 34.58 -16.78 14.74
N GLN G 7 35.19 -16.73 13.56
CA GLN G 7 35.77 -17.94 12.99
C GLN G 7 36.88 -17.53 12.02
N ASN G 8 38.09 -18.09 12.21
CA ASN G 8 39.22 -17.84 11.30
C ASN G 8 39.56 -16.34 11.19
N TYR G 9 39.45 -15.60 12.30
CA TYR G 9 39.65 -14.16 12.30
C TYR G 9 40.74 -13.83 13.31
N HIS G 10 41.92 -13.51 12.82
CA HIS G 10 43.07 -13.36 13.69
C HIS G 10 42.97 -12.04 14.44
N GLN G 11 43.51 -12.01 15.66
N GLN G 11 43.52 -12.00 15.66
CA GLN G 11 43.50 -10.76 16.43
CA GLN G 11 43.46 -10.75 16.40
C GLN G 11 44.27 -9.65 15.72
C GLN G 11 44.27 -9.64 15.73
N ASP G 12 45.32 -10.00 14.96
CA ASP G 12 46.06 -8.97 14.24
C ASP G 12 45.21 -8.36 13.13
N SER G 13 44.39 -9.19 12.47
CA SER G 13 43.47 -8.69 11.45
C SER G 13 42.45 -7.75 12.06
N GLU G 14 41.89 -8.15 13.21
CA GLU G 14 40.93 -7.31 13.92
C GLU G 14 41.53 -5.93 14.24
N ALA G 15 42.75 -5.92 14.74
CA ALA G 15 43.42 -4.64 15.03
C ALA G 15 43.65 -3.83 13.77
N ALA G 16 44.08 -4.49 12.70
CA ALA G 16 44.38 -3.79 11.46
C ALA G 16 43.11 -3.16 10.87
N ILE G 17 41.97 -3.84 11.04
CA ILE G 17 40.71 -3.28 10.57
C ILE G 17 40.34 -2.03 11.36
N ASN G 18 40.57 -2.04 12.70
CA ASN G 18 40.34 -0.82 13.46
C ASN G 18 41.25 0.33 12.99
N ARG G 19 42.51 0.04 12.64
N ARG G 19 42.51 0.02 12.65
CA ARG G 19 43.38 1.08 12.12
CA ARG G 19 43.39 1.06 12.11
C ARG G 19 42.87 1.60 10.77
C ARG G 19 42.86 1.59 10.78
N GLN G 20 42.37 0.70 9.92
CA GLN G 20 41.88 1.16 8.62
C GLN G 20 40.60 2.00 8.75
N ILE G 21 39.73 1.65 9.72
CA ILE G 21 38.56 2.51 9.99
C ILE G 21 39.01 3.94 10.26
N ASN G 22 40.03 4.10 11.12
CA ASN G 22 40.48 5.45 11.46
C ASN G 22 41.02 6.17 10.22
N LEU G 23 41.76 5.45 9.38
CA LEU G 23 42.37 6.06 8.20
C LEU G 23 41.30 6.50 7.19
N GLU G 24 40.26 5.70 7.02
CA GLU G 24 39.17 6.10 6.13
C GLU G 24 38.45 7.35 6.66
N LEU G 25 38.24 7.42 7.98
CA LEU G 25 37.65 8.62 8.57
C LEU G 25 38.58 9.81 8.41
N TYR G 26 39.89 9.58 8.57
CA TYR G 26 40.83 10.66 8.34
C TYR G 26 40.77 11.14 6.89
N ALA G 27 40.64 10.21 5.92
CA ALA G 27 40.54 10.65 4.53
C ALA G 27 39.26 11.44 4.31
N SER G 28 38.19 11.05 4.99
CA SER G 28 36.94 11.82 4.85
C SER G 28 37.14 13.24 5.37
N TYR G 29 37.93 13.39 6.43
CA TYR G 29 38.18 14.71 7.03
C TYR G 29 39.05 15.56 6.12
N VAL G 30 40.06 14.96 5.49
CA VAL G 30 40.92 15.71 4.56
C VAL G 30 40.08 16.27 3.42
N TYR G 31 39.23 15.42 2.83
CA TYR G 31 38.42 15.88 1.71
C TYR G 31 37.39 16.91 2.14
N LEU G 32 36.84 16.77 3.36
CA LEU G 32 35.94 17.80 3.88
C LEU G 32 36.64 19.15 3.98
N SER G 33 37.85 19.17 4.54
CA SER G 33 38.66 20.38 4.62
C SER G 33 38.89 20.96 3.25
N MET G 34 39.33 20.12 2.29
CA MET G 34 39.55 20.63 0.94
C MET G 34 38.29 21.24 0.36
N SER G 35 37.16 20.58 0.58
CA SER G 35 35.90 21.05 -0.01
C SER G 35 35.61 22.48 0.39
N TYR G 36 35.65 22.76 1.70
CA TYR G 36 35.27 24.09 2.14
C TYR G 36 36.36 25.14 1.90
N TYR G 37 37.60 24.70 1.65
CA TYR G 37 38.61 25.65 1.16
C TYR G 37 38.17 26.24 -0.17
N PHE G 38 37.61 25.42 -1.07
CA PHE G 38 37.21 25.97 -2.37
C PHE G 38 35.89 26.75 -2.27
N ASP G 39 35.24 26.70 -1.12
CA ASP G 39 34.06 27.51 -0.83
C ASP G 39 34.42 28.87 -0.25
N ARG G 40 35.70 29.13 0.04
CA ARG G 40 36.09 30.45 0.53
C ARG G 40 35.83 31.53 -0.52
N ASP G 41 35.46 32.73 -0.06
CA ASP G 41 35.16 33.80 -1.04
C ASP G 41 36.39 34.20 -1.85
N ASP G 42 37.59 33.93 -1.35
CA ASP G 42 38.83 34.29 -2.06
C ASP G 42 39.43 33.11 -2.82
N VAL G 43 38.65 32.06 -3.00
CA VAL G 43 39.05 30.87 -3.77
C VAL G 43 37.96 30.65 -4.79
N ALA G 44 36.76 30.29 -4.31
CA ALA G 44 35.50 30.43 -5.06
C ALA G 44 35.44 29.52 -6.29
N LEU G 45 35.74 28.24 -6.11
CA LEU G 45 35.70 27.26 -7.20
C LEU G 45 34.66 26.23 -6.75
N LYS G 46 33.40 26.45 -7.12
N LYS G 46 33.40 26.46 -7.16
CA LYS G 46 32.32 25.68 -6.53
CA LYS G 46 32.28 25.71 -6.61
C LYS G 46 32.29 24.22 -6.97
C LYS G 46 32.34 24.23 -6.96
N ASN G 47 32.87 23.91 -8.13
CA ASN G 47 32.84 22.49 -8.52
C ASN G 47 34.01 21.73 -7.94
N PHE G 48 35.15 22.40 -7.69
CA PHE G 48 36.16 21.78 -6.80
C PHE G 48 35.54 21.48 -5.45
N ALA G 49 34.78 22.43 -4.89
CA ALA G 49 34.19 22.21 -3.58
C ALA G 49 33.22 21.03 -3.63
N LYS G 50 32.39 20.95 -4.67
CA LYS G 50 31.46 19.84 -4.76
CA LYS G 50 31.45 19.84 -4.82
C LYS G 50 32.18 18.51 -4.96
N TYR G 51 33.22 18.48 -5.78
CA TYR G 51 33.97 17.24 -6.04
C TYR G 51 34.57 16.68 -4.75
N PHE G 52 35.22 17.53 -3.96
CA PHE G 52 35.84 17.03 -2.75
C PHE G 52 34.79 16.70 -1.70
N LEU G 53 33.65 17.39 -1.69
CA LEU G 53 32.63 17.00 -0.70
C LEU G 53 32.11 15.61 -1.01
N HIS G 54 31.89 15.33 -2.30
CA HIS G 54 31.48 13.98 -2.69
C HIS G 54 32.53 12.96 -2.31
N GLN G 55 33.81 13.25 -2.57
CA GLN G 55 34.87 12.35 -2.15
C GLN G 55 34.84 12.13 -0.64
N SER G 56 34.57 13.20 0.12
CA SER G 56 34.53 13.08 1.57
C SER G 56 33.44 12.12 2.01
N HIS G 57 32.24 12.24 1.44
CA HIS G 57 31.17 11.33 1.82
C HIS G 57 31.46 9.89 1.40
N GLU G 58 32.13 9.69 0.27
N GLU G 58 32.15 9.68 0.29
CA GLU G 58 32.54 8.34 -0.11
CA GLU G 58 32.48 8.31 -0.09
C GLU G 58 33.42 7.72 0.97
C GLU G 58 33.50 7.68 0.85
N GLU G 59 34.38 8.48 1.47
CA GLU G 59 35.31 7.92 2.45
C GLU G 59 34.57 7.57 3.73
N ARG G 60 33.58 8.35 4.12
CA ARG G 60 32.78 7.94 5.28
CA ARG G 60 32.75 7.96 5.27
C ARG G 60 32.06 6.61 5.01
N GLU G 61 31.56 6.41 3.79
CA GLU G 61 30.99 5.09 3.45
C GLU G 61 32.02 3.98 3.54
N HIS G 62 33.27 4.25 3.09
CA HIS G 62 34.33 3.23 3.22
C HIS G 62 34.53 2.85 4.68
N ALA G 63 34.57 3.86 5.54
CA ALA G 63 34.73 3.59 6.97
C ALA G 63 33.57 2.77 7.53
N GLU G 64 32.33 3.15 7.19
CA GLU G 64 31.20 2.44 7.77
C GLU G 64 31.17 0.98 7.31
N LYS G 65 31.59 0.70 6.08
N LYS G 65 31.59 0.70 6.08
CA LYS G 65 31.59 -0.67 5.60
CA LYS G 65 31.57 -0.69 5.63
C LYS G 65 32.60 -1.52 6.36
C LYS G 65 32.60 -1.53 6.36
N LEU G 66 33.71 -0.90 6.76
CA LEU G 66 34.69 -1.63 7.57
C LEU G 66 34.19 -1.84 8.99
N MET G 67 33.44 -0.88 9.53
CA MET G 67 32.82 -1.09 10.83
C MET G 67 31.83 -2.26 10.78
N LYS G 68 31.04 -2.31 9.70
CA LYS G 68 30.14 -3.45 9.51
CA LYS G 68 30.14 -3.45 9.51
C LYS G 68 30.92 -4.75 9.42
N LEU G 69 32.03 -4.74 8.68
CA LEU G 69 32.83 -5.96 8.54
C LEU G 69 33.34 -6.43 9.90
N GLN G 70 33.88 -5.50 10.70
CA GLN G 70 34.37 -5.84 12.03
C GLN G 70 33.31 -6.60 12.82
N ASN G 71 32.08 -6.09 12.84
CA ASN G 71 31.01 -6.79 13.56
C ASN G 71 30.62 -8.10 12.89
N GLN G 72 30.63 -8.14 11.55
CA GLN G 72 30.29 -9.37 10.84
C GLN G 72 31.21 -10.50 11.26
N ARG G 73 32.47 -10.20 11.48
CA ARG G 73 33.46 -11.24 11.79
C ARG G 73 33.60 -11.49 13.28
N GLY G 74 32.88 -10.75 14.12
CA GLY G 74 32.97 -10.95 15.54
C GLY G 74 34.06 -10.14 16.23
N GLY G 75 34.75 -9.26 15.52
CA GLY G 75 35.73 -8.41 16.15
C GLY G 75 35.02 -7.25 16.82
N ARG G 76 35.79 -6.42 17.52
CA ARG G 76 35.20 -5.34 18.29
C ARG G 76 35.80 -4.02 17.83
N ILE G 77 34.94 -3.08 17.49
CA ILE G 77 35.35 -1.75 17.04
C ILE G 77 35.93 -0.96 18.21
N PHE G 78 37.13 -0.42 18.02
CA PHE G 78 37.70 0.56 18.94
C PHE G 78 38.09 1.76 18.09
N LEU G 79 37.37 2.85 18.29
CA LEU G 79 37.62 4.08 17.57
C LEU G 79 38.72 4.90 18.26
N GLN G 80 39.41 5.69 17.46
CA GLN G 80 40.44 6.60 17.94
C GLN G 80 40.15 8.01 17.43
N ASP G 81 40.85 9.00 18.00
CA ASP G 81 40.71 10.37 17.51
C ASP G 81 40.91 10.43 16.00
N ILE G 82 40.14 11.26 15.32
CA ILE G 82 40.37 11.55 13.91
CA ILE G 82 40.36 11.56 13.91
C ILE G 82 41.27 12.79 13.83
N LYS G 83 42.50 12.62 13.36
N LYS G 83 42.51 12.60 13.40
CA LYS G 83 43.43 13.73 13.34
CA LYS G 83 43.43 13.73 13.31
C LYS G 83 43.03 14.75 12.28
C LYS G 83 42.90 14.77 12.33
N LYS G 84 43.21 16.04 12.62
CA LYS G 84 42.92 17.08 11.65
C LYS G 84 43.87 16.95 10.46
N PRO G 85 43.46 17.44 9.30
CA PRO G 85 44.34 17.37 8.12
C PRO G 85 45.63 18.19 8.32
N ASP G 86 46.64 17.86 7.52
N ASP G 86 46.61 17.86 7.48
CA ASP G 86 47.96 18.48 7.67
CA ASP G 86 47.96 18.41 7.57
C ASP G 86 48.01 19.91 7.18
C ASP G 86 48.05 19.87 7.10
N SER G 87 47.05 20.34 6.36
CA SER G 87 47.00 21.73 5.91
C SER G 87 45.65 22.34 6.26
N ASP G 88 45.65 23.64 6.52
CA ASP G 88 44.42 24.42 6.62
C ASP G 88 44.11 25.15 5.32
N ASP G 89 45.15 25.59 4.62
CA ASP G 89 45.06 26.32 3.36
C ASP G 89 45.61 25.41 2.27
N TRP G 90 44.76 25.02 1.33
CA TRP G 90 45.22 24.05 0.32
C TRP G 90 45.82 24.70 -0.92
N GLU G 91 45.96 26.04 -0.93
N GLU G 91 45.89 26.04 -0.94
CA GLU G 91 46.78 26.81 -1.88
CA GLU G 91 46.72 26.86 -1.84
C GLU G 91 46.15 26.98 -3.25
C GLU G 91 46.18 26.97 -3.27
N SER G 92 45.73 25.87 -3.88
CA SER G 92 45.23 25.93 -5.25
C SER G 92 44.49 24.65 -5.59
N GLY G 93 43.75 24.69 -6.71
CA GLY G 93 43.12 23.48 -7.21
C GLY G 93 44.14 22.39 -7.51
N LEU G 94 45.25 22.76 -8.15
CA LEU G 94 46.29 21.78 -8.45
C LEU G 94 46.88 21.19 -7.18
N ASN G 95 47.18 22.03 -6.20
CA ASN G 95 47.80 21.49 -4.99
C ASN G 95 46.84 20.57 -4.24
N ALA G 96 45.55 20.92 -4.24
CA ALA G 96 44.60 20.02 -3.59
C ALA G 96 44.55 18.68 -4.31
N MET G 97 44.55 18.72 -5.65
CA MET G 97 44.50 17.45 -6.41
C MET G 97 45.74 16.62 -6.16
N GLU G 98 46.93 17.27 -6.13
CA GLU G 98 48.17 16.52 -5.84
C GLU G 98 48.15 15.94 -4.43
N SER G 99 47.62 16.71 -3.46
CA SER G 99 47.51 16.23 -2.08
C SER G 99 46.54 15.07 -1.97
N ALA G 100 45.43 15.12 -2.71
CA ALA G 100 44.49 14.00 -2.70
C ALA G 100 45.11 12.76 -3.35
N LEU G 101 45.88 12.94 -4.42
CA LEU G 101 46.59 11.80 -5.01
C LEU G 101 47.53 11.14 -3.99
N HIS G 102 48.32 11.95 -3.29
CA HIS G 102 49.22 11.43 -2.26
C HIS G 102 48.45 10.69 -1.18
N LEU G 103 47.31 11.26 -0.76
CA LEU G 103 46.46 10.62 0.25
C LEU G 103 45.94 9.28 -0.25
N GLU G 104 45.45 9.24 -1.48
CA GLU G 104 44.88 7.98 -1.95
C GLU G 104 45.95 6.90 -2.12
N LYS G 105 47.16 7.27 -2.54
N LYS G 105 47.16 7.27 -2.51
CA LYS G 105 48.21 6.26 -2.61
CA LYS G 105 48.20 6.26 -2.62
C LYS G 105 48.59 5.78 -1.21
C LYS G 105 48.68 5.81 -1.24
N ASN G 106 48.56 6.69 -0.23
CA ASN G 106 48.83 6.28 1.15
CA ASN G 106 48.84 6.26 1.13
C ASN G 106 47.78 5.30 1.64
N VAL G 107 46.51 5.57 1.36
CA VAL G 107 45.44 4.68 1.78
C VAL G 107 45.57 3.34 1.06
N ASN G 108 45.89 3.39 -0.23
CA ASN G 108 46.11 2.16 -0.98
C ASN G 108 47.23 1.32 -0.37
N GLN G 109 48.34 1.95 0.01
CA GLN G 109 49.42 1.20 0.64
CA GLN G 109 49.41 1.19 0.64
C GLN G 109 48.95 0.51 1.92
N SER G 110 48.15 1.20 2.73
CA SER G 110 47.57 0.58 3.92
C SER G 110 46.69 -0.62 3.56
N LEU G 111 45.88 -0.49 2.50
CA LEU G 111 45.01 -1.61 2.15
C LEU G 111 45.80 -2.80 1.62
N LEU G 112 46.90 -2.55 0.90
CA LEU G 112 47.75 -3.63 0.43
C LEU G 112 48.43 -4.34 1.59
N GLU G 113 48.84 -3.58 2.61
CA GLU G 113 49.43 -4.20 3.79
C GLU G 113 48.38 -5.02 4.53
N LEU G 114 47.14 -4.50 4.56
CA LEU G 114 46.05 -5.26 5.17
CA LEU G 114 46.03 -5.24 5.14
C LEU G 114 45.78 -6.54 4.39
N HIS G 115 45.85 -6.49 3.06
CA HIS G 115 45.64 -7.69 2.27
C HIS G 115 46.76 -8.70 2.52
N LYS G 116 48.00 -8.21 2.62
CA LYS G 116 49.12 -9.10 2.93
CA LYS G 116 49.12 -9.09 2.93
C LYS G 116 48.90 -9.80 4.27
N LEU G 117 48.43 -9.07 5.27
CA LEU G 117 48.14 -9.69 6.56
C LEU G 117 47.04 -10.75 6.44
N ALA G 118 45.94 -10.42 5.74
CA ALA G 118 44.88 -11.40 5.57
C ALA G 118 45.39 -12.66 4.87
N THR G 119 46.22 -12.47 3.84
CA THR G 119 46.85 -13.59 3.16
C THR G 119 47.75 -14.38 4.11
N ASP G 120 48.59 -13.67 4.88
CA ASP G 120 49.50 -14.34 5.80
CA ASP G 120 49.50 -14.35 5.80
C ASP G 120 48.74 -15.17 6.83
N LYS G 121 47.55 -14.71 7.27
CA LYS G 121 46.74 -15.41 8.26
C LYS G 121 45.72 -16.36 7.62
N ASN G 122 45.83 -16.59 6.30
N ASN G 122 45.84 -16.62 6.31
CA ASN G 122 44.94 -17.50 5.57
CA ASN G 122 44.93 -17.48 5.58
C ASN G 122 43.48 -17.18 5.83
C ASN G 122 43.48 -17.16 5.91
N ASP G 123 43.11 -15.91 5.65
CA ASP G 123 41.75 -15.41 5.85
C ASP G 123 41.22 -15.00 4.48
N PRO G 124 40.72 -15.95 3.67
CA PRO G 124 40.25 -15.59 2.32
C PRO G 124 38.97 -14.78 2.32
N HIS G 125 38.14 -14.87 3.37
CA HIS G 125 37.00 -13.96 3.39
C HIS G 125 37.46 -12.52 3.50
N LEU G 126 38.46 -12.27 4.34
CA LEU G 126 38.94 -10.90 4.48
C LEU G 126 39.70 -10.45 3.23
N SER G 127 40.54 -11.31 2.65
CA SER G 127 41.26 -10.89 1.44
CA SER G 127 41.26 -10.94 1.42
C SER G 127 40.28 -10.61 0.30
N ASP G 128 39.24 -11.43 0.15
CA ASP G 128 38.22 -11.16 -0.85
C ASP G 128 37.48 -9.85 -0.57
N PHE G 129 37.16 -9.61 0.70
CA PHE G 129 36.49 -8.35 1.06
C PHE G 129 37.32 -7.15 0.63
N ILE G 130 38.62 -7.18 0.90
CA ILE G 130 39.48 -6.05 0.56
C ILE G 130 39.56 -5.90 -0.96
N GLU G 131 39.78 -7.02 -1.66
CA GLU G 131 39.87 -6.98 -3.12
C GLU G 131 38.58 -6.45 -3.71
N THR G 132 37.44 -6.95 -3.24
CA THR G 132 36.15 -6.65 -3.85
C THR G 132 35.75 -5.20 -3.63
N HIS G 133 35.90 -4.70 -2.41
CA HIS G 133 35.29 -3.42 -2.07
C HIS G 133 36.29 -2.29 -2.01
N TYR G 134 37.60 -2.58 -1.99
CA TYR G 134 38.56 -1.51 -1.76
C TYR G 134 39.62 -1.40 -2.83
N LEU G 135 40.17 -2.49 -3.34
CA LEU G 135 41.40 -2.33 -4.12
C LEU G 135 41.14 -1.67 -5.48
N ASN G 136 40.10 -2.09 -6.21
CA ASN G 136 39.88 -1.44 -7.51
C ASN G 136 39.33 -0.04 -7.31
N GLU G 137 38.56 0.20 -6.26
CA GLU G 137 38.15 1.56 -5.98
CA GLU G 137 38.14 1.57 -5.96
C GLU G 137 39.35 2.48 -5.82
N GLN G 138 40.41 2.01 -5.15
CA GLN G 138 41.61 2.82 -5.00
C GLN G 138 42.30 3.03 -6.34
N VAL G 139 42.41 1.98 -7.15
CA VAL G 139 43.05 2.14 -8.45
C VAL G 139 42.30 3.16 -9.29
N LYS G 140 40.96 3.09 -9.32
CA LYS G 140 40.20 4.07 -10.08
C LYS G 140 40.39 5.48 -9.53
N ALA G 141 40.42 5.64 -8.21
CA ALA G 141 40.53 6.98 -7.63
C ALA G 141 41.88 7.60 -7.92
N ILE G 142 42.95 6.79 -7.84
CA ILE G 142 44.30 7.27 -8.13
C ILE G 142 44.43 7.63 -9.61
N LYS G 143 43.84 6.81 -10.48
CA LYS G 143 43.92 7.11 -11.91
C LYS G 143 43.20 8.42 -12.23
N GLU G 144 42.02 8.61 -11.63
CA GLU G 144 41.27 9.85 -11.85
C GLU G 144 42.02 11.07 -11.34
N LEU G 145 42.60 10.98 -10.15
CA LEU G 145 43.34 12.12 -9.65
C LEU G 145 44.58 12.38 -10.52
N GLY G 146 45.26 11.32 -10.96
CA GLY G 146 46.38 11.53 -11.84
C GLY G 146 45.94 12.27 -13.10
N ASP G 147 44.84 11.81 -13.72
CA ASP G 147 44.28 12.52 -14.89
C ASP G 147 44.05 13.99 -14.59
N HIS G 148 43.42 14.28 -13.44
CA HIS G 148 43.12 15.66 -13.07
C HIS G 148 44.39 16.49 -12.90
N VAL G 149 45.38 15.95 -12.19
CA VAL G 149 46.66 16.65 -12.03
C VAL G 149 47.27 16.95 -13.39
N THR G 150 47.32 15.94 -14.26
CA THR G 150 47.88 16.16 -15.60
C THR G 150 47.19 17.31 -16.34
N ASN G 151 45.85 17.30 -16.38
CA ASN G 151 45.18 18.36 -17.11
C ASN G 151 45.46 19.72 -16.50
N LEU G 152 45.39 19.82 -15.17
CA LEU G 152 45.67 21.10 -14.54
C LEU G 152 47.08 21.60 -14.87
N ARG G 153 48.06 20.70 -14.84
N ARG G 153 48.06 20.70 -14.82
CA ARG G 153 49.43 21.11 -15.18
CA ARG G 153 49.42 21.08 -15.19
C ARG G 153 49.52 21.55 -16.64
C ARG G 153 49.49 21.56 -16.63
N LYS G 154 48.95 20.77 -17.55
CA LYS G 154 48.99 21.13 -18.97
C LYS G 154 48.31 22.47 -19.23
N MET G 155 47.23 22.76 -18.50
CA MET G 155 46.48 23.99 -18.70
C MET G 155 47.20 25.22 -18.13
N GLY G 156 48.22 25.04 -17.30
CA GLY G 156 48.97 26.14 -16.73
C GLY G 156 48.73 26.44 -15.26
N ALA G 157 48.04 25.57 -14.54
CA ALA G 157 47.82 25.79 -13.12
C ALA G 157 49.13 25.56 -12.37
N PRO G 158 49.28 26.16 -11.18
CA PRO G 158 48.31 26.96 -10.43
C PRO G 158 48.38 28.42 -10.77
N GLU G 159 49.43 28.79 -11.53
CA GLU G 159 49.67 30.20 -11.81
C GLU G 159 48.54 30.81 -12.61
N SER G 160 48.00 30.05 -13.57
CA SER G 160 46.85 30.50 -14.36
C SER G 160 45.56 30.29 -13.56
N GLY G 161 45.00 31.38 -13.05
CA GLY G 161 43.68 31.29 -12.41
C GLY G 161 42.59 30.96 -13.41
N LEU G 162 42.75 31.40 -14.68
CA LEU G 162 41.89 30.94 -15.80
C LEU G 162 41.91 29.42 -15.98
N ALA G 163 43.09 28.80 -15.92
CA ALA G 163 43.15 27.34 -16.03
C ALA G 163 42.28 26.67 -14.96
N GLU G 164 42.46 27.07 -13.70
CA GLU G 164 41.66 26.41 -12.66
C GLU G 164 40.18 26.72 -12.82
N TYR G 165 39.84 27.93 -13.25
CA TYR G 165 38.44 28.29 -13.46
C TYR G 165 37.81 27.42 -14.55
N LEU G 166 38.54 27.25 -15.67
CA LEU G 166 37.96 26.49 -16.77
C LEU G 166 37.91 25.00 -16.46
N PHE G 167 38.92 24.47 -15.75
CA PHE G 167 38.87 23.08 -15.30
C PHE G 167 37.69 22.85 -14.36
N ASP G 168 37.45 23.78 -13.44
CA ASP G 168 36.28 23.71 -12.57
C ASP G 168 34.99 23.60 -13.38
N LYS G 169 34.86 24.36 -14.45
CA LYS G 169 33.65 24.33 -15.26
CA LYS G 169 33.64 24.32 -15.25
C LYS G 169 33.57 23.07 -16.12
N HIS G 170 34.65 22.73 -16.81
CA HIS G 170 34.54 21.72 -17.86
C HIS G 170 34.80 20.29 -17.41
N THR G 171 35.66 20.09 -16.42
CA THR G 171 35.90 18.72 -15.96
C THR G 171 35.11 18.39 -14.70
N LEU G 172 35.03 19.31 -13.76
CA LEU G 172 34.31 18.99 -12.53
C LEU G 172 32.85 19.42 -12.56
N GLY G 173 32.44 20.13 -13.61
CA GLY G 173 31.13 20.75 -13.64
C GLY G 173 30.04 19.83 -14.16
N SER H 1 33.79 59.88 -30.37
CA SER H 1 33.86 58.48 -30.77
C SER H 1 32.46 57.93 -31.05
N THR H 2 32.11 57.82 -32.33
CA THR H 2 30.76 57.42 -32.69
C THR H 2 30.57 55.92 -32.46
N SER H 3 29.37 55.54 -32.03
CA SER H 3 29.04 54.13 -31.94
C SER H 3 29.04 53.50 -33.33
N GLN H 4 29.64 52.31 -33.43
CA GLN H 4 29.70 51.58 -34.69
C GLN H 4 28.33 51.24 -35.24
N VAL H 5 27.28 51.20 -34.41
CA VAL H 5 25.93 50.90 -34.91
C VAL H 5 25.15 52.15 -35.29
N ARG H 6 25.59 53.33 -34.87
CA ARG H 6 24.75 54.52 -35.02
C ARG H 6 24.50 54.85 -36.49
N GLN H 7 23.24 55.09 -36.83
CA GLN H 7 22.90 55.48 -38.20
C GLN H 7 21.58 56.24 -38.17
N ASN H 8 21.58 57.46 -38.73
CA ASN H 8 20.37 58.29 -38.85
C ASN H 8 19.72 58.56 -37.49
N TYR H 9 20.54 58.74 -36.44
CA TYR H 9 20.06 58.93 -35.07
C TYR H 9 20.55 60.29 -34.58
N HIS H 10 19.66 61.26 -34.52
CA HIS H 10 20.10 62.61 -34.21
C HIS H 10 20.43 62.73 -32.72
N GLN H 11 21.36 63.62 -32.38
CA GLN H 11 21.66 63.78 -30.96
CA GLN H 11 21.67 63.82 -30.97
C GLN H 11 20.47 64.34 -30.20
N ASP H 12 19.58 65.13 -30.86
CA ASP H 12 18.40 65.60 -30.14
C ASP H 12 17.46 64.45 -29.80
N SER H 13 17.37 63.46 -30.70
CA SER H 13 16.53 62.29 -30.46
C SER H 13 17.07 61.48 -29.30
N GLU H 14 18.39 61.28 -29.28
CA GLU H 14 19.07 60.57 -28.20
C GLU H 14 18.78 61.24 -26.86
N ALA H 15 18.89 62.58 -26.79
CA ALA H 15 18.57 63.30 -25.57
C ALA H 15 17.09 63.16 -25.20
N ALA H 16 16.20 63.25 -26.17
CA ALA H 16 14.78 63.14 -25.89
C ALA H 16 14.42 61.76 -25.34
N ILE H 17 15.09 60.71 -25.84
CA ILE H 17 14.86 59.36 -25.34
C ILE H 17 15.31 59.24 -23.89
N ASN H 18 16.46 59.83 -23.53
CA ASN H 18 16.85 59.86 -22.13
C ASN H 18 15.82 60.58 -21.25
N ARG H 19 15.24 61.69 -21.74
N ARG H 19 15.24 61.68 -21.74
CA ARG H 19 14.19 62.34 -20.95
CA ARG H 19 14.18 62.36 -20.99
C ARG H 19 12.96 61.45 -20.81
C ARG H 19 12.96 61.46 -20.83
N GLN H 20 12.60 60.73 -21.89
CA GLN H 20 11.42 59.86 -21.80
C GLN H 20 11.65 58.68 -20.85
N ILE H 21 12.88 58.15 -20.79
CA ILE H 21 13.18 57.11 -19.81
C ILE H 21 12.88 57.60 -18.41
N ASN H 22 13.33 58.82 -18.08
CA ASN H 22 13.07 59.36 -16.75
C ASN H 22 11.60 59.51 -16.49
N LEU H 23 10.83 59.97 -17.49
CA LEU H 23 9.40 60.20 -17.30
C LEU H 23 8.67 58.87 -17.08
N GLU H 24 9.06 57.81 -17.79
CA GLU H 24 8.42 56.51 -17.56
C GLU H 24 8.71 55.98 -16.16
N LEU H 25 9.96 56.13 -15.68
CA LEU H 25 10.28 55.73 -14.32
C LEU H 25 9.53 56.58 -13.30
N TYR H 26 9.39 57.87 -13.58
CA TYR H 26 8.57 58.72 -12.71
C TYR H 26 7.11 58.21 -12.69
N ALA H 27 6.58 57.80 -13.83
CA ALA H 27 5.19 57.32 -13.82
C ALA H 27 5.12 56.03 -13.03
N SER H 28 6.15 55.18 -13.13
CA SER H 28 6.16 53.97 -12.33
C SER H 28 6.10 54.30 -10.84
N TYR H 29 6.83 55.36 -10.44
CA TYR H 29 6.91 55.76 -9.02
C TYR H 29 5.57 56.30 -8.53
N VAL H 30 4.90 57.11 -9.36
CA VAL H 30 3.58 57.63 -9.00
C VAL H 30 2.62 56.48 -8.74
N TYR H 31 2.60 55.51 -9.65
CA TYR H 31 1.64 54.41 -9.47
C TYR H 31 2.01 53.54 -8.28
N LEU H 32 3.30 53.37 -8.00
CA LEU H 32 3.73 52.65 -6.80
C LEU H 32 3.22 53.34 -5.52
N SER H 33 3.36 54.66 -5.45
CA SER H 33 2.84 55.44 -4.33
C SER H 33 1.35 55.27 -4.20
N MET H 34 0.63 55.40 -5.32
CA MET H 34 -0.82 55.23 -5.25
C MET H 34 -1.18 53.84 -4.76
N SER H 35 -0.48 52.81 -5.26
CA SER H 35 -0.78 51.44 -4.86
C SER H 35 -0.77 51.29 -3.34
N TYR H 36 0.34 51.67 -2.70
CA TYR H 36 0.46 51.46 -1.25
C TYR H 36 -0.40 52.44 -0.45
N TYR H 37 -0.85 53.54 -1.05
CA TYR H 37 -1.85 54.35 -0.39
C TYR H 37 -3.12 53.54 -0.14
N PHE H 38 -3.55 52.74 -1.13
CA PHE H 38 -4.79 51.96 -0.94
C PHE H 38 -4.58 50.75 -0.04
N ASP H 39 -3.33 50.45 0.28
CA ASP H 39 -2.97 49.41 1.22
C ASP H 39 -2.96 49.91 2.67
N ARG H 40 -3.14 51.22 2.90
CA ARG H 40 -3.20 51.74 4.27
C ARG H 40 -4.41 51.15 5.02
N ASP H 41 -4.25 50.89 6.31
CA ASP H 41 -5.37 50.32 7.06
C ASP H 41 -6.57 51.27 7.12
N ASP H 42 -6.36 52.58 6.89
CA ASP H 42 -7.47 53.55 6.93
C ASP H 42 -7.98 53.89 5.54
N VAL H 43 -7.60 53.12 4.53
CA VAL H 43 -8.07 53.27 3.15
C VAL H 43 -8.62 51.91 2.75
N ALA H 44 -7.73 50.91 2.67
CA ALA H 44 -8.08 49.48 2.65
C ALA H 44 -8.94 49.09 1.45
N LEU H 45 -8.48 49.47 0.26
CA LEU H 45 -9.15 49.09 -0.99
C LEU H 45 -8.12 48.24 -1.76
N LYS H 46 -8.17 46.93 -1.58
CA LYS H 46 -7.10 46.05 -2.05
CA LYS H 46 -7.07 46.11 -2.05
C LYS H 46 -7.04 45.95 -3.56
N ASN H 47 -8.16 46.13 -4.25
CA ASN H 47 -8.10 45.99 -5.70
C ASN H 47 -7.67 47.29 -6.38
N PHE H 48 -7.96 48.45 -5.76
CA PHE H 48 -7.25 49.67 -6.15
C PHE H 48 -5.75 49.49 -5.98
N ALA H 49 -5.33 48.93 -4.83
CA ALA H 49 -3.89 48.75 -4.64
C ALA H 49 -3.30 47.82 -5.70
N LYS H 50 -4.00 46.70 -6.00
CA LYS H 50 -3.47 45.79 -7.02
CA LYS H 50 -3.52 45.77 -7.03
C LYS H 50 -3.45 46.44 -8.40
N TYR H 51 -4.49 47.20 -8.74
CA TYR H 51 -4.56 47.85 -10.06
C TYR H 51 -3.38 48.80 -10.26
N PHE H 52 -3.13 49.66 -9.28
CA PHE H 52 -2.04 50.62 -9.44
C PHE H 52 -0.69 49.94 -9.38
N LEU H 53 -0.56 48.84 -8.62
CA LEU H 53 0.73 48.15 -8.63
C LEU H 53 1.02 47.58 -10.00
N HIS H 54 0.00 47.00 -10.63
CA HIS H 54 0.18 46.48 -11.98
C HIS H 54 0.55 47.59 -12.95
N GLN H 55 -0.15 48.73 -12.88
CA GLN H 55 0.22 49.89 -13.69
C GLN H 55 1.66 50.30 -13.44
N SER H 56 2.11 50.22 -12.18
CA SER H 56 3.47 50.65 -11.87
C SER H 56 4.48 49.75 -12.56
N HIS H 57 4.25 48.44 -12.51
CA HIS H 57 5.16 47.54 -13.19
C HIS H 57 5.14 47.72 -14.70
N GLU H 58 3.97 48.05 -15.26
N GLU H 58 3.98 48.07 -15.27
CA GLU H 58 3.90 48.31 -16.70
CA GLU H 58 3.94 48.28 -16.71
C GLU H 58 4.81 49.48 -17.07
C GLU H 58 4.74 49.52 -17.12
N GLU H 59 4.80 50.55 -16.27
CA GLU H 59 5.61 51.73 -16.59
C GLU H 59 7.09 51.42 -16.52
N ARG H 60 7.49 50.58 -15.57
CA ARG H 60 8.89 50.14 -15.55
CA ARG H 60 8.89 50.13 -15.54
C ARG H 60 9.26 49.39 -16.83
N GLU H 61 8.36 48.53 -17.33
CA GLU H 61 8.60 47.90 -18.63
CA GLU H 61 8.61 47.91 -18.63
C GLU H 61 8.73 48.94 -19.75
N HIS H 62 7.88 49.99 -19.72
CA HIS H 62 8.00 51.05 -20.72
C HIS H 62 9.38 51.67 -20.70
N ALA H 63 9.89 51.95 -19.49
CA ALA H 63 11.20 52.56 -19.36
C ALA H 63 12.29 51.63 -19.86
N GLU H 64 12.23 50.34 -19.49
CA GLU H 64 13.26 49.42 -19.92
C GLU H 64 13.30 49.26 -21.43
N LYS H 65 12.14 49.32 -22.10
CA LYS H 65 12.16 49.17 -23.55
C LYS H 65 12.81 50.38 -24.20
N LEU H 66 12.64 51.55 -23.61
CA LEU H 66 13.34 52.74 -24.12
C LEU H 66 14.83 52.66 -23.87
N MET H 67 15.25 52.10 -22.74
CA MET H 67 16.68 51.90 -22.52
C MET H 67 17.25 50.94 -23.56
N LYS H 68 16.51 49.87 -23.85
CA LYS H 68 16.95 48.96 -24.91
CA LYS H 68 16.94 48.96 -24.91
C LYS H 68 17.05 49.69 -26.25
N LEU H 69 16.07 50.55 -26.56
CA LEU H 69 16.09 51.27 -27.83
C LEU H 69 17.32 52.17 -27.92
N GLN H 70 17.60 52.92 -26.85
CA GLN H 70 18.78 53.78 -26.83
C GLN H 70 20.03 52.99 -27.25
N ASN H 71 20.23 51.83 -26.65
CA ASN H 71 21.41 51.04 -27.00
C ASN H 71 21.30 50.46 -28.41
N GLN H 72 20.09 50.07 -28.83
CA GLN H 72 19.93 49.54 -30.19
C GLN H 72 20.40 50.55 -31.23
N ARG H 73 20.13 51.82 -30.99
CA ARG H 73 20.44 52.87 -31.95
C ARG H 73 21.84 53.44 -31.77
N GLY H 74 22.59 53.02 -30.75
CA GLY H 74 23.93 53.51 -30.54
C GLY H 74 24.02 54.76 -29.68
N GLY H 75 22.89 55.21 -29.12
CA GLY H 75 22.89 56.30 -28.17
C GLY H 75 23.35 55.82 -26.83
N ARG H 76 23.51 56.75 -25.89
CA ARG H 76 24.06 56.41 -24.59
C ARG H 76 23.10 56.84 -23.51
N ILE H 77 22.76 55.90 -22.63
CA ILE H 77 21.82 56.15 -21.55
C ILE H 77 22.48 57.04 -20.50
N PHE H 78 21.80 58.13 -20.15
CA PHE H 78 22.16 58.96 -19.00
C PHE H 78 20.92 59.08 -18.12
N LEU H 79 21.00 58.46 -16.96
CA LEU H 79 19.90 58.46 -16.01
C LEU H 79 19.94 59.71 -15.13
N GLN H 80 18.77 60.13 -14.68
CA GLN H 80 18.61 61.25 -13.75
C GLN H 80 17.81 60.79 -12.54
N ASP H 81 17.84 61.61 -11.48
CA ASP H 81 17.00 61.34 -10.31
C ASP H 81 15.55 61.07 -10.73
N ILE H 82 14.90 60.12 -10.06
CA ILE H 82 13.47 59.92 -10.22
CA ILE H 82 13.47 59.91 -10.21
C ILE H 82 12.78 60.75 -9.12
N LYS H 83 12.03 61.77 -9.53
N LYS H 83 12.06 61.79 -9.53
CA LYS H 83 11.40 62.65 -8.56
CA LYS H 83 11.38 62.65 -8.55
C LYS H 83 10.26 61.93 -7.84
C LYS H 83 10.30 61.87 -7.83
N LYS H 84 10.11 62.21 -6.54
CA LYS H 84 9.00 61.63 -5.81
C LYS H 84 7.69 62.19 -6.38
N PRO H 85 6.59 61.45 -6.21
CA PRO H 85 5.30 61.93 -6.70
C PRO H 85 4.87 63.20 -5.97
N ASP H 86 3.95 63.95 -6.61
N ASP H 86 3.93 63.92 -6.61
CA ASP H 86 3.54 65.25 -6.08
CA ASP H 86 3.51 65.22 -6.13
C ASP H 86 2.62 65.15 -4.87
C ASP H 86 2.62 65.14 -4.88
N SER H 87 2.05 63.98 -4.57
CA SER H 87 1.23 63.78 -3.39
C SER H 87 1.76 62.61 -2.60
N ASP H 88 1.61 62.69 -1.28
CA ASP H 88 1.81 61.55 -0.40
C ASP H 88 0.50 60.86 -0.06
N ASP H 89 -0.57 61.64 0.05
CA ASP H 89 -1.91 61.17 0.40
C ASP H 89 -2.78 61.38 -0.83
N TRP H 90 -3.29 60.29 -1.42
CA TRP H 90 -4.03 60.42 -2.66
C TRP H 90 -5.53 60.63 -2.44
N GLU H 91 -5.99 60.79 -1.19
N GLU H 91 -5.98 60.71 -1.17
CA GLU H 91 -7.32 61.30 -0.84
CA GLU H 91 -7.28 61.17 -0.72
C GLU H 91 -8.47 60.30 -1.04
C GLU H 91 -8.42 60.19 -0.98
N SER H 92 -8.54 59.67 -2.21
CA SER H 92 -9.66 58.79 -2.51
C SER H 92 -9.37 57.98 -3.76
N GLY H 93 -10.20 56.94 -3.97
CA GLY H 93 -10.10 56.20 -5.23
C GLY H 93 -10.34 57.09 -6.45
N LEU H 94 -11.35 57.95 -6.38
CA LEU H 94 -11.64 58.87 -7.48
C LEU H 94 -10.46 59.81 -7.74
N ASN H 95 -9.91 60.39 -6.67
CA ASN H 95 -8.83 61.35 -6.87
C ASN H 95 -7.59 60.65 -7.45
N ALA H 96 -7.33 59.42 -7.02
CA ALA H 96 -6.18 58.73 -7.60
C ALA H 96 -6.41 58.44 -9.08
N MET H 97 -7.64 58.04 -9.45
CA MET H 97 -7.91 57.79 -10.88
C MET H 97 -7.80 59.08 -11.68
N GLU H 98 -8.31 60.20 -11.15
CA GLU H 98 -8.18 61.46 -11.87
C GLU H 98 -6.71 61.85 -12.00
N SER H 99 -5.92 61.61 -10.95
CA SER H 99 -4.51 61.94 -10.99
C SER H 99 -3.78 61.07 -11.99
N ALA H 100 -4.18 59.79 -12.08
CA ALA H 100 -3.55 58.91 -13.05
C ALA H 100 -3.92 59.33 -14.47
N LEU H 101 -5.19 59.76 -14.67
CA LEU H 101 -5.57 60.26 -15.98
C LEU H 101 -4.72 61.45 -16.39
N HIS H 102 -4.54 62.40 -15.48
CA HIS H 102 -3.72 63.58 -15.76
C HIS H 102 -2.28 63.18 -16.09
N LEU H 103 -1.73 62.21 -15.34
CA LEU H 103 -0.37 61.71 -15.59
C LEU H 103 -0.26 61.06 -16.98
N GLU H 104 -1.23 60.21 -17.32
CA GLU H 104 -1.12 59.54 -18.60
C GLU H 104 -1.25 60.51 -19.76
N LYS H 105 -2.08 61.55 -19.63
CA LYS H 105 -2.14 62.55 -20.69
CA LYS H 105 -2.12 62.54 -20.70
C LYS H 105 -0.83 63.34 -20.77
N ASN H 106 -0.18 63.59 -19.63
N ASN H 106 -0.21 63.59 -19.62
CA ASN H 106 1.11 64.27 -19.67
CA ASN H 106 1.10 64.22 -19.57
C ASN H 106 2.17 63.40 -20.35
C ASN H 106 2.14 63.39 -20.34
N VAL H 107 2.19 62.10 -20.05
CA VAL H 107 3.13 61.20 -20.72
C VAL H 107 2.82 61.14 -22.22
N ASN H 108 1.55 61.06 -22.56
CA ASN H 108 1.16 61.06 -23.98
C ASN H 108 1.66 62.31 -24.69
N GLN H 109 1.50 63.49 -24.08
N GLN H 109 1.50 63.49 -24.07
CA GLN H 109 1.99 64.71 -24.70
CA GLN H 109 1.99 64.72 -24.69
C GLN H 109 3.50 64.63 -24.95
C GLN H 109 3.50 64.65 -24.93
N SER H 110 4.25 64.09 -23.98
CA SER H 110 5.69 63.94 -24.17
C SER H 110 6.00 63.00 -25.34
N LEU H 111 5.25 61.88 -25.46
CA LEU H 111 5.47 60.95 -26.55
C LEU H 111 5.16 61.57 -27.90
N LEU H 112 4.11 62.41 -27.97
CA LEU H 112 3.76 63.10 -29.19
C LEU H 112 4.84 64.10 -29.59
N GLU H 113 5.42 64.80 -28.61
CA GLU H 113 6.54 65.70 -28.92
C GLU H 113 7.74 64.89 -29.40
N LEU H 114 7.96 63.72 -28.81
CA LEU H 114 9.06 62.87 -29.26
CA LEU H 114 9.05 62.85 -29.25
C LEU H 114 8.82 62.39 -30.69
N HIS H 115 7.57 62.06 -31.02
CA HIS H 115 7.26 61.63 -32.38
C HIS H 115 7.47 62.78 -33.36
N LYS H 116 7.05 63.99 -32.98
CA LYS H 116 7.28 65.16 -33.83
CA LYS H 116 7.28 65.14 -33.85
C LYS H 116 8.77 65.37 -34.08
N LEU H 117 9.58 65.20 -33.04
CA LEU H 117 11.04 65.32 -33.21
C LEU H 117 11.55 64.26 -34.17
N ALA H 118 11.16 62.99 -33.97
CA ALA H 118 11.61 61.93 -34.87
C ALA H 118 11.21 62.21 -36.32
N THR H 119 9.98 62.70 -36.52
CA THR H 119 9.50 63.10 -37.83
C THR H 119 10.34 64.25 -38.39
N ASP H 120 10.60 65.27 -37.58
N ASP H 120 10.62 65.26 -37.57
CA ASP H 120 11.39 66.41 -38.05
CA ASP H 120 11.39 66.42 -38.02
C ASP H 120 12.79 65.97 -38.48
C ASP H 120 12.82 66.04 -38.40
N LYS H 121 13.38 65.02 -37.76
CA LYS H 121 14.73 64.55 -38.07
C LYS H 121 14.73 63.38 -39.07
N ASN H 122 13.57 63.10 -39.68
CA ASN H 122 13.43 62.04 -40.68
C ASN H 122 14.01 60.72 -40.17
N ASP H 123 13.51 60.29 -39.00
CA ASP H 123 13.93 59.06 -38.35
C ASP H 123 12.72 58.14 -38.32
N PRO H 124 12.43 57.42 -39.41
CA PRO H 124 11.22 56.58 -39.44
C PRO H 124 11.34 55.36 -38.54
N HIS H 125 12.55 54.89 -38.25
CA HIS H 125 12.61 53.78 -37.29
C HIS H 125 12.14 54.24 -35.92
N LEU H 126 12.56 55.44 -35.51
CA LEU H 126 12.14 55.94 -34.21
C LEU H 126 10.65 56.27 -34.21
N SER H 127 10.14 56.92 -35.28
N SER H 127 10.16 56.93 -35.27
CA SER H 127 8.71 57.24 -35.28
CA SER H 127 8.74 57.25 -35.36
C SER H 127 7.87 55.98 -35.29
C SER H 127 7.90 55.98 -35.28
N ASP H 128 8.28 54.96 -36.05
CA ASP H 128 7.58 53.68 -36.00
C ASP H 128 7.65 53.05 -34.60
N PHE H 129 8.81 53.14 -33.95
CA PHE H 129 8.96 52.58 -32.61
C PHE H 129 7.97 53.21 -31.63
N ILE H 130 7.83 54.54 -31.68
N ILE H 130 7.86 54.54 -31.67
CA ILE H 130 6.94 55.23 -30.75
CA ILE H 130 6.93 55.25 -30.78
C ILE H 130 5.47 54.92 -31.09
C ILE H 130 5.50 54.84 -31.10
N GLU H 131 5.13 54.88 -32.38
CA GLU H 131 3.77 54.53 -32.77
C GLU H 131 3.42 53.11 -32.34
N THR H 132 4.35 52.18 -32.57
CA THR H 132 4.05 50.76 -32.37
C THR H 132 3.93 50.42 -30.89
N HIS H 133 4.85 50.92 -30.07
CA HIS H 133 4.93 50.43 -28.70
C HIS H 133 4.37 51.40 -27.69
N TYR H 134 4.09 52.66 -28.08
CA TYR H 134 3.70 53.64 -27.06
C TYR H 134 2.39 54.35 -27.33
N LEU H 135 2.10 54.73 -28.59
CA LEU H 135 1.00 55.67 -28.76
C LEU H 135 -0.36 55.02 -28.52
N ASN H 136 -0.59 53.81 -29.01
CA ASN H 136 -1.91 53.21 -28.77
C ASN H 136 -2.02 52.72 -27.33
N GLU H 137 -0.90 52.28 -26.72
CA GLU H 137 -0.93 51.97 -25.30
CA GLU H 137 -0.92 51.98 -25.30
C GLU H 137 -1.40 53.17 -24.49
N GLN H 138 -0.96 54.38 -24.86
CA GLN H 138 -1.41 55.57 -24.14
C GLN H 138 -2.89 55.83 -24.40
N VAL H 139 -3.33 55.75 -25.64
CA VAL H 139 -4.76 55.96 -25.91
C VAL H 139 -5.61 54.98 -25.13
N LYS H 140 -5.22 53.70 -25.10
CA LYS H 140 -6.00 52.72 -24.33
C LYS H 140 -6.00 53.03 -22.83
N ALA H 141 -4.84 53.41 -22.29
CA ALA H 141 -4.75 53.72 -20.85
C ALA H 141 -5.59 54.93 -20.48
N ILE H 142 -5.57 55.96 -21.33
CA ILE H 142 -6.36 57.16 -21.07
C ILE H 142 -7.86 56.85 -21.16
N LYS H 143 -8.26 56.06 -22.15
CA LYS H 143 -9.66 55.69 -22.27
C LYS H 143 -10.13 54.91 -21.06
N GLU H 144 -9.32 53.98 -20.58
CA GLU H 144 -9.70 53.16 -19.42
C GLU H 144 -9.82 54.01 -18.17
N LEU H 145 -8.87 54.92 -17.96
CA LEU H 145 -8.94 55.79 -16.80
C LEU H 145 -10.14 56.70 -16.89
N GLY H 146 -10.42 57.23 -18.09
CA GLY H 146 -11.62 58.04 -18.22
C GLY H 146 -12.87 57.24 -17.85
N ASP H 147 -12.96 56.00 -18.35
CA ASP H 147 -14.11 55.15 -18.00
C ASP H 147 -14.22 55.00 -16.48
N HIS H 148 -13.09 54.74 -15.82
CA HIS H 148 -13.09 54.54 -14.37
C HIS H 148 -13.54 55.79 -13.64
N VAL H 149 -13.03 56.95 -14.05
CA VAL H 149 -13.45 58.21 -13.43
C VAL H 149 -14.95 58.41 -13.58
N THR H 150 -15.45 58.19 -14.80
CA THR H 150 -16.88 58.33 -15.05
C THR H 150 -17.70 57.45 -14.11
N ASN H 151 -17.35 56.17 -14.00
CA ASN H 151 -18.14 55.28 -13.15
C ASN H 151 -18.07 55.71 -11.69
N LEU H 152 -16.87 56.03 -11.20
CA LEU H 152 -16.78 56.49 -9.81
C LEU H 152 -17.64 57.73 -9.57
N ARG H 153 -17.60 58.70 -10.50
N ARG H 153 -17.61 58.69 -10.50
CA ARG H 153 -18.41 59.89 -10.34
CA ARG H 153 -18.41 59.89 -10.36
C ARG H 153 -19.90 59.54 -10.33
C ARG H 153 -19.89 59.55 -10.34
N LYS H 154 -20.34 58.71 -11.29
CA LYS H 154 -21.76 58.38 -11.37
C LYS H 154 -22.23 57.61 -10.13
N MET H 155 -21.35 56.79 -9.54
CA MET H 155 -21.70 56.03 -8.35
C MET H 155 -21.77 56.87 -7.08
N GLY H 156 -21.26 58.10 -7.11
CA GLY H 156 -21.26 58.97 -5.95
C GLY H 156 -19.94 59.16 -5.22
N ALA H 157 -18.83 58.69 -5.78
CA ALA H 157 -17.52 58.91 -5.18
C ALA H 157 -17.15 60.40 -5.28
N PRO H 158 -16.31 60.90 -4.38
CA PRO H 158 -15.62 60.16 -3.31
C PRO H 158 -16.40 60.14 -2.02
N GLU H 159 -17.51 60.88 -1.96
CA GLU H 159 -18.21 61.01 -0.70
C GLU H 159 -18.78 59.69 -0.23
N SER H 160 -19.38 58.93 -1.14
CA SER H 160 -19.86 57.58 -0.86
C SER H 160 -18.66 56.62 -0.76
N GLY H 161 -18.34 56.21 0.47
CA GLY H 161 -17.37 55.15 0.62
C GLY H 161 -17.87 53.80 0.13
N LEU H 162 -19.19 53.58 0.20
CA LEU H 162 -19.84 52.44 -0.48
C LEU H 162 -19.56 52.40 -1.99
N ALA H 163 -19.62 53.56 -2.67
CA ALA H 163 -19.33 53.56 -4.10
C ALA H 163 -17.91 53.07 -4.36
N GLU H 164 -16.92 53.63 -3.65
CA GLU H 164 -15.54 53.18 -3.89
C GLU H 164 -15.37 51.71 -3.52
N TYR H 165 -16.02 51.25 -2.45
CA TYR H 165 -15.94 49.84 -2.07
C TYR H 165 -16.48 48.94 -3.19
N LEU H 166 -17.64 49.29 -3.73
CA LEU H 166 -18.26 48.43 -4.72
C LEU H 166 -17.50 48.47 -6.04
N PHE H 167 -16.98 49.65 -6.42
CA PHE H 167 -16.15 49.74 -7.61
C PHE H 167 -14.89 48.89 -7.48
N ASP H 168 -14.24 48.96 -6.31
CA ASP H 168 -13.11 48.09 -6.02
C ASP H 168 -13.45 46.61 -6.25
N LYS H 169 -14.63 46.20 -5.83
CA LYS H 169 -15.01 44.79 -5.99
CA LYS H 169 -15.00 44.79 -5.99
C LYS H 169 -15.40 44.46 -7.42
N HIS H 170 -16.23 45.30 -8.05
CA HIS H 170 -16.84 44.88 -9.32
C HIS H 170 -16.06 45.28 -10.55
N THR H 171 -15.35 46.39 -10.52
CA THR H 171 -14.59 46.77 -11.71
C THR H 171 -13.12 46.39 -11.59
N LEU H 172 -12.51 46.58 -10.44
CA LEU H 172 -11.09 46.28 -10.33
C LEU H 172 -10.83 44.85 -9.83
N GLY H 173 -11.87 44.13 -9.44
CA GLY H 173 -11.69 42.88 -8.74
C GLY H 173 -11.55 41.70 -9.69
N THR I 2 -0.64 -38.20 23.60
CA THR I 2 -1.28 -38.13 22.28
C THR I 2 -1.35 -36.66 21.80
N SER I 3 -1.19 -36.44 20.49
CA SER I 3 -1.38 -35.11 19.95
C SER I 3 -2.82 -34.65 20.13
N GLN I 4 -3.00 -33.39 20.53
CA GLN I 4 -4.35 -32.86 20.73
C GLN I 4 -5.16 -32.83 19.44
N VAL I 5 -4.52 -32.89 18.26
CA VAL I 5 -5.28 -32.88 17.00
C VAL I 5 -5.57 -34.28 16.47
N ARG I 6 -4.91 -35.30 17.00
CA ARG I 6 -4.99 -36.62 16.38
C ARG I 6 -6.40 -37.20 16.48
N GLN I 7 -6.91 -37.67 15.35
CA GLN I 7 -8.23 -38.31 15.34
C GLN I 7 -8.29 -39.28 14.16
N ASN I 8 -8.62 -40.56 14.43
CA ASN I 8 -8.78 -41.57 13.39
C ASN I 8 -7.52 -41.79 12.55
N TYR I 9 -6.33 -41.66 13.17
CA TYR I 9 -5.06 -41.73 12.46
C TYR I 9 -4.25 -42.89 13.04
N HIS I 10 -4.15 -43.98 12.29
CA HIS I 10 -3.58 -45.18 12.85
C HIS I 10 -2.06 -45.04 12.91
N GLN I 11 -1.45 -45.68 13.92
CA GLN I 11 0.01 -45.62 13.98
CA GLN I 11 0.01 -45.66 14.00
C GLN I 11 0.66 -46.26 12.77
N ASP I 12 0.02 -47.24 12.12
CA ASP I 12 0.61 -47.81 10.90
C ASP I 12 0.61 -46.79 9.77
N SER I 13 -0.46 -46.00 9.67
CA SER I 13 -0.55 -44.94 8.65
C SER I 13 0.54 -43.90 8.86
N GLU I 14 0.69 -43.46 10.11
CA GLU I 14 1.76 -42.52 10.47
C GLU I 14 3.14 -43.02 10.02
N ALA I 15 3.42 -44.30 10.30
CA ALA I 15 4.71 -44.88 9.88
C ALA I 15 4.82 -44.93 8.36
N ALA I 16 3.74 -45.33 7.69
CA ALA I 16 3.77 -45.43 6.23
C ALA I 16 4.01 -44.06 5.60
N ILE I 17 3.45 -43.01 6.19
CA ILE I 17 3.67 -41.66 5.69
C ILE I 17 5.13 -41.25 5.85
N ASN I 18 5.76 -41.58 6.99
CA ASN I 18 7.21 -41.34 7.11
C ASN I 18 8.00 -42.10 6.03
N ARG I 19 7.62 -43.33 5.73
CA ARG I 19 8.32 -44.05 4.66
CA ARG I 19 8.30 -44.06 4.66
C ARG I 19 8.11 -43.36 3.32
N GLN I 20 6.90 -42.87 3.06
CA GLN I 20 6.65 -42.24 1.77
C GLN I 20 7.41 -40.91 1.65
N ILE I 21 7.54 -40.15 2.74
CA ILE I 21 8.38 -38.94 2.73
C ILE I 21 9.78 -39.29 2.24
N ASN I 22 10.36 -40.37 2.78
CA ASN I 22 11.71 -40.74 2.39
C ASN I 22 11.77 -41.09 0.90
N LEU I 23 10.77 -41.80 0.40
CA LEU I 23 10.77 -42.22 -0.99
C LEU I 23 10.65 -41.03 -1.93
N GLU I 24 9.83 -40.04 -1.57
CA GLU I 24 9.71 -38.86 -2.43
C GLU I 24 11.02 -38.08 -2.49
N LEU I 25 11.71 -37.96 -1.35
CA LEU I 25 13.03 -37.32 -1.33
C LEU I 25 14.04 -38.15 -2.14
N TYR I 26 13.97 -39.47 -2.03
CA TYR I 26 14.83 -40.29 -2.86
C TYR I 26 14.55 -40.05 -4.35
N ALA I 27 13.26 -39.92 -4.73
CA ALA I 27 12.99 -39.67 -6.14
C ALA I 27 13.52 -38.31 -6.54
N SER I 28 13.47 -37.33 -5.65
CA SER I 28 14.04 -36.02 -5.97
C SER I 28 15.53 -36.13 -6.22
N TYR I 29 16.20 -36.99 -5.45
CA TYR I 29 17.64 -37.16 -5.58
C TYR I 29 17.99 -37.87 -6.89
N VAL I 30 17.21 -38.87 -7.28
CA VAL I 30 17.44 -39.57 -8.55
C VAL I 30 17.35 -38.58 -9.70
N TYR I 31 16.30 -37.76 -9.70
CA TYR I 31 16.13 -36.83 -10.80
C TYR I 31 17.19 -35.73 -10.79
N LEU I 32 17.66 -35.32 -9.61
CA LEU I 32 18.78 -34.37 -9.53
C LEU I 32 20.05 -34.94 -10.16
N SER I 33 20.36 -36.20 -9.84
CA SER I 33 21.49 -36.88 -10.43
C SER I 33 21.35 -36.97 -11.94
N MET I 34 20.17 -37.38 -12.41
CA MET I 34 19.95 -37.42 -13.85
C MET I 34 20.14 -36.06 -14.48
N SER I 35 19.64 -35.00 -13.85
CA SER I 35 19.74 -33.67 -14.43
C SER I 35 21.18 -33.30 -14.72
N TYR I 36 22.05 -33.45 -13.73
CA TYR I 36 23.42 -32.97 -13.92
C TYR I 36 24.24 -33.95 -14.76
N TYR I 37 23.78 -35.20 -14.93
CA TYR I 37 24.42 -36.05 -15.92
C TYR I 37 24.29 -35.43 -17.31
N PHE I 38 23.12 -34.89 -17.66
CA PHE I 38 22.96 -34.31 -18.99
C PHE I 38 23.65 -32.95 -19.13
N ASP I 39 24.13 -32.40 -18.02
CA ASP I 39 24.94 -31.20 -18.00
C ASP I 39 26.43 -31.49 -18.17
N ARG I 40 26.85 -32.76 -18.19
CA ARG I 40 28.28 -33.06 -18.43
C ARG I 40 28.69 -32.59 -19.83
N ASP I 41 29.94 -32.13 -19.96
CA ASP I 41 30.40 -31.68 -21.28
C ASP I 41 30.43 -32.79 -22.32
N ASP I 42 30.48 -34.05 -21.90
CA ASP I 42 30.49 -35.17 -22.84
C ASP I 42 29.10 -35.80 -23.02
N VAL I 43 28.05 -35.12 -22.59
CA VAL I 43 26.66 -35.57 -22.76
C VAL I 43 25.93 -34.40 -23.41
N ALA I 44 25.82 -33.29 -22.68
CA ALA I 44 25.54 -31.95 -23.23
C ALA I 44 24.14 -31.87 -23.87
N LEU I 45 23.13 -32.33 -23.15
CA LEU I 45 21.74 -32.24 -23.63
C LEU I 45 21.01 -31.36 -22.62
N LYS I 46 20.96 -30.05 -22.90
CA LYS I 46 20.53 -29.12 -21.86
CA LYS I 46 20.51 -29.07 -21.90
C LYS I 46 19.05 -29.21 -21.55
N ASN I 47 18.22 -29.66 -22.49
CA ASN I 47 16.80 -29.73 -22.16
C ASN I 47 16.45 -31.02 -21.45
N PHE I 48 17.22 -32.11 -21.68
CA PHE I 48 17.13 -33.23 -20.74
C PHE I 48 17.51 -32.77 -19.34
N ALA I 49 18.59 -32.01 -19.22
CA ALA I 49 18.99 -31.53 -17.89
C ALA I 49 17.89 -30.69 -17.26
N LYS I 50 17.30 -29.77 -18.01
CA LYS I 50 16.24 -28.94 -17.45
CA LYS I 50 16.21 -28.93 -17.49
C LYS I 50 15.00 -29.76 -17.08
N TYR I 51 14.61 -30.71 -17.93
CA TYR I 51 13.43 -31.54 -17.67
C TYR I 51 13.58 -32.30 -16.35
N PHE I 52 14.74 -32.95 -16.16
CA PHE I 52 14.91 -33.73 -14.92
C PHE I 52 15.08 -32.83 -13.72
N LEU I 53 15.64 -31.62 -13.89
CA LEU I 53 15.74 -30.75 -12.72
C LEU I 53 14.36 -30.32 -12.26
N HIS I 54 13.49 -29.99 -13.22
CA HIS I 54 12.12 -29.67 -12.88
C HIS I 54 11.43 -30.84 -12.18
N GLN I 55 11.61 -32.06 -12.70
CA GLN I 55 11.05 -33.24 -12.05
C GLN I 55 11.58 -33.38 -10.63
N SER I 56 12.87 -33.09 -10.43
CA SER I 56 13.46 -33.20 -9.11
C SER I 56 12.79 -32.25 -8.13
N HIS I 57 12.58 -30.99 -8.55
CA HIS I 57 11.94 -30.05 -7.64
C HIS I 57 10.49 -30.43 -7.37
N GLU I 58 9.80 -31.05 -8.34
CA GLU I 58 8.44 -31.50 -8.10
CA GLU I 58 8.44 -31.46 -8.06
C GLU I 58 8.40 -32.56 -7.01
N GLU I 59 9.36 -33.50 -7.04
CA GLU I 59 9.39 -34.55 -6.01
C GLU I 59 9.67 -33.95 -4.63
N ARG I 60 10.50 -32.92 -4.55
CA ARG I 60 10.68 -32.26 -3.27
CA ARG I 60 10.68 -32.24 -3.27
C ARG I 60 9.36 -31.66 -2.77
N GLU I 61 8.57 -31.06 -3.67
CA GLU I 61 7.24 -30.57 -3.26
CA GLU I 61 7.24 -30.57 -3.26
C GLU I 61 6.33 -31.71 -2.79
N HIS I 62 6.40 -32.89 -3.46
CA HIS I 62 5.62 -34.04 -3.02
C HIS I 62 5.98 -34.41 -1.59
N ALA I 63 7.29 -34.43 -1.30
CA ALA I 63 7.75 -34.76 0.06
C ALA I 63 7.26 -33.74 1.07
N GLU I 64 7.42 -32.44 0.78
CA GLU I 64 7.00 -31.43 1.75
C GLU I 64 5.50 -31.49 2.04
N LYS I 65 4.69 -31.85 1.04
N LYS I 65 4.69 -31.84 1.06
CA LYS I 65 3.25 -31.92 1.28
CA LYS I 65 3.25 -31.90 1.31
C LYS I 65 2.91 -33.06 2.21
C LYS I 65 2.89 -33.07 2.20
N LEU I 66 3.66 -34.16 2.11
CA LEU I 66 3.45 -35.27 3.06
C LEU I 66 3.93 -34.91 4.46
N MET I 67 5.01 -34.12 4.56
CA MET I 67 5.42 -33.66 5.88
C MET I 67 4.35 -32.77 6.50
N LYS I 68 3.75 -31.89 5.69
CA LYS I 68 2.64 -31.09 6.17
CA LYS I 68 2.64 -31.09 6.17
C LYS I 68 1.47 -31.97 6.61
N LEU I 69 1.16 -33.00 5.81
CA LEU I 69 0.06 -33.91 6.17
C LEU I 69 0.33 -34.58 7.51
N GLN I 70 1.56 -35.09 7.71
CA GLN I 70 1.90 -35.74 8.97
C GLN I 70 1.58 -34.83 10.15
N ASN I 71 2.00 -33.57 10.08
CA ASN I 71 1.69 -32.65 11.18
C ASN I 71 0.21 -32.30 11.25
N GLN I 72 -0.47 -32.20 10.11
CA GLN I 72 -1.90 -31.90 10.12
C GLN I 72 -2.67 -32.95 10.91
N ARG I 73 -2.27 -34.20 10.79
CA ARG I 73 -2.99 -35.29 11.43
C ARG I 73 -2.47 -35.60 12.83
N GLY I 74 -1.44 -34.92 13.30
CA GLY I 74 -0.93 -35.15 14.63
C GLY I 74 0.14 -36.23 14.71
N GLY I 75 0.56 -36.76 13.57
CA GLY I 75 1.68 -37.69 13.59
C GLY I 75 2.98 -36.93 13.71
N ARG I 76 4.06 -37.69 13.85
CA ARG I 76 5.37 -37.09 14.09
C ARG I 76 6.33 -37.53 13.00
N ILE I 77 6.97 -36.55 12.37
CA ILE I 77 7.92 -36.80 11.29
C ILE I 77 9.21 -37.40 11.86
N PHE I 78 9.65 -38.52 11.29
CA PHE I 78 10.96 -39.10 11.54
C PHE I 78 11.62 -39.29 10.19
N LEU I 79 12.64 -38.50 9.95
CA LEU I 79 13.37 -38.56 8.70
C LEU I 79 14.45 -39.65 8.78
N GLN I 80 14.79 -40.19 7.61
CA GLN I 80 15.87 -41.17 7.48
C GLN I 80 16.84 -40.71 6.40
N ASP I 81 18.00 -41.40 6.33
CA ASP I 81 18.97 -41.07 5.29
C ASP I 81 18.30 -41.10 3.93
N ILE I 82 18.69 -40.20 3.03
CA ILE I 82 18.26 -40.28 1.63
C ILE I 82 19.33 -41.04 0.88
N LYS I 83 18.99 -42.23 0.37
N LYS I 83 19.01 -42.26 0.43
CA LYS I 83 19.99 -43.06 -0.30
CA LYS I 83 19.99 -43.06 -0.30
C LYS I 83 20.38 -42.47 -1.64
C LYS I 83 20.42 -42.33 -1.56
N LYS I 84 21.66 -42.57 -1.98
CA LYS I 84 22.10 -42.11 -3.28
C LYS I 84 21.44 -42.93 -4.38
N PRO I 85 21.30 -42.37 -5.58
CA PRO I 85 20.73 -43.14 -6.68
C PRO I 85 21.58 -44.36 -7.04
N ASP I 86 20.94 -45.31 -7.73
CA ASP I 86 21.58 -46.58 -8.04
CA ASP I 86 21.54 -46.60 -8.08
C ASP I 86 22.60 -46.48 -9.17
N SER I 87 22.58 -45.40 -9.94
CA SER I 87 23.58 -45.15 -10.99
C SER I 87 24.24 -43.81 -10.78
N ASP I 88 25.50 -43.72 -11.19
CA ASP I 88 26.19 -42.43 -11.30
C ASP I 88 26.19 -41.92 -12.73
N ASP I 89 26.23 -42.85 -13.69
CA ASP I 89 26.28 -42.59 -15.12
C ASP I 89 24.98 -43.13 -15.71
N TRP I 90 24.16 -42.24 -16.24
CA TRP I 90 22.85 -42.66 -16.75
C TRP I 90 22.86 -43.08 -18.21
N GLU I 91 24.05 -43.09 -18.86
CA GLU I 91 24.33 -43.72 -20.14
CA GLU I 91 24.29 -43.76 -20.15
C GLU I 91 23.72 -43.01 -21.34
N SER I 92 22.46 -42.59 -21.27
CA SER I 92 21.83 -41.99 -22.44
C SER I 92 20.51 -41.33 -22.06
N GLY I 93 20.00 -40.50 -22.97
CA GLY I 93 18.67 -39.95 -22.76
C GLY I 93 17.60 -41.02 -22.62
N LEU I 94 17.66 -42.04 -23.50
CA LEU I 94 16.70 -43.13 -23.43
C LEU I 94 16.81 -43.89 -22.11
N ASN I 95 18.03 -44.22 -21.70
CA ASN I 95 18.15 -45.01 -20.48
C ASN I 95 17.68 -44.20 -19.27
N ALA I 96 17.94 -42.89 -19.27
CA ALA I 96 17.44 -42.09 -18.16
C ALA I 96 15.92 -42.07 -18.14
N MET I 97 15.29 -41.93 -19.32
CA MET I 97 13.82 -41.93 -19.37
C MET I 97 13.24 -43.26 -18.92
N GLU I 98 13.86 -44.38 -19.36
CA GLU I 98 13.38 -45.69 -18.90
C GLU I 98 13.59 -45.85 -17.40
N SER I 99 14.70 -45.33 -16.87
CA SER I 99 14.94 -45.41 -15.43
C SER I 99 13.94 -44.57 -14.67
N ALA I 100 13.58 -43.41 -15.22
CA ALA I 100 12.59 -42.57 -14.55
C ALA I 100 11.21 -43.25 -14.59
N LEU I 101 10.89 -43.93 -15.71
CA LEU I 101 9.63 -44.67 -15.76
C LEU I 101 9.57 -45.75 -14.70
N HIS I 102 10.65 -46.52 -14.57
CA HIS I 102 10.73 -47.54 -13.52
C HIS I 102 10.54 -46.94 -12.14
N LEU I 103 11.21 -45.80 -11.88
CA LEU I 103 11.11 -45.12 -10.59
C LEU I 103 9.67 -44.66 -10.33
N GLU I 104 9.03 -44.06 -11.34
CA GLU I 104 7.69 -43.58 -11.09
C GLU I 104 6.71 -44.72 -10.86
N LYS I 105 6.87 -45.86 -11.54
CA LYS I 105 5.98 -46.96 -11.24
CA LYS I 105 6.00 -46.99 -11.26
C LYS I 105 6.25 -47.54 -9.85
N ASN I 106 7.51 -47.53 -9.41
CA ASN I 106 7.80 -47.96 -8.04
CA ASN I 106 7.80 -47.96 -8.05
C ASN I 106 7.14 -47.05 -7.03
N VAL I 107 7.21 -45.73 -7.25
CA VAL I 107 6.59 -44.79 -6.34
C VAL I 107 5.07 -44.98 -6.35
N ASN I 108 4.50 -45.15 -7.54
CA ASN I 108 3.07 -45.43 -7.64
C ASN I 108 2.68 -46.68 -6.84
N GLN I 109 3.45 -47.74 -6.95
CA GLN I 109 3.13 -48.95 -6.17
CA GLN I 109 3.13 -48.94 -6.17
C GLN I 109 3.12 -48.66 -4.67
N SER I 110 4.09 -47.87 -4.21
CA SER I 110 4.12 -47.47 -2.81
C SER I 110 2.86 -46.67 -2.43
N LEU I 111 2.44 -45.75 -3.30
CA LEU I 111 1.24 -44.96 -2.98
C LEU I 111 -0.02 -45.81 -2.98
N LEU I 112 -0.10 -46.82 -3.87
CA LEU I 112 -1.24 -47.73 -3.88
C LEU I 112 -1.29 -48.56 -2.59
N GLU I 113 -0.12 -48.99 -2.12
CA GLU I 113 -0.06 -49.73 -0.86
C GLU I 113 -0.48 -48.84 0.30
N LEU I 114 -0.06 -47.57 0.26
CA LEU I 114 -0.51 -46.62 1.29
CA LEU I 114 -0.50 -46.60 1.27
C LEU I 114 -2.01 -46.40 1.23
N HIS I 115 -2.56 -46.30 0.02
CA HIS I 115 -4.01 -46.16 -0.08
C HIS I 115 -4.72 -47.38 0.47
N LYS I 116 -4.21 -48.58 0.17
CA LYS I 116 -4.79 -49.80 0.70
CA LYS I 116 -4.83 -49.78 0.71
C LYS I 116 -4.79 -49.78 2.23
N LEU I 117 -3.68 -49.32 2.82
CA LEU I 117 -3.61 -49.23 4.27
C LEU I 117 -4.64 -48.23 4.81
N ALA I 118 -4.74 -47.06 4.19
CA ALA I 118 -5.70 -46.06 4.63
C ALA I 118 -7.12 -46.61 4.55
N THR I 119 -7.42 -47.34 3.46
CA THR I 119 -8.71 -48.00 3.33
C THR I 119 -8.91 -49.04 4.43
N ASP I 120 -7.91 -49.87 4.67
CA ASP I 120 -8.04 -50.92 5.67
CA ASP I 120 -8.05 -50.92 5.67
C ASP I 120 -8.28 -50.35 7.06
N LYS I 121 -7.71 -49.18 7.36
CA LYS I 121 -7.88 -48.52 8.64
C LYS I 121 -9.05 -47.55 8.66
N ASN I 122 -9.89 -47.55 7.61
CA ASN I 122 -11.05 -46.69 7.51
CA ASN I 122 -11.06 -46.68 7.54
C ASN I 122 -10.68 -45.23 7.79
N ASP I 123 -9.68 -44.76 7.04
CA ASP I 123 -9.19 -43.37 7.15
C ASP I 123 -9.51 -42.67 5.84
N PRO I 124 -10.74 -42.17 5.66
CA PRO I 124 -11.10 -41.55 4.37
C PRO I 124 -10.43 -40.21 4.15
N HIS I 125 -10.02 -39.51 5.21
CA HIS I 125 -9.26 -38.29 4.94
C HIS I 125 -7.93 -38.62 4.28
N LEU I 126 -7.27 -39.65 4.77
CA LEU I 126 -5.98 -40.04 4.18
C LEU I 126 -6.17 -40.64 2.80
N SER I 127 -7.17 -41.51 2.59
CA SER I 127 -7.35 -42.06 1.25
CA SER I 127 -7.42 -42.05 1.26
C SER I 127 -7.70 -40.95 0.26
N ASP I 128 -8.52 -39.97 0.67
CA ASP I 128 -8.82 -38.85 -0.22
C ASP I 128 -7.57 -38.01 -0.50
N PHE I 129 -6.73 -37.82 0.52
CA PHE I 129 -5.49 -37.08 0.32
C PHE I 129 -4.61 -37.74 -0.73
N ILE I 130 -4.47 -39.06 -0.65
CA ILE I 130 -3.61 -39.77 -1.59
C ILE I 130 -4.19 -39.68 -2.99
N GLU I 131 -5.50 -39.92 -3.11
CA GLU I 131 -6.18 -39.86 -4.41
C GLU I 131 -6.06 -38.47 -5.03
N THR I 132 -6.27 -37.45 -4.20
CA THR I 132 -6.36 -36.08 -4.70
C THR I 132 -5.01 -35.56 -5.15
N HIS I 133 -3.97 -35.80 -4.36
CA HIS I 133 -2.71 -35.12 -4.60
C HIS I 133 -1.65 -36.02 -5.20
N TYR I 134 -1.86 -37.35 -5.22
CA TYR I 134 -0.77 -38.21 -5.64
C TYR I 134 -1.13 -39.16 -6.78
N LEU I 135 -2.33 -39.76 -6.76
CA LEU I 135 -2.53 -40.88 -7.67
C LEU I 135 -2.63 -40.45 -9.14
N ASN I 136 -3.36 -39.38 -9.43
CA ASN I 136 -3.43 -38.98 -10.83
C ASN I 136 -2.13 -38.33 -11.27
N GLU I 137 -1.44 -37.63 -10.36
CA GLU I 137 -0.12 -37.13 -10.69
CA GLU I 137 -0.11 -37.13 -10.65
C GLU I 137 0.81 -38.25 -11.13
N GLN I 138 0.74 -39.41 -10.46
CA GLN I 138 1.57 -40.55 -10.87
C GLN I 138 1.14 -41.08 -12.23
N VAL I 139 -0.17 -41.21 -12.46
CA VAL I 139 -0.62 -41.71 -13.76
C VAL I 139 -0.16 -40.79 -14.88
N LYS I 140 -0.27 -39.48 -14.69
CA LYS I 140 0.17 -38.56 -15.74
C LYS I 140 1.67 -38.67 -15.97
N ALA I 141 2.45 -38.77 -14.89
CA ALA I 141 3.91 -38.83 -15.02
C ALA I 141 4.35 -40.10 -15.74
N ILE I 142 3.73 -41.24 -15.40
CA ILE I 142 4.06 -42.49 -16.06
C ILE I 142 3.68 -42.45 -17.54
N LYS I 143 2.52 -41.88 -17.84
CA LYS I 143 2.10 -41.79 -19.23
C LYS I 143 3.06 -40.93 -20.04
N GLU I 144 3.49 -39.80 -19.49
CA GLU I 144 4.42 -38.91 -20.17
C GLU I 144 5.77 -39.58 -20.40
N LEU I 145 6.28 -40.27 -19.39
CA LEU I 145 7.54 -40.98 -19.55
C LEU I 145 7.39 -42.09 -20.57
N GLY I 146 6.26 -42.80 -20.55
CA GLY I 146 6.08 -43.84 -21.56
C GLY I 146 6.11 -43.22 -22.95
N ASP I 147 5.38 -42.11 -23.14
CA ASP I 147 5.42 -41.40 -24.41
C ASP I 147 6.86 -41.05 -24.82
N HIS I 148 7.63 -40.53 -23.87
CA HIS I 148 8.99 -40.11 -24.19
C HIS I 148 9.85 -41.31 -24.58
N VAL I 149 9.72 -42.42 -23.85
CA VAL I 149 10.48 -43.61 -24.19
C VAL I 149 10.12 -44.10 -25.59
N THR I 150 8.83 -44.14 -25.89
CA THR I 150 8.38 -44.56 -27.22
C THR I 150 9.02 -43.72 -28.33
N ASN I 151 8.97 -42.40 -28.19
CA ASN I 151 9.50 -41.52 -29.24
C ASN I 151 11.01 -41.72 -29.39
N LEU I 152 11.73 -41.79 -28.27
CA LEU I 152 13.17 -41.99 -28.37
C LEU I 152 13.50 -43.31 -29.07
N ARG I 153 12.79 -44.39 -28.72
N ARG I 153 12.80 -44.39 -28.71
CA ARG I 153 13.03 -45.67 -29.39
CA ARG I 153 13.00 -45.67 -29.39
C ARG I 153 12.70 -45.59 -30.88
C ARG I 153 12.72 -45.55 -30.87
N LYS I 154 11.54 -45.00 -31.23
CA LYS I 154 11.17 -44.89 -32.64
C LYS I 154 12.19 -44.08 -33.42
N MET I 155 12.74 -43.04 -32.80
CA MET I 155 13.71 -42.16 -33.48
C MET I 155 15.06 -42.81 -33.67
N GLY I 156 15.35 -43.93 -32.98
CA GLY I 156 16.62 -44.62 -33.09
C GLY I 156 17.58 -44.47 -31.92
N ALA I 157 17.12 -43.94 -30.79
CA ALA I 157 17.99 -43.85 -29.62
C ALA I 157 18.18 -45.25 -29.02
N PRO I 158 19.29 -45.46 -28.27
CA PRO I 158 20.32 -44.48 -27.91
C PRO I 158 21.45 -44.41 -28.91
N GLU I 159 21.44 -45.31 -29.90
CA GLU I 159 22.56 -45.39 -30.83
C GLU I 159 22.67 -44.13 -31.67
N SER I 160 21.54 -43.60 -32.13
CA SER I 160 21.51 -42.32 -32.84
C SER I 160 21.66 -41.16 -31.84
N GLY I 161 22.84 -40.53 -31.84
CA GLY I 161 23.00 -39.30 -31.08
C GLY I 161 22.20 -38.14 -31.66
N LEU I 162 22.02 -38.11 -33.00
CA LEU I 162 21.04 -37.23 -33.67
C LEU I 162 19.62 -37.37 -33.09
N ALA I 163 19.14 -38.61 -32.89
CA ALA I 163 17.81 -38.79 -32.30
C ALA I 163 17.72 -38.10 -30.94
N GLU I 164 18.68 -38.36 -30.04
CA GLU I 164 18.58 -37.72 -28.73
C GLU I 164 18.73 -36.20 -28.84
N TYR I 165 19.57 -35.72 -29.76
CA TYR I 165 19.72 -34.28 -29.95
C TYR I 165 18.41 -33.65 -30.39
N LEU I 166 17.73 -34.28 -31.35
CA LEU I 166 16.52 -33.66 -31.89
C LEU I 166 15.36 -33.76 -30.91
N PHE I 167 15.28 -34.88 -30.16
CA PHE I 167 14.28 -35.00 -29.10
C PHE I 167 14.48 -33.94 -28.02
N ASP I 168 15.74 -33.72 -27.62
CA ASP I 168 16.05 -32.65 -26.68
C ASP I 168 15.52 -31.30 -27.18
N LYS I 169 15.66 -31.02 -28.47
CA LYS I 169 15.19 -29.74 -29.00
CA LYS I 169 15.19 -29.74 -29.01
C LYS I 169 13.68 -29.71 -29.14
N HIS I 170 13.08 -30.74 -29.73
CA HIS I 170 11.69 -30.64 -30.16
C HIS I 170 10.68 -31.05 -29.13
N THR I 171 11.00 -32.01 -28.27
CA THR I 171 10.05 -32.42 -27.25
C THR I 171 10.34 -31.79 -25.90
N LEU I 172 11.61 -31.71 -25.51
CA LEU I 172 11.89 -31.15 -24.19
C LEU I 172 12.17 -29.65 -24.23
N GLY I 173 12.23 -29.08 -25.43
CA GLY I 173 12.72 -27.72 -25.61
C GLY I 173 11.64 -26.66 -25.50
N THR J 2 40.45 -38.31 -20.01
CA THR J 2 40.39 -36.96 -19.46
CA THR J 2 40.33 -36.98 -19.41
C THR J 2 39.26 -36.17 -20.15
N SER J 3 38.48 -35.41 -19.39
CA SER J 3 37.48 -34.54 -20.00
C SER J 3 38.15 -33.52 -20.92
N GLN J 4 37.56 -33.28 -22.09
CA GLN J 4 38.11 -32.32 -23.03
C GLN J 4 38.14 -30.89 -22.48
N VAL J 5 37.35 -30.57 -21.45
CA VAL J 5 37.36 -29.23 -20.90
C VAL J 5 38.33 -29.10 -19.72
N ARG J 6 38.84 -30.20 -19.18
CA ARG J 6 39.57 -30.11 -17.92
C ARG J 6 40.88 -29.38 -18.10
N GLN J 7 41.15 -28.44 -17.19
CA GLN J 7 42.40 -27.68 -17.23
C GLN J 7 42.69 -27.16 -15.82
N ASN J 8 43.88 -27.49 -15.28
CA ASN J 8 44.33 -26.99 -13.98
C ASN J 8 43.38 -27.37 -12.85
N TYR J 9 42.79 -28.56 -12.91
CA TYR J 9 41.78 -29.00 -11.95
C TYR J 9 42.28 -30.27 -11.29
N HIS J 10 42.73 -30.17 -10.06
CA HIS J 10 43.37 -31.32 -9.44
C HIS J 10 42.34 -32.35 -9.03
N GLN J 11 42.74 -33.62 -9.03
CA GLN J 11 41.82 -34.67 -8.61
CA GLN J 11 41.80 -34.64 -8.62
C GLN J 11 41.41 -34.48 -7.16
N ASP J 12 42.29 -33.93 -6.31
CA ASP J 12 41.88 -33.70 -4.92
C ASP J 12 40.79 -32.64 -4.84
N SER J 13 40.87 -31.61 -5.69
CA SER J 13 39.84 -30.58 -5.73
C SER J 13 38.51 -31.17 -6.16
N GLU J 14 38.55 -31.97 -7.22
CA GLU J 14 37.34 -32.65 -7.71
C GLU J 14 36.68 -33.46 -6.58
N ALA J 15 37.48 -34.23 -5.83
CA ALA J 15 36.92 -35.00 -4.71
C ALA J 15 36.35 -34.09 -3.64
N ALA J 16 37.06 -33.00 -3.33
CA ALA J 16 36.61 -32.10 -2.27
C ALA J 16 35.30 -31.44 -2.65
N ILE J 17 35.11 -31.13 -3.93
CA ILE J 17 33.85 -30.56 -4.41
C ILE J 17 32.71 -31.57 -4.26
N ASN J 18 32.96 -32.86 -4.58
CA ASN J 18 31.92 -33.86 -4.32
C ASN J 18 31.56 -33.94 -2.83
N ARG J 19 32.55 -33.86 -1.93
CA ARG J 19 32.22 -33.85 -0.50
C ARG J 19 31.40 -32.62 -0.12
N GLN J 20 31.73 -31.46 -0.71
CA GLN J 20 30.99 -30.24 -0.35
C GLN J 20 29.56 -30.29 -0.88
N ILE J 21 29.35 -30.87 -2.07
CA ILE J 21 27.97 -31.10 -2.55
C ILE J 21 27.16 -31.87 -1.50
N ASN J 22 27.75 -32.93 -0.95
CA ASN J 22 27.02 -33.72 0.03
C ASN J 22 26.70 -32.89 1.26
N LEU J 23 27.66 -32.08 1.71
CA LEU J 23 27.46 -31.29 2.92
C LEU J 23 26.38 -30.23 2.71
N GLU J 24 26.32 -29.63 1.52
CA GLU J 24 25.27 -28.63 1.27
C GLU J 24 23.88 -29.27 1.27
N LEU J 25 23.77 -30.48 0.68
CA LEU J 25 22.52 -31.23 0.72
C LEU J 25 22.16 -31.61 2.16
N TYR J 26 23.14 -32.04 2.94
CA TYR J 26 22.89 -32.31 4.35
C TYR J 26 22.37 -31.06 5.07
N ALA J 27 22.95 -29.88 4.79
CA ALA J 27 22.45 -28.69 5.45
C ALA J 27 21.03 -28.41 5.00
N SER J 28 20.72 -28.67 3.72
CA SER J 28 19.34 -28.47 3.29
C SER J 28 18.39 -29.37 4.07
N TYR J 29 18.84 -30.59 4.36
CA TYR J 29 18.00 -31.56 5.08
C TYR J 29 17.81 -31.16 6.54
N VAL J 30 18.85 -30.63 7.17
CA VAL J 30 18.74 -30.16 8.56
C VAL J 30 17.70 -29.05 8.65
N TYR J 31 17.82 -28.05 7.76
CA TYR J 31 16.87 -26.95 7.80
C TYR J 31 15.45 -27.39 7.44
N LEU J 32 15.29 -28.38 6.53
CA LEU J 32 13.95 -28.93 6.26
C LEU J 32 13.35 -29.55 7.51
N SER J 33 14.13 -30.35 8.23
CA SER J 33 13.69 -30.95 9.48
C SER J 33 13.28 -29.88 10.48
N MET J 34 14.14 -28.87 10.67
CA MET J 34 13.79 -27.80 11.60
C MET J 34 12.50 -27.12 11.19
N SER J 35 12.32 -26.87 9.89
CA SER J 35 11.13 -26.17 9.41
C SER J 35 9.87 -26.87 9.88
N TYR J 36 9.77 -28.17 9.61
CA TYR J 36 8.52 -28.87 9.91
C TYR J 36 8.37 -29.17 11.40
N TYR J 37 9.47 -29.10 12.17
CA TYR J 37 9.31 -29.14 13.61
C TYR J 37 8.47 -27.96 14.10
N PHE J 38 8.71 -26.76 13.55
CA PHE J 38 7.93 -25.60 14.00
C PHE J 38 6.52 -25.59 13.43
N ASP J 39 6.23 -26.51 12.51
CA ASP J 39 4.89 -26.73 11.99
C ASP J 39 4.09 -27.74 12.82
N ARG J 40 4.70 -28.38 13.83
CA ARG J 40 3.95 -29.29 14.70
C ARG J 40 2.86 -28.53 15.47
N ASP J 41 1.72 -29.17 15.71
CA ASP J 41 0.64 -28.48 16.42
C ASP J 41 1.02 -28.11 17.85
N ASP J 42 2.03 -28.80 18.42
CA ASP J 42 2.48 -28.53 19.79
C ASP J 42 3.71 -27.64 19.83
N VAL J 43 4.06 -27.00 18.72
CA VAL J 43 5.17 -26.06 18.64
C VAL J 43 4.60 -24.78 18.05
N ALA J 44 4.14 -24.86 16.79
CA ALA J 44 3.20 -23.88 16.20
C ALA J 44 3.79 -22.47 16.12
N LEU J 45 4.99 -22.37 15.55
CA LEU J 45 5.64 -21.07 15.31
C LEU J 45 5.84 -20.98 13.80
N LYS J 46 4.87 -20.39 13.09
N LYS J 46 4.84 -20.39 13.10
CA LYS J 46 4.88 -20.55 11.65
CA LYS J 46 4.82 -20.47 11.64
C LYS J 46 5.92 -19.67 10.95
C LYS J 46 5.98 -19.72 10.99
N ASN J 47 6.46 -18.65 11.61
CA ASN J 47 7.51 -17.87 10.95
C ASN J 47 8.87 -18.48 11.19
N PHE J 48 9.07 -19.19 12.33
CA PHE J 48 10.24 -20.07 12.41
C PHE J 48 10.18 -21.12 11.29
N ALA J 49 9.00 -21.74 11.10
CA ALA J 49 8.89 -22.75 10.05
C ALA J 49 9.23 -22.14 8.68
N LYS J 50 8.67 -20.96 8.37
CA LYS J 50 8.97 -20.36 7.08
CA LYS J 50 8.95 -20.31 7.09
C LYS J 50 10.44 -19.99 6.94
N TYR J 51 11.05 -19.46 8.00
CA TYR J 51 12.46 -19.05 7.94
C TYR J 51 13.36 -20.25 7.63
N PHE J 52 13.18 -21.36 8.36
CA PHE J 52 14.02 -22.52 8.09
C PHE J 52 13.70 -23.15 6.75
N LEU J 53 12.45 -23.08 6.28
CA LEU J 53 12.19 -23.66 4.95
C LEU J 53 12.93 -22.87 3.88
N HIS J 54 12.93 -21.54 4.00
CA HIS J 54 13.70 -20.72 3.07
C HIS J 54 15.18 -21.06 3.14
N GLN J 55 15.73 -21.18 4.35
CA GLN J 55 17.14 -21.58 4.49
C GLN J 55 17.38 -22.92 3.81
N SER J 56 16.45 -23.86 3.96
CA SER J 56 16.61 -25.17 3.35
C SER J 56 16.72 -25.07 1.84
N HIS J 57 15.82 -24.29 1.21
CA HIS J 57 15.90 -24.15 -0.23
C HIS J 57 17.18 -23.44 -0.67
N GLU J 58 17.68 -22.48 0.12
N GLU J 58 17.68 -22.49 0.12
CA GLU J 58 18.94 -21.84 -0.22
CA GLU J 58 18.93 -21.84 -0.27
C GLU J 58 20.06 -22.86 -0.28
C GLU J 58 20.13 -22.77 -0.19
N GLU J 59 20.10 -23.78 0.69
CA GLU J 59 21.19 -24.76 0.72
C GLU J 59 21.11 -25.66 -0.50
N ARG J 60 19.90 -26.02 -0.94
CA ARG J 60 19.81 -26.82 -2.16
CA ARG J 60 19.80 -26.81 -2.16
C ARG J 60 20.36 -26.05 -3.35
N GLU J 61 20.13 -24.73 -3.42
CA GLU J 61 20.78 -23.93 -4.47
CA GLU J 61 20.78 -23.92 -4.46
C GLU J 61 22.31 -23.96 -4.35
N HIS J 62 22.83 -23.91 -3.11
CA HIS J 62 24.28 -23.99 -2.92
C HIS J 62 24.81 -25.29 -3.51
N ALA J 63 24.11 -26.40 -3.23
CA ALA J 63 24.54 -27.70 -3.75
C ALA J 63 24.50 -27.72 -5.27
N GLU J 64 23.41 -27.23 -5.86
CA GLU J 64 23.27 -27.29 -7.31
C GLU J 64 24.35 -26.46 -8.00
N LYS J 65 24.77 -25.35 -7.40
N LYS J 65 24.77 -25.34 -7.41
CA LYS J 65 25.80 -24.54 -8.02
CA LYS J 65 25.79 -24.54 -8.04
C LYS J 65 27.14 -25.25 -7.99
C LYS J 65 27.15 -25.25 -7.99
N LEU J 66 27.39 -26.04 -6.94
CA LEU J 66 28.62 -26.84 -6.91
C LEU J 66 28.57 -27.98 -7.91
N MET J 67 27.40 -28.57 -8.13
CA MET J 67 27.28 -29.58 -9.17
C MET J 67 27.56 -28.97 -10.54
N LYS J 68 27.05 -27.77 -10.79
CA LYS J 68 27.35 -27.08 -12.04
CA LYS J 68 27.35 -27.08 -12.04
C LYS J 68 28.84 -26.82 -12.17
N LEU J 69 29.47 -26.39 -11.07
CA LEU J 69 30.91 -26.12 -11.11
C LEU J 69 31.68 -27.39 -11.45
N GLN J 70 31.32 -28.51 -10.81
CA GLN J 70 32.01 -29.77 -11.11
C GLN J 70 32.01 -30.06 -12.60
N ASN J 71 30.84 -29.92 -13.24
CA ASN J 71 30.80 -30.18 -14.69
C ASN J 71 31.51 -29.08 -15.48
N GLN J 72 31.45 -27.84 -15.01
CA GLN J 72 32.14 -26.76 -15.72
C GLN J 72 33.62 -27.04 -15.83
N ARG J 73 34.19 -27.62 -14.79
CA ARG J 73 35.63 -27.86 -14.75
C ARG J 73 36.03 -29.22 -15.29
N GLY J 74 35.08 -30.04 -15.71
CA GLY J 74 35.39 -31.34 -16.25
C GLY J 74 35.49 -32.46 -15.23
N GLY J 75 35.19 -32.17 -13.96
CA GLY J 75 35.14 -33.20 -12.95
C GLY J 75 33.86 -34.00 -13.08
N ARG J 76 33.75 -35.06 -12.28
CA ARG J 76 32.59 -35.95 -12.40
C ARG J 76 31.90 -36.05 -11.05
N ILE J 77 30.60 -35.79 -11.06
CA ILE J 77 29.81 -35.79 -9.83
C ILE J 77 29.61 -37.23 -9.36
N PHE J 78 29.91 -37.48 -8.09
CA PHE J 78 29.59 -38.73 -7.42
C PHE J 78 28.83 -38.37 -6.16
N LEU J 79 27.56 -38.73 -6.13
CA LEU J 79 26.70 -38.42 -5.01
C LEU J 79 26.79 -39.52 -3.97
N GLN J 80 26.55 -39.15 -2.72
CA GLN J 80 26.50 -40.09 -1.61
C GLN J 80 25.20 -39.91 -0.85
N ASP J 81 24.92 -40.88 0.03
CA ASP J 81 23.72 -40.76 0.88
C ASP J 81 23.70 -39.40 1.56
N ILE J 82 22.51 -38.82 1.69
CA ILE J 82 22.32 -37.64 2.53
C ILE J 82 21.90 -38.12 3.92
N LYS J 83 22.77 -37.92 4.92
CA LYS J 83 22.48 -38.41 6.26
C LYS J 83 21.31 -37.63 6.86
N LYS J 84 20.49 -38.34 7.64
CA LYS J 84 19.45 -37.62 8.35
C LYS J 84 20.05 -36.67 9.40
N PRO J 85 19.32 -35.62 9.79
CA PRO J 85 19.83 -34.72 10.83
C PRO J 85 20.02 -35.43 12.17
N ASP J 86 20.86 -34.83 13.03
N ASP J 86 20.83 -34.80 13.02
CA ASP J 86 21.21 -35.43 14.31
CA ASP J 86 21.23 -35.37 14.30
C ASP J 86 20.11 -35.33 15.37
C ASP J 86 20.06 -35.42 15.28
N SER J 87 19.09 -34.50 15.17
CA SER J 87 17.92 -34.46 16.04
C SER J 87 16.65 -34.65 15.24
N ASP J 88 15.65 -35.25 15.90
CA ASP J 88 14.29 -35.28 15.41
C ASP J 88 13.43 -34.18 16.02
N ASP J 89 13.70 -33.87 17.29
CA ASP J 89 12.98 -32.88 18.08
C ASP J 89 13.94 -31.73 18.34
N TRP J 90 13.64 -30.54 17.82
CA TRP J 90 14.61 -29.46 17.97
C TRP J 90 14.37 -28.62 19.23
N GLU J 91 13.38 -28.98 20.07
N GLU J 91 13.41 -28.99 20.08
CA GLU J 91 13.24 -28.53 21.46
CA GLU J 91 13.30 -28.53 21.46
C GLU J 91 12.68 -27.12 21.59
C GLU J 91 12.68 -27.14 21.58
N SER J 92 13.20 -26.16 20.83
CA SER J 92 12.76 -24.78 20.97
C SER J 92 13.27 -23.93 19.82
N GLY J 93 12.67 -22.73 19.69
CA GLY J 93 13.21 -21.76 18.73
C GLY J 93 14.67 -21.44 18.98
N LEU J 94 15.03 -21.19 20.24
CA LEU J 94 16.42 -20.88 20.58
C LEU J 94 17.35 -22.04 20.24
N ASN J 95 16.95 -23.27 20.59
CA ASN J 95 17.84 -24.39 20.33
C ASN J 95 18.02 -24.61 18.83
N ALA J 96 16.96 -24.40 18.06
CA ALA J 96 17.11 -24.56 16.61
C ALA J 96 18.06 -23.52 16.05
N MET J 97 17.94 -22.27 16.51
CA MET J 97 18.85 -21.23 16.04
C MET J 97 20.29 -21.52 16.44
N GLU J 98 20.50 -22.01 17.68
CA GLU J 98 21.86 -22.36 18.09
C GLU J 98 22.39 -23.52 17.25
N SER J 99 21.52 -24.50 16.96
CA SER J 99 21.95 -25.63 16.14
C SER J 99 22.27 -25.19 14.73
N ALA J 100 21.49 -24.26 14.18
CA ALA J 100 21.77 -23.76 12.83
C ALA J 100 23.07 -22.97 12.82
N LEU J 101 23.33 -22.20 13.89
CA LEU J 101 24.61 -21.49 13.97
C LEU J 101 25.78 -22.47 13.93
N HIS J 102 25.69 -23.53 14.72
CA HIS J 102 26.73 -24.56 14.73
C HIS J 102 26.93 -25.17 13.35
N LEU J 103 25.81 -25.47 12.66
CA LEU J 103 25.86 -26.05 11.32
C LEU J 103 26.53 -25.10 10.34
N GLU J 104 26.14 -23.82 10.38
CA GLU J 104 26.74 -22.89 9.43
C GLU J 104 28.23 -22.70 9.70
N LYS J 105 28.67 -22.71 10.95
CA LYS J 105 30.11 -22.62 11.18
CA LYS J 105 30.11 -22.63 11.20
C LYS J 105 30.82 -23.89 10.73
N ASN J 106 30.17 -25.05 10.87
CA ASN J 106 30.77 -26.27 10.34
C ASN J 106 30.93 -26.20 8.85
N VAL J 107 29.90 -25.71 8.14
CA VAL J 107 29.96 -25.61 6.69
C VAL J 107 31.04 -24.62 6.28
N ASN J 108 31.12 -23.50 7.00
CA ASN J 108 32.15 -22.50 6.73
C ASN J 108 33.55 -23.11 6.88
N GLN J 109 33.76 -23.90 7.93
CA GLN J 109 35.07 -24.54 8.09
CA GLN J 109 35.08 -24.53 8.09
C GLN J 109 35.41 -25.43 6.90
N SER J 110 34.45 -26.19 6.41
CA SER J 110 34.67 -27.03 5.23
C SER J 110 35.00 -26.18 4.00
N LEU J 111 34.33 -25.03 3.83
CA LEU J 111 34.62 -24.17 2.69
C LEU J 111 36.02 -23.56 2.79
N LEU J 112 36.43 -23.19 4.00
CA LEU J 112 37.79 -22.67 4.20
C LEU J 112 38.84 -23.73 3.89
N GLU J 113 38.57 -24.98 4.28
CA GLU J 113 39.49 -26.06 3.94
C GLU J 113 39.55 -26.26 2.42
N LEU J 114 38.38 -26.15 1.77
CA LEU J 114 38.35 -26.25 0.32
CA LEU J 114 38.32 -26.24 0.31
C LEU J 114 39.13 -25.12 -0.34
N HIS J 115 39.03 -23.91 0.21
CA HIS J 115 39.77 -22.78 -0.33
C HIS J 115 41.27 -23.00 -0.13
N LYS J 116 41.67 -23.49 1.04
CA LYS J 116 43.07 -23.83 1.27
CA LYS J 116 43.08 -23.80 1.25
C LYS J 116 43.58 -24.84 0.25
N LEU J 117 42.77 -25.86 -0.04
CA LEU J 117 43.16 -26.84 -1.06
C LEU J 117 43.31 -26.17 -2.42
N ALA J 118 42.35 -25.33 -2.80
CA ALA J 118 42.41 -24.66 -4.10
C ALA J 118 43.66 -23.80 -4.20
N THR J 119 43.97 -23.07 -3.13
CA THR J 119 45.19 -22.27 -3.04
C THR J 119 46.44 -23.15 -3.16
N ASP J 120 46.47 -24.26 -2.43
CA ASP J 120 47.64 -25.15 -2.46
CA ASP J 120 47.65 -25.12 -2.45
C ASP J 120 47.88 -25.72 -3.84
N LYS J 121 46.81 -26.00 -4.58
CA LYS J 121 46.90 -26.53 -5.94
C LYS J 121 46.94 -25.43 -6.99
N ASN J 122 47.14 -24.17 -6.58
CA ASN J 122 47.22 -23.05 -7.51
CA ASN J 122 47.22 -23.04 -7.51
C ASN J 122 46.07 -23.05 -8.52
N ASP J 123 44.84 -23.09 -7.98
CA ASP J 123 43.62 -23.10 -8.80
C ASP J 123 42.87 -21.81 -8.49
N PRO J 124 43.23 -20.71 -9.14
CA PRO J 124 42.58 -19.43 -8.81
C PRO J 124 41.15 -19.36 -9.29
N HIS J 125 40.78 -20.12 -10.32
CA HIS J 125 39.36 -20.12 -10.69
C HIS J 125 38.53 -20.71 -9.56
N LEU J 126 38.99 -21.81 -9.00
CA LEU J 126 38.24 -22.42 -7.91
C LEU J 126 38.28 -21.53 -6.64
N SER J 127 39.45 -20.96 -6.29
CA SER J 127 39.47 -20.12 -5.09
CA SER J 127 39.51 -20.09 -5.12
C SER J 127 38.57 -18.89 -5.27
N ASP J 128 38.56 -18.30 -6.45
CA ASP J 128 37.65 -17.20 -6.72
C ASP J 128 36.19 -17.64 -6.64
N PHE J 129 35.88 -18.84 -7.14
CA PHE J 129 34.51 -19.34 -7.08
C PHE J 129 34.04 -19.45 -5.64
N ILE J 130 34.89 -20.01 -4.77
CA ILE J 130 34.52 -20.19 -3.37
C ILE J 130 34.34 -18.83 -2.69
N GLU J 131 35.30 -17.92 -2.91
CA GLU J 131 35.21 -16.59 -2.32
C GLU J 131 33.95 -15.87 -2.79
N THR J 132 33.69 -15.94 -4.10
CA THR J 132 32.61 -15.14 -4.68
C THR J 132 31.25 -15.63 -4.24
N HIS J 133 31.02 -16.94 -4.24
CA HIS J 133 29.68 -17.45 -4.08
C HIS J 133 29.42 -18.05 -2.72
N TYR J 134 30.46 -18.28 -1.92
CA TYR J 134 30.23 -19.00 -0.68
C TYR J 134 30.74 -18.29 0.56
N LEU J 135 31.91 -17.65 0.50
CA LEU J 135 32.51 -17.26 1.77
C LEU J 135 31.73 -16.11 2.44
N ASN J 136 31.35 -15.08 1.70
CA ASN J 136 30.63 -13.99 2.35
C ASN J 136 29.20 -14.40 2.67
N GLU J 137 28.61 -15.28 1.84
CA GLU J 137 27.31 -15.84 2.20
CA GLU J 137 27.33 -15.87 2.19
C GLU J 137 27.36 -16.53 3.56
N GLN J 138 28.43 -17.28 3.85
CA GLN J 138 28.55 -17.91 5.16
C GLN J 138 28.71 -16.86 6.26
N VAL J 139 29.56 -15.86 6.05
CA VAL J 139 29.74 -14.84 7.09
C VAL J 139 28.41 -14.15 7.39
N LYS J 140 27.62 -13.81 6.35
CA LYS J 140 26.33 -13.18 6.59
C LYS J 140 25.39 -14.10 7.33
N ALA J 141 25.35 -15.38 6.95
CA ALA J 141 24.44 -16.32 7.61
C ALA J 141 24.79 -16.51 9.07
N ILE J 142 26.09 -16.60 9.39
CA ILE J 142 26.52 -16.78 10.76
C ILE J 142 26.21 -15.54 11.59
N LYS J 143 26.44 -14.36 11.01
CA LYS J 143 26.15 -13.11 11.73
C LYS J 143 24.66 -13.03 12.05
N GLU J 144 23.81 -13.37 11.08
CA GLU J 144 22.36 -13.30 11.28
C GLU J 144 21.90 -14.28 12.35
N LEU J 145 22.41 -15.51 12.32
CA LEU J 145 22.03 -16.48 13.35
C LEU J 145 22.54 -16.04 14.72
N GLY J 146 23.75 -15.49 14.78
CA GLY J 146 24.22 -14.98 16.04
C GLY J 146 23.29 -13.90 16.58
N ASP J 147 22.90 -12.95 15.73
CA ASP J 147 21.95 -11.91 16.13
C ASP J 147 20.66 -12.55 16.68
N HIS J 148 20.14 -13.54 15.96
CA HIS J 148 18.89 -14.17 16.38
C HIS J 148 19.05 -14.86 17.73
N VAL J 149 20.14 -15.61 17.91
CA VAL J 149 20.39 -16.26 19.20
C VAL J 149 20.46 -15.22 20.32
N THR J 150 21.19 -14.13 20.07
CA THR J 150 21.30 -13.08 21.09
C THR J 150 19.92 -12.52 21.48
N ASN J 151 19.09 -12.20 20.50
CA ASN J 151 17.78 -11.63 20.83
C ASN J 151 16.92 -12.63 21.59
N LEU J 152 16.92 -13.89 21.14
CA LEU J 152 16.12 -14.88 21.86
C LEU J 152 16.58 -15.04 23.31
N ARG J 153 17.89 -15.10 23.53
N ARG J 153 17.89 -15.12 23.53
CA ARG J 153 18.40 -15.19 24.90
CA ARG J 153 18.42 -15.16 24.89
C ARG J 153 18.01 -13.96 25.71
C ARG J 153 17.98 -13.95 25.70
N LYS J 154 18.20 -12.76 25.14
CA LYS J 154 17.87 -11.53 25.88
C LYS J 154 16.39 -11.46 26.22
N MET J 155 15.54 -12.00 25.35
CA MET J 155 14.09 -11.96 25.56
C MET J 155 13.61 -12.98 26.59
N GLY J 156 14.44 -13.95 26.98
CA GLY J 156 14.06 -14.95 27.95
C GLY J 156 13.80 -16.35 27.42
N ALA J 157 14.08 -16.62 26.15
CA ALA J 157 13.91 -17.95 25.60
C ALA J 157 14.97 -18.91 26.19
N PRO J 158 14.68 -20.23 26.24
CA PRO J 158 13.49 -20.90 25.72
C PRO J 158 12.36 -20.98 26.73
N GLU J 159 12.64 -20.55 27.96
CA GLU J 159 11.68 -20.76 29.04
C GLU J 159 10.44 -19.90 28.85
N SER J 160 10.63 -18.67 28.39
CA SER J 160 9.53 -17.79 28.01
C SER J 160 8.97 -18.24 26.65
N GLY J 161 7.79 -18.87 26.68
CA GLY J 161 7.10 -19.16 25.44
C GLY J 161 6.61 -17.89 24.77
N LEU J 162 6.28 -16.85 25.58
CA LEU J 162 6.03 -15.49 25.06
C LEU J 162 7.20 -14.91 24.27
N ALA J 163 8.44 -15.08 24.76
CA ALA J 163 9.59 -14.58 23.99
C ALA J 163 9.64 -15.20 22.61
N GLU J 164 9.51 -16.55 22.52
CA GLU J 164 9.61 -17.15 21.19
C GLU J 164 8.44 -16.73 20.32
N TYR J 165 7.24 -16.58 20.92
CA TYR J 165 6.08 -16.13 20.15
C TYR J 165 6.32 -14.75 19.56
N LEU J 166 6.84 -13.83 20.38
CA LEU J 166 7.00 -12.45 19.92
C LEU J 166 8.15 -12.32 18.93
N PHE J 167 9.23 -13.09 19.13
CA PHE J 167 10.31 -13.12 18.14
C PHE J 167 9.82 -13.65 16.79
N ASP J 168 9.01 -14.72 16.83
CA ASP J 168 8.42 -15.24 15.60
C ASP J 168 7.64 -14.14 14.86
N LYS J 169 6.88 -13.32 15.59
CA LYS J 169 6.09 -12.28 14.95
CA LYS J 169 6.08 -12.28 14.96
C LYS J 169 6.96 -11.13 14.48
N HIS J 170 7.86 -10.63 15.33
CA HIS J 170 8.49 -9.35 15.05
C HIS J 170 9.78 -9.45 14.29
N THR J 171 10.55 -10.50 14.47
CA THR J 171 11.80 -10.63 13.73
C THR J 171 11.65 -11.52 12.52
N LEU J 172 10.96 -12.63 12.64
CA LEU J 172 10.87 -13.54 11.49
C LEU J 172 9.64 -13.27 10.64
N GLY J 173 8.77 -12.37 11.08
CA GLY J 173 7.47 -12.22 10.47
C GLY J 173 7.51 -11.26 9.29
N SER K 1 -22.45 -8.40 39.84
CA SER K 1 -21.76 -7.11 39.83
C SER K 1 -22.10 -6.35 38.55
N THR K 2 -22.31 -5.05 38.67
CA THR K 2 -22.82 -4.27 37.55
CA THR K 2 -22.82 -4.24 37.57
C THR K 2 -21.73 -4.03 36.51
N SER K 3 -22.13 -4.07 35.24
CA SER K 3 -21.21 -3.71 34.17
C SER K 3 -20.79 -2.25 34.29
N GLN K 4 -19.50 -1.97 34.09
CA GLN K 4 -18.99 -0.60 34.16
C GLN K 4 -19.62 0.33 33.12
N VAL K 5 -20.19 -0.20 32.03
CA VAL K 5 -20.83 0.67 31.04
C VAL K 5 -22.33 0.86 31.29
N ARG K 6 -22.94 0.06 32.15
CA ARG K 6 -24.40 0.07 32.23
C ARG K 6 -24.92 1.41 32.75
N GLN K 7 -25.91 1.97 32.07
CA GLN K 7 -26.51 3.21 32.52
C GLN K 7 -27.93 3.31 31.97
N ASN K 8 -28.92 3.50 32.85
CA ASN K 8 -30.32 3.68 32.43
C ASN K 8 -30.85 2.48 31.63
N TYR K 9 -30.44 1.27 32.00
CA TYR K 9 -30.78 0.06 31.26
C TYR K 9 -31.48 -0.90 32.22
N HIS K 10 -32.79 -1.01 32.08
CA HIS K 10 -33.56 -1.77 33.06
C HIS K 10 -33.35 -3.26 32.84
N GLN K 11 -33.43 -4.04 33.92
CA GLN K 11 -33.28 -5.49 33.77
CA GLN K 11 -33.26 -5.47 33.74
C GLN K 11 -34.37 -6.08 32.90
N ASP K 12 -35.58 -5.48 32.91
CA ASP K 12 -36.65 -6.00 32.04
C ASP K 12 -36.32 -5.79 30.57
N SER K 13 -35.69 -4.64 30.26
CA SER K 13 -35.26 -4.37 28.89
C SER K 13 -34.20 -5.36 28.45
N GLU K 14 -33.24 -5.63 29.33
CA GLU K 14 -32.19 -6.60 29.04
C GLU K 14 -32.78 -7.97 28.71
N ALA K 15 -33.75 -8.42 29.52
CA ALA K 15 -34.41 -9.69 29.25
C ALA K 15 -35.17 -9.66 27.93
N ALA K 16 -35.86 -8.56 27.67
CA ALA K 16 -36.66 -8.47 26.45
C ALA K 16 -35.77 -8.51 25.21
N ILE K 17 -34.58 -7.92 25.30
CA ILE K 17 -33.63 -7.97 24.20
C ILE K 17 -33.16 -9.39 23.95
N ASN K 18 -32.89 -10.17 25.03
CA ASN K 18 -32.56 -11.56 24.83
C ASN K 18 -33.70 -12.34 24.15
N ARG K 19 -34.96 -12.06 24.51
CA ARG K 19 -36.08 -12.71 23.83
CA ARG K 19 -36.08 -12.70 23.84
C ARG K 19 -36.12 -12.32 22.36
N GLN K 20 -35.87 -11.03 22.05
CA GLN K 20 -35.93 -10.62 20.65
C GLN K 20 -34.80 -11.26 19.83
N ILE K 21 -33.60 -11.41 20.42
CA ILE K 21 -32.51 -12.12 19.72
C ILE K 21 -33.00 -13.50 19.28
N ASN K 22 -33.66 -14.23 20.18
CA ASN K 22 -34.12 -15.57 19.84
C ASN K 22 -35.14 -15.52 18.71
N LEU K 23 -36.04 -14.54 18.74
CA LEU K 23 -37.10 -14.44 17.73
C LEU K 23 -36.51 -14.12 16.36
N GLU K 24 -35.52 -13.24 16.32
CA GLU K 24 -34.86 -12.94 15.04
C GLU K 24 -34.16 -14.18 14.48
N LEU K 25 -33.49 -14.97 15.35
CA LEU K 25 -32.88 -16.21 14.89
C LEU K 25 -33.94 -17.20 14.43
N TYR K 26 -35.05 -17.25 15.15
CA TYR K 26 -36.15 -18.10 14.70
C TYR K 26 -36.65 -17.66 13.33
N ALA K 27 -36.78 -16.35 13.09
CA ALA K 27 -37.23 -15.91 11.77
C ALA K 27 -36.21 -16.28 10.70
N SER K 28 -34.93 -16.23 11.05
CA SER K 28 -33.91 -16.64 10.07
C SER K 28 -34.09 -18.12 9.72
N TYR K 29 -34.45 -18.92 10.72
CA TYR K 29 -34.61 -20.38 10.50
C TYR K 29 -35.85 -20.66 9.64
N VAL K 30 -36.94 -19.93 9.87
CA VAL K 30 -38.16 -20.11 9.06
C VAL K 30 -37.85 -19.82 7.60
N TYR K 31 -37.16 -18.70 7.34
CA TYR K 31 -36.88 -18.35 5.96
C TYR K 31 -35.87 -19.31 5.34
N LEU K 32 -34.92 -19.83 6.12
CA LEU K 32 -34.02 -20.86 5.60
C LEU K 32 -34.79 -22.11 5.16
N SER K 33 -35.71 -22.56 6.01
CA SER K 33 -36.56 -23.69 5.66
C SER K 33 -37.34 -23.42 4.40
N MET K 34 -37.99 -22.25 4.32
CA MET K 34 -38.74 -21.93 3.11
C MET K 34 -37.85 -21.95 1.89
N SER K 35 -36.64 -21.41 2.01
CA SER K 35 -35.73 -21.31 0.86
C SER K 35 -35.49 -22.68 0.25
N TYR K 36 -35.09 -23.64 1.09
CA TYR K 36 -34.73 -24.94 0.52
C TYR K 36 -35.96 -25.78 0.13
N TYR K 37 -37.14 -25.43 0.65
CA TYR K 37 -38.36 -26.04 0.11
C TYR K 37 -38.50 -25.71 -1.38
N PHE K 38 -38.21 -24.48 -1.78
CA PHE K 38 -38.35 -24.15 -3.20
C PHE K 38 -37.20 -24.69 -4.04
N ASP K 39 -36.17 -25.22 -3.39
CA ASP K 39 -35.07 -25.91 -4.05
C ASP K 39 -35.35 -27.39 -4.26
N ARG K 40 -36.47 -27.92 -3.75
CA ARG K 40 -36.80 -29.32 -3.98
C ARG K 40 -37.06 -29.57 -5.47
N ASP K 41 -36.70 -30.77 -5.95
CA ASP K 41 -36.89 -31.06 -7.37
C ASP K 41 -38.36 -31.08 -7.78
N ASP K 42 -39.27 -31.27 -6.82
CA ASP K 42 -40.70 -31.31 -7.11
C ASP K 42 -41.39 -29.99 -6.80
N VAL K 43 -40.62 -28.92 -6.61
CA VAL K 43 -41.13 -27.57 -6.38
C VAL K 43 -40.45 -26.68 -7.40
N ALA K 44 -39.12 -26.52 -7.27
CA ALA K 44 -38.24 -26.07 -8.35
C ALA K 44 -38.52 -24.63 -8.78
N LEU K 45 -38.60 -23.73 -7.80
CA LEU K 45 -38.81 -22.31 -8.08
C LEU K 45 -37.59 -21.59 -7.54
N LYS K 46 -36.59 -21.39 -8.39
CA LYS K 46 -35.27 -20.99 -7.91
C LYS K 46 -35.26 -19.56 -7.40
N ASN K 47 -36.13 -18.72 -7.89
CA ASN K 47 -36.08 -17.34 -7.39
C ASN K 47 -36.88 -17.17 -6.11
N PHE K 48 -37.94 -17.99 -5.88
CA PHE K 48 -38.47 -18.10 -4.52
C PHE K 48 -37.38 -18.54 -3.56
N ALA K 49 -36.59 -19.55 -3.95
CA ALA K 49 -35.54 -20.04 -3.06
C ALA K 49 -34.54 -18.93 -2.77
N LYS K 50 -34.13 -18.19 -3.80
CA LYS K 50 -33.16 -17.12 -3.57
CA LYS K 50 -33.18 -17.10 -3.62
C LYS K 50 -33.74 -16.01 -2.71
N TYR K 51 -35.00 -15.64 -2.93
CA TYR K 51 -35.65 -14.58 -2.17
C TYR K 51 -35.68 -14.91 -0.68
N PHE K 52 -36.10 -16.12 -0.34
CA PHE K 52 -36.18 -16.46 1.07
C PHE K 52 -34.80 -16.68 1.67
N LEU K 53 -33.82 -17.12 0.87
CA LEU K 53 -32.48 -17.24 1.47
C LEU K 53 -31.95 -15.87 1.84
N HIS K 54 -32.17 -14.89 0.96
CA HIS K 54 -31.77 -13.52 1.28
C HIS K 54 -32.50 -13.01 2.52
N GLN K 55 -33.81 -13.26 2.62
CA GLN K 55 -34.54 -12.88 3.82
C GLN K 55 -33.94 -13.55 5.05
N SER K 56 -33.54 -14.81 4.92
CA SER K 56 -32.99 -15.53 6.06
C SER K 56 -31.72 -14.87 6.55
N HIS K 57 -30.82 -14.51 5.61
CA HIS K 57 -29.57 -13.86 6.03
C HIS K 57 -29.84 -12.48 6.64
N GLU K 58 -30.83 -11.75 6.14
N GLU K 58 -30.85 -11.76 6.17
CA GLU K 58 -31.19 -10.48 6.77
CA GLU K 58 -31.12 -10.46 6.79
C GLU K 58 -31.54 -10.68 8.24
C GLU K 58 -31.68 -10.60 8.19
N GLU K 59 -32.36 -11.70 8.52
CA GLU K 59 -32.80 -11.91 9.90
C GLU K 59 -31.63 -12.25 10.79
N ARG K 60 -30.65 -13.00 10.29
CA ARG K 60 -29.45 -13.23 11.10
CA ARG K 60 -29.46 -13.23 11.11
C ARG K 60 -28.73 -11.90 11.39
N GLU K 61 -28.67 -11.00 10.43
N GLU K 61 -28.70 -11.00 10.43
CA GLU K 61 -28.13 -9.66 10.70
CA GLU K 61 -28.11 -9.67 10.72
C GLU K 61 -28.92 -8.92 11.77
C GLU K 61 -28.92 -8.91 11.77
N HIS K 62 -30.25 -9.04 11.74
CA HIS K 62 -31.08 -8.40 12.78
C HIS K 62 -30.71 -8.93 14.15
N ALA K 63 -30.54 -10.25 14.24
CA ALA K 63 -30.15 -10.86 15.52
C ALA K 63 -28.79 -10.37 15.98
N GLU K 64 -27.81 -10.35 15.08
CA GLU K 64 -26.47 -9.95 15.50
C GLU K 64 -26.42 -8.51 15.97
N LYS K 65 -27.23 -7.64 15.36
N LYS K 65 -27.23 -7.64 15.37
CA LYS K 65 -27.23 -6.24 15.78
CA LYS K 65 -27.21 -6.24 15.79
C LYS K 65 -27.81 -6.10 17.19
C LYS K 65 -27.81 -6.09 17.19
N LEU K 66 -28.77 -6.94 17.53
CA LEU K 66 -29.31 -6.93 18.89
C LEU K 66 -28.32 -7.49 19.89
N MET K 67 -27.54 -8.50 19.49
CA MET K 67 -26.48 -8.99 20.35
C MET K 67 -25.44 -7.90 20.61
N LYS K 68 -25.09 -7.16 19.56
CA LYS K 68 -24.18 -6.02 19.75
CA LYS K 68 -24.18 -6.02 19.75
C LYS K 68 -24.79 -4.99 20.69
N LEU K 69 -26.08 -4.70 20.53
CA LEU K 69 -26.74 -3.72 21.40
C LEU K 69 -26.68 -4.16 22.86
N GLN K 70 -27.00 -5.44 23.11
CA GLN K 70 -26.95 -5.97 24.47
C GLN K 70 -25.59 -5.68 25.11
N ASN K 71 -24.51 -5.96 24.39
CA ASN K 71 -23.19 -5.67 24.97
C ASN K 71 -22.90 -4.17 25.05
N GLN K 72 -23.38 -3.39 24.07
CA GLN K 72 -23.18 -1.95 24.14
C GLN K 72 -23.75 -1.36 25.42
N ARG K 73 -24.89 -1.87 25.85
CA ARG K 73 -25.56 -1.32 27.03
C ARG K 73 -25.13 -1.97 28.33
N GLY K 74 -24.25 -2.97 28.28
CA GLY K 74 -23.80 -3.63 29.49
C GLY K 74 -24.67 -4.79 29.93
N GLY K 75 -25.67 -5.19 29.14
CA GLY K 75 -26.46 -6.36 29.48
C GLY K 75 -25.69 -7.59 29.07
N ARG K 76 -26.24 -8.76 29.39
CA ARG K 76 -25.54 -10.01 29.15
C ARG K 76 -26.42 -10.90 28.29
N ILE K 77 -25.85 -11.39 27.19
CA ILE K 77 -26.53 -12.25 26.25
C ILE K 77 -26.74 -13.63 26.87
N PHE K 78 -28.00 -14.10 26.86
CA PHE K 78 -28.32 -15.48 27.19
C PHE K 78 -29.11 -16.04 26.01
N LEU K 79 -28.50 -16.95 25.30
CA LEU K 79 -29.13 -17.58 24.16
C LEU K 79 -30.00 -18.77 24.59
N GLN K 80 -31.00 -19.04 23.79
CA GLN K 80 -31.90 -20.18 24.00
C GLN K 80 -31.97 -21.00 22.72
N ASP K 81 -32.54 -22.21 22.83
CA ASP K 81 -32.74 -23.04 21.65
C ASP K 81 -33.47 -22.25 20.57
N ILE K 82 -33.10 -22.47 19.30
CA ILE K 82 -33.84 -21.92 18.18
CA ILE K 82 -33.83 -21.93 18.17
C ILE K 82 -34.84 -23.00 17.73
N LYS K 83 -36.14 -22.73 17.92
N LYS K 83 -36.13 -22.75 17.97
CA LYS K 83 -37.15 -23.74 17.61
CA LYS K 83 -37.14 -23.72 17.60
C LYS K 83 -37.26 -23.93 16.10
C LYS K 83 -37.12 -23.95 16.09
N LYS K 84 -37.45 -25.18 15.69
CA LYS K 84 -37.65 -25.46 14.28
C LYS K 84 -38.94 -24.79 13.80
N PRO K 85 -39.03 -24.49 12.50
CA PRO K 85 -40.26 -23.87 11.99
C PRO K 85 -41.47 -24.80 12.14
N ASP K 86 -42.66 -24.20 12.09
N ASP K 86 -42.64 -24.17 12.05
CA ASP K 86 -43.92 -24.90 12.31
CA ASP K 86 -43.91 -24.85 12.29
C ASP K 86 -44.35 -25.79 11.14
C ASP K 86 -44.27 -25.84 11.17
N SER K 87 -43.75 -25.61 9.96
CA SER K 87 -44.00 -26.49 8.82
C SER K 87 -42.70 -27.02 8.28
N ASP K 88 -42.76 -28.24 7.72
CA ASP K 88 -41.68 -28.79 6.92
C ASP K 88 -41.92 -28.62 5.43
N ASP K 89 -43.20 -28.69 5.02
CA ASP K 89 -43.65 -28.57 3.64
C ASP K 89 -44.43 -27.28 3.54
N TRP K 90 -43.94 -26.32 2.75
CA TRP K 90 -44.61 -25.02 2.72
C TRP K 90 -45.68 -24.92 1.64
N GLU K 91 -45.96 -26.03 0.93
N GLU K 91 -45.91 -26.01 0.89
CA GLU K 91 -47.14 -26.22 0.07
CA GLU K 91 -47.11 -26.25 0.08
C GLU K 91 -47.05 -25.50 -1.27
C GLU K 91 -47.16 -25.48 -1.24
N SER K 92 -46.78 -24.19 -1.25
CA SER K 92 -46.83 -23.41 -2.49
C SER K 92 -46.10 -22.08 -2.28
N GLY K 93 -45.82 -21.40 -3.40
CA GLY K 93 -45.27 -20.06 -3.30
C GLY K 93 -46.19 -19.11 -2.54
N LEU K 94 -47.50 -19.18 -2.84
CA LEU K 94 -48.45 -18.32 -2.15
C LEU K 94 -48.48 -18.63 -0.65
N ASN K 95 -48.51 -19.92 -0.28
CA ASN K 95 -48.60 -20.23 1.13
C ASN K 95 -47.33 -19.79 1.86
N ALA K 96 -46.17 -19.92 1.22
CA ALA K 96 -44.96 -19.44 1.87
C ALA K 96 -45.02 -17.94 2.07
N MET K 97 -45.50 -17.20 1.04
CA MET K 97 -45.57 -15.75 1.18
C MET K 97 -46.54 -15.35 2.28
N GLU K 98 -47.72 -16.03 2.37
CA GLU K 98 -48.66 -15.72 3.44
C GLU K 98 -48.08 -16.06 4.81
N SER K 99 -47.33 -17.17 4.90
CA SER K 99 -46.69 -17.54 6.16
C SER K 99 -45.62 -16.54 6.56
N ALA K 100 -44.85 -16.03 5.58
CA ALA K 100 -43.84 -15.02 5.89
C ALA K 100 -44.50 -13.71 6.34
N LEU K 101 -45.63 -13.34 5.70
CA LEU K 101 -46.37 -12.16 6.16
C LEU K 101 -46.79 -12.31 7.62
N HIS K 102 -47.37 -13.45 7.97
CA HIS K 102 -47.78 -13.71 9.35
C HIS K 102 -46.60 -13.63 10.30
N LEU K 103 -45.46 -14.21 9.88
CA LEU K 103 -44.24 -14.16 10.70
C LEU K 103 -43.79 -12.71 10.90
N GLU K 104 -43.76 -11.92 9.82
CA GLU K 104 -43.25 -10.57 9.99
C GLU K 104 -44.18 -9.72 10.84
N LYS K 105 -45.50 -9.92 10.76
N LYS K 105 -45.49 -9.93 10.78
CA LYS K 105 -46.38 -9.17 11.66
CA LYS K 105 -46.37 -9.17 11.65
C LYS K 105 -46.17 -9.62 13.10
C LYS K 105 -46.27 -9.64 13.09
N ASN K 106 -45.91 -10.91 13.31
CA ASN K 106 -45.62 -11.38 14.67
CA ASN K 106 -45.63 -11.37 14.66
C ASN K 106 -44.35 -10.74 15.22
N VAL K 107 -43.30 -10.66 14.40
CA VAL K 107 -42.06 -10.04 14.83
C VAL K 107 -42.29 -8.55 15.10
N ASN K 108 -43.05 -7.91 14.23
CA ASN K 108 -43.38 -6.50 14.44
C ASN K 108 -44.10 -6.29 15.76
N GLN K 109 -45.07 -7.14 16.09
N GLN K 109 -45.07 -7.15 16.10
CA GLN K 109 -45.76 -7.02 17.36
CA GLN K 109 -45.76 -7.01 17.37
C GLN K 109 -44.80 -7.13 18.54
C GLN K 109 -44.78 -7.11 18.54
N SER K 110 -43.84 -8.06 18.47
CA SER K 110 -42.81 -8.15 19.50
C SER K 110 -41.99 -6.87 19.58
N LEU K 111 -41.62 -6.28 18.45
CA LEU K 111 -40.81 -5.06 18.51
C LEU K 111 -41.59 -3.88 19.07
N LEU K 112 -42.90 -3.82 18.78
CA LEU K 112 -43.74 -2.75 19.34
C LEU K 112 -43.86 -2.92 20.85
N GLU K 113 -43.97 -4.16 21.32
CA GLU K 113 -44.02 -4.39 22.76
C GLU K 113 -42.70 -4.02 23.40
N LEU K 114 -41.59 -4.31 22.70
CA LEU K 114 -40.28 -3.91 23.19
CA LEU K 114 -40.27 -3.91 23.15
C LEU K 114 -40.16 -2.39 23.24
N HIS K 115 -40.70 -1.69 22.24
CA HIS K 115 -40.64 -0.24 22.26
C HIS K 115 -41.48 0.32 23.42
N LYS K 116 -42.66 -0.25 23.64
N LYS K 116 -42.64 -0.27 23.66
CA LYS K 116 -43.49 0.14 24.78
CA LYS K 116 -43.47 0.18 24.77
C LYS K 116 -42.71 0.01 26.08
C LYS K 116 -42.76 -0.02 26.11
N LEU K 117 -42.02 -1.13 26.26
CA LEU K 117 -41.21 -1.32 27.47
C LEU K 117 -40.12 -0.26 27.59
N ALA K 118 -39.38 -0.01 26.49
CA ALA K 118 -38.34 1.03 26.54
C ALA K 118 -38.92 2.37 26.91
N THR K 119 -40.08 2.70 26.33
CA THR K 119 -40.80 3.92 26.68
C THR K 119 -41.20 3.93 28.15
N ASP K 120 -41.78 2.83 28.63
CA ASP K 120 -42.20 2.75 30.02
CA ASP K 120 -42.21 2.76 30.02
C ASP K 120 -41.04 2.93 30.98
N LYS K 121 -39.84 2.45 30.62
CA LYS K 121 -38.65 2.55 31.47
C LYS K 121 -37.83 3.81 31.17
N ASN K 122 -38.37 4.74 30.37
CA ASN K 122 -37.70 5.98 30.00
C ASN K 122 -36.27 5.72 29.52
N ASP K 123 -36.16 4.85 28.51
CA ASP K 123 -34.89 4.49 27.90
C ASP K 123 -34.94 4.98 26.46
N PRO K 124 -34.64 6.27 26.22
CA PRO K 124 -34.72 6.80 24.86
C PRO K 124 -33.63 6.29 23.94
N HIS K 125 -32.48 5.87 24.47
CA HIS K 125 -31.51 5.24 23.57
C HIS K 125 -32.08 3.95 22.99
N LEU K 126 -32.73 3.15 23.83
CA LEU K 126 -33.28 1.90 23.34
C LEU K 126 -34.48 2.15 22.42
N SER K 127 -35.38 3.08 22.78
CA SER K 127 -36.52 3.34 21.89
CA SER K 127 -36.52 3.41 21.91
C SER K 127 -36.04 3.87 20.53
N ASP K 128 -35.04 4.75 20.53
CA ASP K 128 -34.48 5.21 19.26
C ASP K 128 -33.84 4.07 18.48
N PHE K 129 -33.12 3.18 19.17
CA PHE K 129 -32.52 2.04 18.49
C PHE K 129 -33.58 1.20 17.78
N ILE K 130 -34.68 0.92 18.46
CA ILE K 130 -35.73 0.10 17.87
C ILE K 130 -36.36 0.82 16.68
N GLU K 131 -36.70 2.11 16.87
CA GLU K 131 -37.30 2.89 15.79
C GLU K 131 -36.38 2.94 14.59
N THR K 132 -35.09 3.21 14.83
CA THR K 132 -34.14 3.46 13.74
C THR K 132 -33.86 2.19 12.94
N HIS K 133 -33.63 1.08 13.63
CA HIS K 133 -33.09 -0.08 12.94
C HIS K 133 -34.12 -1.16 12.71
N TYR K 134 -35.30 -1.08 13.35
CA TYR K 134 -36.23 -2.19 13.26
C TYR K 134 -37.61 -1.80 12.76
N LEU K 135 -38.18 -0.68 13.20
CA LEU K 135 -39.61 -0.51 12.96
C LEU K 135 -39.92 -0.25 11.49
N ASN K 136 -39.17 0.62 10.80
CA ASN K 136 -39.51 0.84 9.40
C ASN K 136 -39.09 -0.34 8.55
N GLU K 137 -38.02 -1.05 8.94
CA GLU K 137 -37.70 -2.27 8.23
CA GLU K 137 -37.69 -2.28 8.24
C GLU K 137 -38.87 -3.25 8.26
N GLN K 138 -39.55 -3.37 9.40
CA GLN K 138 -40.71 -4.26 9.47
C GLN K 138 -41.85 -3.74 8.61
N VAL K 139 -42.12 -2.45 8.64
CA VAL K 139 -43.20 -1.91 7.81
C VAL K 139 -42.92 -2.19 6.33
N LYS K 140 -41.67 -1.97 5.88
CA LYS K 140 -41.35 -2.25 4.48
C LYS K 140 -41.50 -3.73 4.16
N ALA K 141 -41.07 -4.60 5.08
CA ALA K 141 -41.12 -6.04 4.79
C ALA K 141 -42.55 -6.54 4.70
N ILE K 142 -43.42 -6.04 5.59
CA ILE K 142 -44.83 -6.43 5.58
C ILE K 142 -45.51 -5.90 4.33
N LYS K 143 -45.19 -4.67 3.94
CA LYS K 143 -45.81 -4.12 2.73
C LYS K 143 -45.39 -4.93 1.49
N GLU K 144 -44.11 -5.29 1.41
CA GLU K 144 -43.62 -6.08 0.27
C GLU K 144 -44.28 -7.45 0.24
N LEU K 145 -44.39 -8.12 1.37
CA LEU K 145 -45.04 -9.42 1.36
C LEU K 145 -46.52 -9.28 1.02
N GLY K 146 -47.19 -8.25 1.54
CA GLY K 146 -48.57 -8.05 1.14
C GLY K 146 -48.69 -7.89 -0.35
N ASP K 147 -47.83 -7.04 -0.95
CA ASP K 147 -47.82 -6.89 -2.42
C ASP K 147 -47.66 -8.25 -3.11
N HIS K 148 -46.71 -9.06 -2.63
CA HIS K 148 -46.46 -10.37 -3.25
C HIS K 148 -47.68 -11.28 -3.14
N VAL K 149 -48.29 -11.35 -1.96
CA VAL K 149 -49.48 -12.17 -1.78
C VAL K 149 -50.57 -11.72 -2.74
N THR K 150 -50.80 -10.41 -2.81
CA THR K 150 -51.82 -9.88 -3.73
C THR K 150 -51.58 -10.32 -5.17
N ASN K 151 -50.35 -10.14 -5.67
CA ASN K 151 -50.10 -10.52 -7.06
C ASN K 151 -50.31 -12.01 -7.27
N LEU K 152 -49.79 -12.82 -6.37
CA LEU K 152 -49.97 -14.27 -6.53
C LEU K 152 -51.45 -14.65 -6.55
N ARG K 153 -52.24 -14.05 -5.65
N ARG K 153 -52.24 -14.06 -5.65
CA ARG K 153 -53.68 -14.35 -5.66
CA ARG K 153 -53.68 -14.31 -5.65
C ARG K 153 -54.34 -13.88 -6.95
C ARG K 153 -54.30 -13.90 -6.98
N LYS K 154 -54.03 -12.66 -7.40
CA LYS K 154 -54.62 -12.16 -8.65
C LYS K 154 -54.23 -13.03 -9.84
N MET K 155 -53.01 -13.56 -9.85
CA MET K 155 -52.54 -14.37 -10.96
C MET K 155 -53.14 -15.76 -10.98
N GLY K 156 -53.75 -16.22 -9.89
CA GLY K 156 -54.39 -17.53 -9.84
C GLY K 156 -53.68 -18.57 -8.98
N ALA K 157 -52.67 -18.19 -8.20
CA ALA K 157 -52.00 -19.14 -7.33
C ALA K 157 -52.92 -19.53 -6.19
N PRO K 158 -52.72 -20.71 -5.57
CA PRO K 158 -51.63 -21.67 -5.83
C PRO K 158 -51.99 -22.68 -6.90
N GLU K 159 -53.28 -22.68 -7.29
CA GLU K 159 -53.76 -23.71 -8.21
C GLU K 159 -53.05 -23.62 -9.55
N SER K 160 -52.82 -22.39 -10.04
CA SER K 160 -52.08 -22.19 -11.28
C SER K 160 -50.57 -22.32 -11.02
N GLY K 161 -49.99 -23.43 -11.45
CA GLY K 161 -48.54 -23.56 -11.39
C GLY K 161 -47.84 -22.59 -12.35
N LEU K 162 -48.49 -22.27 -13.48
CA LEU K 162 -48.06 -21.16 -14.37
C LEU K 162 -47.95 -19.81 -13.63
N ALA K 163 -48.95 -19.46 -12.81
CA ALA K 163 -48.87 -18.22 -12.05
C ALA K 163 -47.61 -18.19 -11.19
N GLU K 164 -47.37 -19.25 -10.41
CA GLU K 164 -46.20 -19.20 -9.55
C GLU K 164 -44.91 -19.19 -10.37
N TYR K 165 -44.88 -19.91 -11.49
CA TYR K 165 -43.70 -19.92 -12.35
C TYR K 165 -43.42 -18.52 -12.88
N LEU K 166 -44.45 -17.83 -13.37
CA LEU K 166 -44.23 -16.51 -13.96
C LEU K 166 -43.90 -15.46 -12.91
N PHE K 167 -44.52 -15.56 -11.72
CA PHE K 167 -44.15 -14.67 -10.62
C PHE K 167 -42.70 -14.86 -10.22
N ASP K 168 -42.26 -16.13 -10.12
CA ASP K 168 -40.85 -16.42 -9.86
C ASP K 168 -39.93 -15.73 -10.87
N LYS K 169 -40.29 -15.73 -12.13
CA LYS K 169 -39.44 -15.12 -13.15
CA LYS K 169 -39.42 -15.12 -13.14
C LYS K 169 -39.53 -13.60 -13.12
N HIS K 170 -40.74 -13.05 -13.05
CA HIS K 170 -40.90 -11.61 -13.29
C HIS K 170 -40.81 -10.74 -12.05
N THR K 171 -41.23 -11.23 -10.89
CA THR K 171 -41.13 -10.40 -9.70
C THR K 171 -39.92 -10.74 -8.86
N LEU K 172 -39.61 -12.02 -8.70
CA LEU K 172 -38.48 -12.38 -7.86
C LEU K 172 -37.18 -12.53 -8.65
N GLY K 173 -37.26 -12.47 -9.97
CA GLY K 173 -36.10 -12.82 -10.81
C GLY K 173 -35.18 -11.64 -11.05
N SER L 1 -49.20 -35.52 -44.56
CA SER L 1 -49.13 -34.22 -43.91
C SER L 1 -47.85 -33.48 -44.31
N THR L 2 -47.94 -32.64 -45.34
CA THR L 2 -46.76 -31.96 -45.87
C THR L 2 -46.34 -30.85 -44.90
N SER L 3 -45.03 -30.66 -44.79
CA SER L 3 -44.53 -29.51 -44.04
C SER L 3 -44.95 -28.21 -44.73
N GLN L 4 -45.40 -27.24 -43.91
CA GLN L 4 -45.82 -25.94 -44.42
C GLN L 4 -44.71 -25.19 -45.12
N VAL L 5 -43.43 -25.50 -44.85
CA VAL L 5 -42.33 -24.82 -45.53
C VAL L 5 -41.88 -25.54 -46.80
N ARG L 6 -42.27 -26.79 -47.00
CA ARG L 6 -41.69 -27.58 -48.08
C ARG L 6 -42.02 -27.00 -49.45
N GLN L 7 -40.99 -26.86 -50.30
CA GLN L 7 -41.21 -26.36 -51.64
C GLN L 7 -40.07 -26.85 -52.53
N ASN L 8 -40.40 -27.53 -53.63
CA ASN L 8 -39.42 -27.99 -54.63
C ASN L 8 -38.37 -28.91 -53.99
N TYR L 9 -38.77 -29.73 -53.02
CA TYR L 9 -37.86 -30.62 -52.28
C TYR L 9 -38.29 -32.06 -52.51
N HIS L 10 -37.56 -32.79 -53.33
CA HIS L 10 -38.01 -34.12 -53.71
C HIS L 10 -37.79 -35.08 -52.55
N GLN L 11 -38.65 -36.12 -52.47
CA GLN L 11 -38.44 -37.09 -51.40
CA GLN L 11 -38.46 -37.11 -51.41
C GLN L 11 -37.13 -37.84 -51.57
N ASP L 12 -36.64 -38.01 -52.81
CA ASP L 12 -35.34 -38.67 -52.97
C ASP L 12 -34.21 -37.80 -52.40
N SER L 13 -34.33 -36.49 -52.56
CA SER L 13 -33.33 -35.57 -52.00
C SER L 13 -33.32 -35.63 -50.49
N GLU L 14 -34.52 -35.61 -49.89
CA GLU L 14 -34.68 -35.73 -48.45
C GLU L 14 -34.01 -37.00 -47.93
N ALA L 15 -34.25 -38.15 -48.59
CA ALA L 15 -33.60 -39.40 -48.21
C ALA L 15 -32.08 -39.31 -48.37
N ALA L 16 -31.61 -38.73 -49.47
CA ALA L 16 -30.18 -38.64 -49.70
C ALA L 16 -29.50 -37.77 -48.64
N ILE L 17 -30.17 -36.72 -48.18
CA ILE L 17 -29.62 -35.87 -47.13
C ILE L 17 -29.51 -36.64 -45.81
N ASN L 18 -30.53 -37.46 -45.48
CA ASN L 18 -30.39 -38.32 -44.31
C ASN L 18 -29.21 -39.28 -44.44
N ARG L 19 -28.97 -39.85 -45.62
CA ARG L 19 -27.79 -40.71 -45.79
C ARG L 19 -26.51 -39.92 -45.61
N GLN L 20 -26.47 -38.68 -46.13
CA GLN L 20 -25.24 -37.89 -45.98
C GLN L 20 -24.99 -37.49 -44.54
N ILE L 21 -26.03 -37.22 -43.76
CA ILE L 21 -25.86 -36.97 -42.33
C ILE L 21 -25.12 -38.12 -41.67
N ASN L 22 -25.57 -39.35 -41.96
CA ASN L 22 -24.93 -40.52 -41.36
C ASN L 22 -23.47 -40.62 -41.79
N LEU L 23 -23.18 -40.34 -43.06
CA LEU L 23 -21.81 -40.47 -43.54
C LEU L 23 -20.89 -39.43 -42.90
N GLU L 24 -21.37 -38.20 -42.70
CA GLU L 24 -20.57 -37.19 -42.01
C GLU L 24 -20.27 -37.59 -40.56
N LEU L 25 -21.28 -38.13 -39.85
CA LEU L 25 -21.05 -38.62 -38.49
C LEU L 25 -20.08 -39.79 -38.49
N TYR L 26 -20.20 -40.68 -39.47
CA TYR L 26 -19.23 -41.75 -39.60
C TYR L 26 -17.81 -41.19 -39.80
N ALA L 27 -17.67 -40.16 -40.62
CA ALA L 27 -16.33 -39.60 -40.83
C ALA L 27 -15.83 -38.98 -39.54
N SER L 28 -16.73 -38.35 -38.77
CA SER L 28 -16.31 -37.82 -37.48
C SER L 28 -15.76 -38.93 -36.58
N TYR L 29 -16.42 -40.10 -36.62
CA TYR L 29 -16.04 -41.23 -35.76
C TYR L 29 -14.69 -41.80 -36.19
N VAL L 30 -14.46 -41.90 -37.49
CA VAL L 30 -13.16 -42.39 -37.99
C VAL L 30 -12.04 -41.49 -37.48
N TYR L 31 -12.23 -40.17 -37.62
CA TYR L 31 -11.16 -39.27 -37.21
C TYR L 31 -10.97 -39.27 -35.70
N LEU L 32 -12.06 -39.45 -34.93
CA LEU L 32 -11.94 -39.59 -33.48
C LEU L 32 -11.09 -40.81 -33.11
N SER L 33 -11.36 -41.94 -33.74
CA SER L 33 -10.58 -43.15 -33.55
C SER L 33 -9.12 -42.92 -33.87
N MET L 34 -8.86 -42.31 -35.04
CA MET L 34 -7.47 -42.04 -35.40
C MET L 34 -6.80 -41.16 -34.38
N SER L 35 -7.50 -40.11 -33.93
CA SER L 35 -6.93 -39.18 -32.96
C SER L 35 -6.38 -39.92 -31.74
N TYR L 36 -7.22 -40.72 -31.08
CA TYR L 36 -6.80 -41.36 -29.85
C TYR L 36 -5.84 -42.52 -30.10
N TYR L 37 -5.75 -43.03 -31.34
CA TYR L 37 -4.68 -43.96 -31.65
C TYR L 37 -3.32 -43.28 -31.47
N PHE L 38 -3.18 -42.02 -31.90
CA PHE L 38 -1.88 -41.35 -31.76
C PHE L 38 -1.62 -40.89 -30.34
N ASP L 39 -2.63 -40.97 -29.48
CA ASP L 39 -2.50 -40.71 -28.05
C ASP L 39 -2.06 -41.93 -27.27
N ARG L 40 -1.96 -43.11 -27.90
CA ARG L 40 -1.48 -44.30 -27.19
C ARG L 40 -0.03 -44.10 -26.73
N ASP L 41 0.31 -44.65 -25.56
CA ASP L 41 1.69 -44.47 -25.08
C ASP L 41 2.71 -45.15 -26.00
N ASP L 42 2.29 -46.10 -26.83
CA ASP L 42 3.22 -46.79 -27.74
C ASP L 42 3.16 -46.23 -29.16
N VAL L 43 2.53 -45.06 -29.34
CA VAL L 43 2.47 -44.37 -30.62
C VAL L 43 3.00 -42.96 -30.35
N ALA L 44 2.25 -42.20 -29.53
CA ALA L 44 2.73 -40.98 -28.85
C ALA L 44 3.14 -39.88 -29.83
N LEU L 45 2.25 -39.56 -30.77
CA LEU L 45 2.46 -38.47 -31.72
C LEU L 45 1.34 -37.46 -31.45
N LYS L 46 1.61 -36.48 -30.58
CA LYS L 46 0.50 -35.67 -30.08
CA LYS L 46 0.55 -35.62 -30.05
C LYS L 46 -0.03 -34.70 -31.11
N ASN L 47 0.73 -34.33 -32.13
CA ASN L 47 0.19 -33.41 -33.11
C ASN L 47 -0.59 -34.14 -34.19
N PHE L 48 -0.25 -35.39 -34.48
CA PHE L 48 -1.18 -36.25 -35.22
C PHE L 48 -2.49 -36.38 -34.45
N ALA L 49 -2.41 -36.62 -33.13
CA ALA L 49 -3.65 -36.74 -32.37
C ALA L 49 -4.47 -35.44 -32.44
N LYS L 50 -3.82 -34.28 -32.28
N LYS L 50 -3.80 -34.30 -32.26
CA LYS L 50 -4.58 -33.04 -32.33
CA LYS L 50 -4.48 -33.00 -32.34
C LYS L 50 -5.14 -32.76 -33.73
C LYS L 50 -5.12 -32.79 -33.71
N TYR L 51 -4.38 -33.09 -34.78
CA TYR L 51 -4.86 -32.87 -36.15
C TYR L 51 -6.14 -33.67 -36.41
N PHE L 52 -6.12 -34.95 -36.08
CA PHE L 52 -7.29 -35.77 -36.35
C PHE L 52 -8.45 -35.40 -35.44
N LEU L 53 -8.18 -34.95 -34.21
CA LEU L 53 -9.30 -34.53 -33.37
C LEU L 53 -9.98 -33.32 -33.96
N HIS L 54 -9.20 -32.37 -34.47
CA HIS L 54 -9.78 -31.20 -35.12
C HIS L 54 -10.60 -31.62 -36.34
N GLN L 55 -10.05 -32.50 -37.17
CA GLN L 55 -10.82 -33.03 -38.30
C GLN L 55 -12.11 -33.67 -37.84
N SER L 56 -12.08 -34.38 -36.69
CA SER L 56 -13.27 -35.06 -36.21
C SER L 56 -14.35 -34.05 -35.87
N HIS L 57 -13.97 -32.98 -35.17
CA HIS L 57 -14.96 -31.96 -34.84
C HIS L 57 -15.48 -31.25 -36.08
N GLU L 58 -14.63 -31.06 -37.10
N GLU L 58 -14.65 -31.09 -37.12
CA GLU L 58 -15.12 -30.48 -38.34
CA GLU L 58 -15.16 -30.44 -38.32
C GLU L 58 -16.23 -31.31 -38.96
C GLU L 58 -16.18 -31.31 -39.05
N GLU L 59 -16.06 -32.64 -38.96
CA GLU L 59 -17.05 -33.52 -39.59
C GLU L 59 -18.37 -33.46 -38.83
N ARG L 60 -18.31 -33.37 -37.50
CA ARG L 60 -19.55 -33.20 -36.75
CA ARG L 60 -19.54 -33.18 -36.75
C ARG L 60 -20.26 -31.89 -37.14
N GLU L 61 -19.50 -30.80 -37.35
CA GLU L 61 -20.14 -29.59 -37.88
C GLU L 61 -20.77 -29.82 -39.26
N HIS L 62 -20.09 -30.58 -40.14
CA HIS L 62 -20.66 -30.91 -41.44
C HIS L 62 -22.01 -31.58 -41.27
N ALA L 63 -22.08 -32.55 -40.35
CA ALA L 63 -23.32 -33.27 -40.13
C ALA L 63 -24.41 -32.35 -39.59
N GLU L 64 -24.06 -31.51 -38.61
CA GLU L 64 -25.07 -30.63 -38.03
C GLU L 64 -25.63 -29.65 -39.05
N LYS L 65 -24.80 -29.18 -39.99
CA LYS L 65 -25.31 -28.25 -40.99
C LYS L 65 -26.28 -28.94 -41.94
N LEU L 66 -26.05 -30.21 -42.21
CA LEU L 66 -27.02 -30.97 -43.02
C LEU L 66 -28.31 -31.23 -42.26
N MET L 67 -28.23 -31.46 -40.95
CA MET L 67 -29.46 -31.58 -40.16
C MET L 67 -30.25 -30.27 -40.20
N LYS L 68 -29.55 -29.15 -40.06
CA LYS L 68 -30.22 -27.85 -40.19
CA LYS L 68 -30.22 -27.85 -40.19
C LYS L 68 -30.87 -27.71 -41.56
N LEU L 69 -30.17 -28.11 -42.62
CA LEU L 69 -30.72 -27.99 -43.97
C LEU L 69 -32.00 -28.82 -44.11
N GLN L 70 -31.96 -30.06 -43.64
CA GLN L 70 -33.16 -30.92 -43.69
C GLN L 70 -34.36 -30.19 -43.11
N ASN L 71 -34.21 -29.60 -41.93
CA ASN L 71 -35.33 -28.89 -41.33
C ASN L 71 -35.67 -27.60 -42.09
N GLN L 72 -34.65 -26.91 -42.61
CA GLN L 72 -34.93 -25.70 -43.38
C GLN L 72 -35.85 -25.99 -44.56
N ARG L 73 -35.65 -27.13 -45.20
CA ARG L 73 -36.41 -27.47 -46.40
C ARG L 73 -37.71 -28.21 -46.09
N GLY L 74 -37.99 -28.52 -44.83
CA GLY L 74 -39.20 -29.20 -44.46
C GLY L 74 -39.13 -30.72 -44.51
N GLY L 75 -37.93 -31.26 -44.74
CA GLY L 75 -37.73 -32.69 -44.65
C GLY L 75 -37.63 -33.11 -43.21
N ARG L 76 -37.56 -34.42 -42.98
CA ARG L 76 -37.56 -34.94 -41.63
C ARG L 76 -36.33 -35.80 -41.41
N ILE L 77 -35.60 -35.48 -40.34
CA ILE L 77 -34.37 -36.19 -40.01
C ILE L 77 -34.71 -37.59 -39.50
N PHE L 78 -34.08 -38.61 -40.10
CA PHE L 78 -34.10 -39.96 -39.58
C PHE L 78 -32.66 -40.41 -39.44
N LEU L 79 -32.24 -40.59 -38.20
CA LEU L 79 -30.87 -40.99 -37.89
C LEU L 79 -30.75 -42.51 -37.91
N GLN L 80 -29.55 -42.98 -38.23
CA GLN L 80 -29.20 -44.40 -38.23
C GLN L 80 -27.98 -44.62 -37.36
N ASP L 81 -27.71 -45.89 -37.02
CA ASP L 81 -26.50 -46.23 -36.29
C ASP L 81 -25.28 -45.59 -36.95
N ILE L 82 -24.33 -45.12 -36.15
CA ILE L 82 -23.02 -44.71 -36.67
C ILE L 82 -22.09 -45.92 -36.58
N LYS L 83 -21.67 -46.45 -37.73
CA LYS L 83 -20.81 -47.64 -37.74
CA LYS L 83 -20.83 -47.64 -37.71
C LYS L 83 -19.46 -47.32 -37.16
N LYS L 84 -18.88 -48.27 -36.43
CA LYS L 84 -17.51 -48.09 -35.95
C LYS L 84 -16.55 -48.07 -37.14
N PRO L 85 -15.40 -47.43 -36.99
CA PRO L 85 -14.43 -47.41 -38.09
C PRO L 85 -13.92 -48.81 -38.42
N ASP L 86 -13.37 -48.94 -39.64
CA ASP L 86 -12.96 -50.24 -40.14
CA ASP L 86 -12.95 -50.22 -40.17
C ASP L 86 -11.67 -50.76 -39.51
N SER L 87 -10.91 -49.91 -38.83
CA SER L 87 -9.70 -50.32 -38.12
C SER L 87 -9.78 -49.87 -36.69
N ASP L 88 -9.17 -50.66 -35.80
CA ASP L 88 -8.91 -50.25 -34.43
C ASP L 88 -7.50 -49.73 -34.25
N ASP L 89 -6.55 -50.30 -34.99
CA ASP L 89 -5.13 -49.97 -34.95
C ASP L 89 -4.78 -49.34 -36.29
N TRP L 90 -4.40 -48.06 -36.29
CA TRP L 90 -4.16 -47.39 -37.56
C TRP L 90 -2.72 -47.51 -38.04
N GLU L 91 -1.87 -48.27 -37.34
CA GLU L 91 -0.57 -48.73 -37.82
CA GLU L 91 -0.56 -48.74 -37.76
C GLU L 91 0.53 -47.67 -37.81
N SER L 92 0.25 -46.51 -38.39
CA SER L 92 1.30 -45.50 -38.51
C SER L 92 0.68 -44.15 -38.88
N GLY L 93 1.49 -43.09 -38.76
CA GLY L 93 1.02 -41.79 -39.24
C GLY L 93 0.72 -41.80 -40.73
N LEU L 94 1.58 -42.43 -41.53
CA LEU L 94 1.36 -42.52 -42.97
C LEU L 94 0.07 -43.27 -43.27
N ASN L 95 -0.14 -44.41 -42.61
CA ASN L 95 -1.33 -45.20 -42.93
C ASN L 95 -2.59 -44.46 -42.51
N ALA L 96 -2.54 -43.72 -41.40
CA ALA L 96 -3.73 -42.96 -41.03
C ALA L 96 -4.01 -41.87 -42.06
N MET L 97 -2.96 -41.18 -42.54
CA MET L 97 -3.18 -40.15 -43.57
C MET L 97 -3.72 -40.76 -44.85
N GLU L 98 -3.18 -41.92 -45.27
CA GLU L 98 -3.71 -42.54 -46.47
C GLU L 98 -5.17 -42.97 -46.27
N SER L 99 -5.49 -43.45 -45.06
CA SER L 99 -6.86 -43.86 -44.79
C SER L 99 -7.79 -42.67 -44.77
N ALA L 100 -7.30 -41.54 -44.26
CA ALA L 100 -8.13 -40.33 -44.27
C ALA L 100 -8.34 -39.84 -45.69
N LEU L 101 -7.29 -39.91 -46.53
CA LEU L 101 -7.45 -39.53 -47.94
C LEU L 101 -8.53 -40.38 -48.60
N HIS L 102 -8.48 -41.70 -48.38
CA HIS L 102 -9.48 -42.60 -48.97
C HIS L 102 -10.89 -42.24 -48.50
N LEU L 103 -11.02 -41.94 -47.19
CA LEU L 103 -12.30 -41.55 -46.61
C LEU L 103 -12.82 -40.25 -47.23
N GLU L 104 -11.96 -39.25 -47.35
CA GLU L 104 -12.43 -37.98 -47.89
C GLU L 104 -12.82 -38.11 -49.35
N LYS L 105 -12.14 -38.94 -50.13
CA LYS L 105 -12.58 -39.15 -51.50
CA LYS L 105 -12.59 -39.14 -51.50
C LYS L 105 -13.91 -39.90 -51.54
N ASN L 106 -14.13 -40.83 -50.60
N ASN L 106 -14.10 -40.83 -50.60
CA ASN L 106 -15.43 -41.50 -50.57
CA ASN L 106 -15.39 -41.52 -50.46
C ASN L 106 -16.55 -40.52 -50.22
C ASN L 106 -16.51 -40.54 -50.20
N VAL L 107 -16.32 -39.64 -49.24
CA VAL L 107 -17.32 -38.64 -48.89
C VAL L 107 -17.56 -37.70 -50.08
N ASN L 108 -16.48 -37.30 -50.75
CA ASN L 108 -16.63 -36.47 -51.94
C ASN L 108 -17.49 -37.14 -53.01
N GLN L 109 -17.26 -38.42 -53.26
N GLN L 109 -17.26 -38.43 -53.26
CA GLN L 109 -18.08 -39.12 -54.25
CA GLN L 109 -18.08 -39.13 -54.25
C GLN L 109 -19.55 -39.10 -53.84
C GLN L 109 -19.55 -39.11 -53.85
N SER L 110 -19.83 -39.29 -52.56
CA SER L 110 -21.23 -39.21 -52.10
C SER L 110 -21.82 -37.82 -52.33
N LEU L 111 -21.06 -36.77 -52.04
CA LEU L 111 -21.54 -35.41 -52.26
C LEU L 111 -21.80 -35.12 -53.73
N LEU L 112 -20.94 -35.64 -54.62
CA LEU L 112 -21.14 -35.47 -56.05
C LEU L 112 -22.39 -36.20 -56.53
N GLU L 113 -22.66 -37.38 -56.00
CA GLU L 113 -23.91 -38.07 -56.32
C GLU L 113 -25.10 -37.28 -55.81
N LEU L 114 -24.96 -36.67 -54.62
CA LEU L 114 -26.04 -35.85 -54.09
CA LEU L 114 -26.03 -35.84 -54.07
C LEU L 114 -26.27 -34.63 -54.97
N HIS L 115 -25.19 -34.03 -55.47
CA HIS L 115 -25.33 -32.88 -56.36
C HIS L 115 -26.02 -33.28 -57.67
N LYS L 116 -25.61 -34.43 -58.22
N LYS L 116 -25.64 -34.44 -58.21
CA LYS L 116 -26.27 -34.94 -59.42
CA LYS L 116 -26.29 -34.90 -59.44
C LYS L 116 -27.76 -35.14 -59.20
C LYS L 116 -27.78 -35.14 -59.21
N LEU L 117 -28.13 -35.69 -58.04
CA LEU L 117 -29.56 -35.85 -57.71
C LEU L 117 -30.26 -34.50 -57.64
N ALA L 118 -29.68 -33.53 -56.91
CA ALA L 118 -30.29 -32.20 -56.83
C ALA L 118 -30.47 -31.58 -58.21
N THR L 119 -29.46 -31.72 -59.07
CA THR L 119 -29.52 -31.25 -60.45
C THR L 119 -30.64 -31.98 -61.23
N ASP L 120 -30.72 -33.30 -61.07
N ASP L 120 -30.70 -33.30 -61.08
CA ASP L 120 -31.73 -34.07 -61.79
CA ASP L 120 -31.73 -34.06 -61.80
C ASP L 120 -33.15 -33.70 -61.35
C ASP L 120 -33.14 -33.61 -61.38
N LYS L 121 -33.33 -33.31 -60.09
CA LYS L 121 -34.62 -32.90 -59.58
C LYS L 121 -34.85 -31.39 -59.68
N ASN L 122 -33.96 -30.67 -60.38
CA ASN L 122 -34.06 -29.22 -60.57
C ASN L 122 -34.28 -28.51 -59.23
N ASP L 123 -33.34 -28.77 -58.31
CA ASP L 123 -33.36 -28.16 -56.97
C ASP L 123 -32.12 -27.29 -56.86
N PRO L 124 -32.16 -26.05 -57.37
CA PRO L 124 -30.94 -25.22 -57.34
C PRO L 124 -30.60 -24.74 -55.95
N HIS L 125 -31.55 -24.66 -55.03
CA HIS L 125 -31.15 -24.31 -53.67
C HIS L 125 -30.28 -25.40 -53.08
N LEU L 126 -30.65 -26.65 -53.30
CA LEU L 126 -29.85 -27.74 -52.77
C LEU L 126 -28.52 -27.84 -53.49
N SER L 127 -28.49 -27.73 -54.83
CA SER L 127 -27.22 -27.82 -55.51
CA SER L 127 -27.23 -27.78 -55.56
C SER L 127 -26.29 -26.69 -55.10
N ASP L 128 -26.82 -25.47 -54.95
CA ASP L 128 -26.01 -24.37 -54.43
C ASP L 128 -25.50 -24.66 -53.02
N PHE L 129 -26.36 -25.23 -52.16
CA PHE L 129 -25.94 -25.55 -50.80
C PHE L 129 -24.76 -26.50 -50.78
N ILE L 130 -24.82 -27.55 -51.60
CA ILE L 130 -23.73 -28.51 -51.63
CA ILE L 130 -23.74 -28.53 -51.68
C ILE L 130 -22.46 -27.87 -52.19
N GLU L 131 -22.59 -27.11 -53.29
CA GLU L 131 -21.43 -26.44 -53.87
C GLU L 131 -20.78 -25.51 -52.87
N THR L 132 -21.62 -24.71 -52.19
CA THR L 132 -21.11 -23.64 -51.34
C THR L 132 -20.43 -24.17 -50.09
N HIS L 133 -21.05 -25.15 -49.43
CA HIS L 133 -20.59 -25.53 -48.11
C HIS L 133 -19.81 -26.83 -48.10
N TYR L 134 -19.84 -27.62 -49.22
CA TYR L 134 -19.23 -28.94 -49.15
C TYR L 134 -18.19 -29.21 -50.21
N LEU L 135 -18.41 -28.79 -51.45
CA LEU L 135 -17.56 -29.33 -52.52
C LEU L 135 -16.14 -28.78 -52.45
N ASN L 136 -15.96 -27.48 -52.21
CA ASN L 136 -14.58 -26.98 -52.17
C ASN L 136 -13.92 -27.37 -50.86
N GLU L 137 -14.69 -27.49 -49.76
CA GLU L 137 -14.12 -28.04 -48.54
CA GLU L 137 -14.12 -28.04 -48.54
C GLU L 137 -13.53 -29.42 -48.78
N GLN L 138 -14.21 -30.26 -49.57
CA GLN L 138 -13.67 -31.58 -49.87
C GLN L 138 -12.42 -31.49 -50.74
N VAL L 139 -12.44 -30.65 -51.77
CA VAL L 139 -11.24 -30.52 -52.61
C VAL L 139 -10.06 -30.05 -51.76
N LYS L 140 -10.26 -29.07 -50.88
CA LYS L 140 -9.15 -28.62 -50.04
C LYS L 140 -8.66 -29.72 -49.09
N ALA L 141 -9.58 -30.48 -48.50
CA ALA L 141 -9.19 -31.54 -47.56
C ALA L 141 -8.42 -32.65 -48.27
N ILE L 142 -8.86 -33.00 -49.47
CA ILE L 142 -8.17 -34.04 -50.24
C ILE L 142 -6.78 -33.57 -50.67
N LYS L 143 -6.68 -32.31 -51.11
CA LYS L 143 -5.38 -31.78 -51.49
C LYS L 143 -4.41 -31.77 -50.30
N GLU L 144 -4.89 -31.38 -49.13
CA GLU L 144 -4.03 -31.33 -47.94
C GLU L 144 -3.58 -32.71 -47.53
N LEU L 145 -4.49 -33.68 -47.55
CA LEU L 145 -4.11 -35.04 -47.20
C LEU L 145 -3.13 -35.59 -48.21
N GLY L 146 -3.35 -35.32 -49.50
CA GLY L 146 -2.39 -35.77 -50.49
C GLY L 146 -1.01 -35.18 -50.21
N ASP L 147 -0.96 -33.87 -49.91
CA ASP L 147 0.33 -33.24 -49.57
C ASP L 147 0.99 -33.96 -48.41
N HIS L 148 0.20 -34.27 -47.36
CA HIS L 148 0.75 -34.91 -46.17
C HIS L 148 1.29 -36.31 -46.49
N VAL L 149 0.54 -37.08 -47.27
CA VAL L 149 1.00 -38.41 -47.66
C VAL L 149 2.31 -38.31 -48.42
N THR L 150 2.37 -37.39 -49.39
CA THR L 150 3.59 -37.19 -50.17
C THR L 150 4.78 -36.91 -49.26
N ASN L 151 4.65 -35.97 -48.33
CA ASN L 151 5.78 -35.62 -47.47
C ASN L 151 6.20 -36.80 -46.61
N LEU L 152 5.22 -37.48 -45.99
CA LEU L 152 5.57 -38.66 -45.19
C LEU L 152 6.30 -39.71 -46.02
N ARG L 153 5.84 -39.97 -47.23
N ARG L 153 5.82 -39.98 -47.23
CA ARG L 153 6.52 -40.95 -48.07
CA ARG L 153 6.49 -40.92 -48.11
C ARG L 153 7.93 -40.50 -48.42
C ARG L 153 7.91 -40.49 -48.40
N LYS L 154 8.09 -39.23 -48.81
CA LYS L 154 9.41 -38.75 -49.18
C LYS L 154 10.38 -38.76 -48.00
N MET L 155 9.87 -38.53 -46.78
CA MET L 155 10.70 -38.54 -45.58
C MET L 155 11.11 -39.94 -45.13
N GLY L 156 10.50 -41.00 -45.67
CA GLY L 156 10.82 -42.36 -45.29
C GLY L 156 9.82 -43.07 -44.40
N ALA L 157 8.64 -42.50 -44.15
CA ALA L 157 7.63 -43.18 -43.36
C ALA L 157 7.08 -44.38 -44.15
N PRO L 158 6.55 -45.40 -43.47
CA PRO L 158 6.38 -45.48 -42.01
C PRO L 158 7.55 -46.09 -41.31
N GLU L 159 8.53 -46.59 -42.07
CA GLU L 159 9.61 -47.35 -41.46
C GLU L 159 10.47 -46.46 -40.56
N SER L 160 10.78 -45.25 -41.04
CA SER L 160 11.48 -44.26 -40.23
C SER L 160 10.52 -43.65 -39.19
N GLY L 161 10.71 -44.04 -37.93
CA GLY L 161 9.97 -43.38 -36.87
C GLY L 161 10.43 -41.94 -36.66
N LEU L 162 11.71 -41.65 -36.93
CA LEU L 162 12.20 -40.27 -37.04
C LEU L 162 11.41 -39.41 -38.03
N ALA L 163 11.08 -39.97 -39.22
CA ALA L 163 10.30 -39.20 -40.18
C ALA L 163 8.94 -38.82 -39.60
N GLU L 164 8.22 -39.78 -39.02
CA GLU L 164 6.91 -39.44 -38.46
C GLU L 164 7.04 -38.46 -37.30
N TYR L 165 8.09 -38.63 -36.47
CA TYR L 165 8.31 -37.70 -35.37
C TYR L 165 8.52 -36.28 -35.88
N LEU L 166 9.36 -36.13 -36.89
CA LEU L 166 9.68 -34.78 -37.37
C LEU L 166 8.51 -34.16 -38.11
N PHE L 167 7.75 -34.97 -38.87
CA PHE L 167 6.55 -34.47 -39.51
C PHE L 167 5.52 -33.99 -38.48
N ASP L 168 5.33 -34.78 -37.42
CA ASP L 168 4.48 -34.37 -36.31
C ASP L 168 4.89 -32.99 -35.77
N LYS L 169 6.18 -32.74 -35.64
CA LYS L 169 6.64 -31.47 -35.10
CA LYS L 169 6.62 -31.47 -35.09
C LYS L 169 6.52 -30.34 -36.11
N HIS L 170 6.97 -30.57 -37.35
CA HIS L 170 7.12 -29.46 -38.28
C HIS L 170 5.93 -29.17 -39.14
N THR L 171 5.16 -30.18 -39.50
CA THR L 171 3.98 -29.90 -40.32
C THR L 171 2.71 -29.83 -39.51
N LEU L 172 2.53 -30.71 -38.53
CA LEU L 172 1.28 -30.68 -37.77
C LEU L 172 1.39 -29.84 -36.51
N GLY L 173 2.57 -29.34 -36.18
CA GLY L 173 2.80 -28.73 -34.88
C GLY L 173 2.45 -27.25 -34.88
CL CL M . 3.01 52.72 18.92
CL CL N . 7.01 57.02 19.25
CL CL O . 30.70 57.67 -15.18
MG MG P . 17.84 45.00 -1.03
MG MG Q . 20.14 40.36 -5.03
MG MG R . 13.85 34.32 13.65
C1 GOL S . 11.41 52.41 -9.47
O1 GOL S . 9.97 52.56 -9.71
C2 GOL S . 12.04 51.39 -10.39
O2 GOL S . 11.27 50.06 -10.39
C3 GOL S . 13.49 51.25 -9.75
O3 GOL S . 14.48 51.46 -10.77
O1 OXY T . 26.32 52.66 -2.19
O2 OXY T . 27.37 52.25 -2.72
CL CL U . 33.71 1.60 27.46
CL CL V . 43.78 19.48 17.17
CL CL W . 34.06 42.56 10.74
CL CL X . 4.25 -6.76 20.89
MG MG Y . 24.14 19.08 16.13
MG MG Z . 19.41 14.61 15.73
C1 GOL AA . 33.24 11.81 10.89
O1 GOL AA . 32.14 11.64 11.80
C2 GOL AA . 32.83 12.71 9.69
O2 GOL AA . 31.65 12.17 8.92
C3 GOL AA . 34.18 12.77 8.86
O3 GOL AA . 34.46 14.10 8.48
O1 OXY BA . 14.00 -10.13 29.06
O2 OXY BA . 13.60 -9.12 29.59
CL CL CA . -24.18 41.75 26.05
CL CL DA . 16.19 25.40 33.59
CL CL EA . -23.27 44.50 -5.16
MG MG FA . -3.84 33.77 19.21
MG MG GA . -6.77 34.79 13.36
C1 GOL HA . -12.28 24.40 24.95
O1 GOL HA . -11.29 23.40 24.91
C2 GOL HA . -12.07 25.27 23.70
O2 GOL HA . -12.53 26.55 23.82
C3 GOL HA . -12.82 24.56 22.57
O3 GOL HA . -11.91 24.57 21.49
O1 OXY IA . 8.81 23.39 38.57
O2 OXY IA . 8.42 24.50 38.87
O1 OXY JA . 7.82 17.42 36.28
O2 OXY JA . 9.00 17.76 36.28
O1 OXY KA . 18.55 38.48 25.80
O2 OXY KA . 19.77 38.45 25.94
CL CL LA . -2.15 -54.10 -14.63
CL CL MA . 0.31 -53.99 -11.67
CL CL NA . -6.23 -58.26 -15.39
CL CL OA . -40.52 -42.04 -32.99
CL CL PA . -29.62 -54.48 -31.72
CL CL QA . -44.34 -13.89 -19.77
MG MG RA . -22.11 -38.25 -19.87
MG MG SA . -25.12 -32.45 -19.38
FE FE TA . -11.97 -37.42 -4.28
C1 GOL UA . -21.44 -38.35 -32.51
O1 GOL UA . -22.36 -37.79 -31.57
C2 GOL UA . -20.02 -37.82 -32.26
O2 GOL UA . -19.97 -36.38 -32.04
C3 GOL UA . -19.27 -38.27 -33.56
O3 GOL UA . -18.28 -39.18 -33.19
O1 OXY VA . -51.41 -23.74 -24.47
O2 OXY VA . -51.40 -23.29 -25.60
CL CL WA . -22.60 -14.69 31.90
CL CL XA . -21.72 -20.69 31.52
CL CL YA . -36.75 -30.63 17.34
MG MG ZA . -18.86 -27.47 9.81
MG MG AB . -14.09 -23.03 10.36
C1 GOL BB . -30.00 -19.37 11.58
O1 GOL BB . -30.54 -20.25 10.60
C2 GOL BB . -28.45 -19.60 11.75
O2 GOL BB . -27.60 -18.59 11.02
C3 GOL BB . -28.29 -19.56 13.28
O3 GOL BB . -26.93 -19.85 13.66
O1 OXY CB . -1.19 -10.76 32.00
O2 OXY CB . -1.44 -9.65 32.42
O1 OXY DB . -40.44 -37.33 -2.48
O2 OXY DB . -40.86 -36.30 -1.99
CL CL EB . -3.80 16.74 39.99
CL CL FB . -8.27 -7.71 35.17
CL CL GB . 2.08 9.03 37.75
CL CL HB . -42.29 28.70 21.80
CL CL IB . -41.93 28.79 27.63
MG MG JB . -20.08 15.30 23.91
MG MG KB . -15.72 10.93 21.64
O1 OXY LB . -17.48 14.78 34.98
O2 OXY LB . -16.70 13.89 35.34
CL CL MB . 38.96 -16.83 15.27
CL CL NB . 44.14 -14.73 17.03
CL CL OB . 48.20 25.41 6.04
CL CL PB . 42.80 8.21 20.27
MG MG QB . 38.65 5.13 1.25
MG MG RB . 37.15 -11.88 -6.09
MG MG SB . 36.69 8.58 -3.95
O1 OXY TB . 44.61 33.63 -15.18
O2 OXY TB . 45.38 32.78 -15.59
O1 OXY UB . 48.09 11.04 3.72
O2 OXY UB . 48.60 11.77 2.89
CL CL VB . 23.75 59.20 -36.72
CL CL WB . 23.86 58.31 -40.55
CL CL XB . -0.15 64.94 0.05
MG MG YB . 4.43 54.58 -19.89
MG MG ZB . 3.32 51.12 -38.06
MG MG AC . 10.47 62.81 -43.64
MG MG BC . -0.78 51.16 -17.89
O1 OXY CC . 29.85 55.57 -27.08
O2 OXY CC . 29.65 55.80 -28.28
CL CL DC . -3.13 -46.71 16.29
CL CL EC . -6.01 -41.59 16.42
CL CL FC . 14.63 -30.75 -37.25
CL CL GC . 26.87 -46.03 -12.78
CL CL HC . 21.90 -46.62 -22.99
CL CL IC . 18.53 -43.61 8.42
MG MG JC . 22.71 -43.07 10.52
MG MG KC . 6.49 -37.99 -6.13
MG MG LC . 7.01 -35.18 -12.10
C1 GOL MC . 16.76 -33.69 -2.40
O1 GOL MC . 17.63 -33.67 -3.53
C2 GOL MC . 17.01 -32.43 -1.48
O2 GOL MC . 16.19 -31.25 -1.88
C3 GOL MC . 16.69 -32.95 -0.06
O3 GOL MC . 16.83 -31.90 0.91
O1 OXY NC . -13.62 -48.33 4.50
O2 OXY NC . -12.48 -48.12 4.08
O1 OXY OC . 13.18 -46.98 -7.98
O2 OXY OC . 13.51 -47.38 -9.09
CL CL PC . 15.81 -35.83 18.99
CL CL QC . 43.66 -30.89 -15.01
CL CL RC . 45.38 -34.30 -10.59
MG MG SC . 25.37 -23.69 2.03
MG MG TC . 21.00 -19.34 4.36
CL CL UC . -28.80 0.65 34.73
CL CL VC . -33.20 -2.66 36.70
CL CL WC . -45.50 -29.70 7.26
MG MG XC . -36.00 -9.33 11.79
MG MG YC . -36.44 -9.01 5.26
CL CL ZC . -7.33 -53.06 -36.71
CL CL AD . -41.89 -30.34 -52.36
MG MG BD . -17.46 -33.85 -44.08
MG MG CD . -11.50 -31.60 -42.51
O1 OXY DD . -14.40 -44.70 -46.23
O2 OXY DD . -13.24 -45.05 -46.38
#